data_1WS6
# 
_entry.id   1WS6 
# 
_audit_conform.dict_name       mmcif_pdbx.dic 
_audit_conform.dict_version    5.397 
_audit_conform.dict_location   http://mmcif.pdb.org/dictionaries/ascii/mmcif_pdbx.dic 
# 
loop_
_database_2.database_id 
_database_2.database_code 
_database_2.pdbx_database_accession 
_database_2.pdbx_DOI 
PDB   1WS6         pdb_00001ws6 10.2210/pdb1ws6/pdb 
RCSB  RCSB023936   ?            ?                   
WWPDB D_1000023936 ?            ?                   
# 
loop_
_pdbx_audit_revision_history.ordinal 
_pdbx_audit_revision_history.data_content_type 
_pdbx_audit_revision_history.major_revision 
_pdbx_audit_revision_history.minor_revision 
_pdbx_audit_revision_history.revision_date 
1 'Structure model' 1 0 2006-02-07 
2 'Structure model' 1 1 2008-04-30 
3 'Structure model' 1 2 2011-07-13 
4 'Structure model' 1 3 2024-10-30 
# 
_pdbx_audit_revision_details.ordinal             1 
_pdbx_audit_revision_details.revision_ordinal    1 
_pdbx_audit_revision_details.data_content_type   'Structure model' 
_pdbx_audit_revision_details.provider            repository 
_pdbx_audit_revision_details.type                'Initial release' 
_pdbx_audit_revision_details.description         ? 
_pdbx_audit_revision_details.details             ? 
# 
loop_
_pdbx_audit_revision_group.ordinal 
_pdbx_audit_revision_group.revision_ordinal 
_pdbx_audit_revision_group.data_content_type 
_pdbx_audit_revision_group.group 
1 2 'Structure model' 'Version format compliance' 
2 3 'Structure model' 'Source and taxonomy'       
3 3 'Structure model' 'Version format compliance' 
4 4 'Structure model' 'Data collection'           
5 4 'Structure model' 'Database references'       
6 4 'Structure model' 'Derived calculations'      
7 4 'Structure model' 'Structure summary'         
# 
loop_
_pdbx_audit_revision_category.ordinal 
_pdbx_audit_revision_category.revision_ordinal 
_pdbx_audit_revision_category.data_content_type 
_pdbx_audit_revision_category.category 
1 4 'Structure model' chem_comp_atom            
2 4 'Structure model' chem_comp_bond            
3 4 'Structure model' database_2                
4 4 'Structure model' pdbx_entry_details        
5 4 'Structure model' pdbx_modification_feature 
6 4 'Structure model' struct_conn               
7 4 'Structure model' struct_ref_seq_dif        
# 
loop_
_pdbx_audit_revision_item.ordinal 
_pdbx_audit_revision_item.revision_ordinal 
_pdbx_audit_revision_item.data_content_type 
_pdbx_audit_revision_item.item 
1 4 'Structure model' '_database_2.pdbx_DOI'                
2 4 'Structure model' '_database_2.pdbx_database_accession' 
3 4 'Structure model' '_struct_conn.pdbx_leaving_atom_flag' 
4 4 'Structure model' '_struct_ref_seq_dif.details'         
# 
_pdbx_database_status.status_code                     REL 
_pdbx_database_status.entry_id                        1WS6 
_pdbx_database_status.recvd_initial_deposition_date   2004-11-01 
_pdbx_database_status.deposit_site                    PDBJ 
_pdbx_database_status.process_site                    PDBJ 
_pdbx_database_status.status_code_sf                  REL 
_pdbx_database_status.status_code_mr                  ? 
_pdbx_database_status.SG_entry                        Y 
_pdbx_database_status.pdb_format_compatible           Y 
_pdbx_database_status.status_code_cs                  ? 
_pdbx_database_status.status_code_nmr_data            ? 
_pdbx_database_status.methods_development_category    ? 
# 
_pdbx_database_related.db_name        TargetDB 
_pdbx_database_related.db_id          ttk003001253.1 
_pdbx_database_related.details        . 
_pdbx_database_related.content_type   unspecified 
# 
loop_
_audit_author.name 
_audit_author.pdbx_ordinal 
'Sasaki, C.'                                             1 
'Sugiura, I.'                                            2 
'Sugio, S.'                                              3 
'Tamura, T.'                                             4 
'Inagaki, K.'                                            5 
'RIKEN Structural Genomics/Proteomics Initiative (RSGI)' 6 
# 
_citation.id                        primary 
_citation.title                     'The structure of thermus thermphillus HB8 hypothetical protein TTHA0928' 
_citation.journal_abbrev            'TO BE PUBLISHED' 
_citation.journal_volume            ? 
_citation.page_first                ? 
_citation.page_last                 ? 
_citation.year                      ? 
_citation.journal_id_ASTM           ? 
_citation.country                   ? 
_citation.journal_id_ISSN           ? 
_citation.journal_id_CSD            0353 
_citation.book_publisher            ? 
_citation.pdbx_database_id_PubMed   ? 
_citation.pdbx_database_id_DOI      ? 
# 
loop_
_citation_author.citation_id 
_citation_author.name 
_citation_author.ordinal 
_citation_author.identifier_ORCID 
primary 'Sasaki, C.'  1 ? 
primary 'Sugiura, I.' 2 ? 
primary 'Sugio, S.'   3 ? 
primary 'Tamura, T.'  4 ? 
primary 'Inagaki, K.' 5 ? 
# 
loop_
_entity.id 
_entity.type 
_entity.src_method 
_entity.pdbx_description 
_entity.formula_weight 
_entity.pdbx_number_of_molecules 
_entity.pdbx_ec 
_entity.pdbx_mutation 
_entity.pdbx_fragment 
_entity.details 
1 polymer man methyltransferase 18698.502 1  2.1.1.- ? 'residues 15-185' ? 
2 water   nat water             18.015    92 ?       ? ?                 ? 
# 
_entity_name_com.entity_id   1 
_entity_name_com.name        'hypothetical protein TTHA0928' 
# 
_entity_poly.entity_id                      1 
_entity_poly.type                           'polypeptide(L)' 
_entity_poly.nstd_linkage                   no 
_entity_poly.nstd_monomer                   yes 
_entity_poly.pdbx_seq_one_letter_code       
;VVRILGGKARGVALKVPASARPSPVRLRKALFDYLRLRYPRRGRFLDPFAGSGAVGLEAASEGWEAVLVEKDPEAVRLLK
ENVRRTGLGARVVALPVEVFLPEAKAQGERFTVAF(MSE)APPYA(MSE)DLAALFGELLASGLVEAGGLYVLQHPKDLY
LPLGERRVYGENALTLVEV
;
_entity_poly.pdbx_seq_one_letter_code_can   
;VVRILGGKARGVALKVPASARPSPVRLRKALFDYLRLRYPRRGRFLDPFAGSGAVGLEAASEGWEAVLVEKDPEAVRLLK
ENVRRTGLGARVVALPVEVFLPEAKAQGERFTVAFMAPPYAMDLAALFGELLASGLVEAGGLYVLQHPKDLYLPLGERRV
YGENALTLVEV
;
_entity_poly.pdbx_strand_id                 A 
_entity_poly.pdbx_target_identifier         ttk003001253.1 
# 
_pdbx_entity_nonpoly.entity_id   2 
_pdbx_entity_nonpoly.name        water 
_pdbx_entity_nonpoly.comp_id     HOH 
# 
loop_
_entity_poly_seq.entity_id 
_entity_poly_seq.num 
_entity_poly_seq.mon_id 
_entity_poly_seq.hetero 
1 1   VAL n 
1 2   VAL n 
1 3   ARG n 
1 4   ILE n 
1 5   LEU n 
1 6   GLY n 
1 7   GLY n 
1 8   LYS n 
1 9   ALA n 
1 10  ARG n 
1 11  GLY n 
1 12  VAL n 
1 13  ALA n 
1 14  LEU n 
1 15  LYS n 
1 16  VAL n 
1 17  PRO n 
1 18  ALA n 
1 19  SER n 
1 20  ALA n 
1 21  ARG n 
1 22  PRO n 
1 23  SER n 
1 24  PRO n 
1 25  VAL n 
1 26  ARG n 
1 27  LEU n 
1 28  ARG n 
1 29  LYS n 
1 30  ALA n 
1 31  LEU n 
1 32  PHE n 
1 33  ASP n 
1 34  TYR n 
1 35  LEU n 
1 36  ARG n 
1 37  LEU n 
1 38  ARG n 
1 39  TYR n 
1 40  PRO n 
1 41  ARG n 
1 42  ARG n 
1 43  GLY n 
1 44  ARG n 
1 45  PHE n 
1 46  LEU n 
1 47  ASP n 
1 48  PRO n 
1 49  PHE n 
1 50  ALA n 
1 51  GLY n 
1 52  SER n 
1 53  GLY n 
1 54  ALA n 
1 55  VAL n 
1 56  GLY n 
1 57  LEU n 
1 58  GLU n 
1 59  ALA n 
1 60  ALA n 
1 61  SER n 
1 62  GLU n 
1 63  GLY n 
1 64  TRP n 
1 65  GLU n 
1 66  ALA n 
1 67  VAL n 
1 68  LEU n 
1 69  VAL n 
1 70  GLU n 
1 71  LYS n 
1 72  ASP n 
1 73  PRO n 
1 74  GLU n 
1 75  ALA n 
1 76  VAL n 
1 77  ARG n 
1 78  LEU n 
1 79  LEU n 
1 80  LYS n 
1 81  GLU n 
1 82  ASN n 
1 83  VAL n 
1 84  ARG n 
1 85  ARG n 
1 86  THR n 
1 87  GLY n 
1 88  LEU n 
1 89  GLY n 
1 90  ALA n 
1 91  ARG n 
1 92  VAL n 
1 93  VAL n 
1 94  ALA n 
1 95  LEU n 
1 96  PRO n 
1 97  VAL n 
1 98  GLU n 
1 99  VAL n 
1 100 PHE n 
1 101 LEU n 
1 102 PRO n 
1 103 GLU n 
1 104 ALA n 
1 105 LYS n 
1 106 ALA n 
1 107 GLN n 
1 108 GLY n 
1 109 GLU n 
1 110 ARG n 
1 111 PHE n 
1 112 THR n 
1 113 VAL n 
1 114 ALA n 
1 115 PHE n 
1 116 MSE n 
1 117 ALA n 
1 118 PRO n 
1 119 PRO n 
1 120 TYR n 
1 121 ALA n 
1 122 MSE n 
1 123 ASP n 
1 124 LEU n 
1 125 ALA n 
1 126 ALA n 
1 127 LEU n 
1 128 PHE n 
1 129 GLY n 
1 130 GLU n 
1 131 LEU n 
1 132 LEU n 
1 133 ALA n 
1 134 SER n 
1 135 GLY n 
1 136 LEU n 
1 137 VAL n 
1 138 GLU n 
1 139 ALA n 
1 140 GLY n 
1 141 GLY n 
1 142 LEU n 
1 143 TYR n 
1 144 VAL n 
1 145 LEU n 
1 146 GLN n 
1 147 HIS n 
1 148 PRO n 
1 149 LYS n 
1 150 ASP n 
1 151 LEU n 
1 152 TYR n 
1 153 LEU n 
1 154 PRO n 
1 155 LEU n 
1 156 GLY n 
1 157 GLU n 
1 158 ARG n 
1 159 ARG n 
1 160 VAL n 
1 161 TYR n 
1 162 GLY n 
1 163 GLU n 
1 164 ASN n 
1 165 ALA n 
1 166 LEU n 
1 167 THR n 
1 168 LEU n 
1 169 VAL n 
1 170 GLU n 
1 171 VAL n 
# 
_entity_src_gen.entity_id                          1 
_entity_src_gen.pdbx_src_id                        1 
_entity_src_gen.pdbx_alt_source_flag               sample 
_entity_src_gen.pdbx_seq_type                      ? 
_entity_src_gen.pdbx_beg_seq_num                   ? 
_entity_src_gen.pdbx_end_seq_num                   ? 
_entity_src_gen.gene_src_common_name               ? 
_entity_src_gen.gene_src_genus                     Thermus 
_entity_src_gen.pdbx_gene_src_gene                 ? 
_entity_src_gen.gene_src_species                   'Thermus thermophilus' 
_entity_src_gen.gene_src_strain                    HB8 
_entity_src_gen.gene_src_tissue                    ? 
_entity_src_gen.gene_src_tissue_fraction           ? 
_entity_src_gen.gene_src_details                   ? 
_entity_src_gen.pdbx_gene_src_fragment             ? 
_entity_src_gen.pdbx_gene_src_scientific_name      'Thermus thermophilus' 
_entity_src_gen.pdbx_gene_src_ncbi_taxonomy_id     300852 
_entity_src_gen.pdbx_gene_src_variant              ? 
_entity_src_gen.pdbx_gene_src_cell_line            ? 
_entity_src_gen.pdbx_gene_src_atcc                 ? 
_entity_src_gen.pdbx_gene_src_organ                ? 
_entity_src_gen.pdbx_gene_src_organelle            ? 
_entity_src_gen.pdbx_gene_src_cell                 ? 
_entity_src_gen.pdbx_gene_src_cellular_location    ? 
_entity_src_gen.host_org_common_name               ? 
_entity_src_gen.pdbx_host_org_scientific_name      'Escherichia coli' 
_entity_src_gen.pdbx_host_org_ncbi_taxonomy_id     562 
_entity_src_gen.host_org_genus                     Escherichia 
_entity_src_gen.pdbx_host_org_gene                 ? 
_entity_src_gen.pdbx_host_org_organ                ? 
_entity_src_gen.host_org_species                   ? 
_entity_src_gen.pdbx_host_org_tissue               ? 
_entity_src_gen.pdbx_host_org_tissue_fraction      ? 
_entity_src_gen.pdbx_host_org_strain               'HMS174(DE3)' 
_entity_src_gen.pdbx_host_org_variant              ? 
_entity_src_gen.pdbx_host_org_cell_line            ? 
_entity_src_gen.pdbx_host_org_atcc                 ? 
_entity_src_gen.pdbx_host_org_culture_collection   ? 
_entity_src_gen.pdbx_host_org_cell                 ? 
_entity_src_gen.pdbx_host_org_organelle            ? 
_entity_src_gen.pdbx_host_org_cellular_location    ? 
_entity_src_gen.pdbx_host_org_vector_type          plasmid 
_entity_src_gen.pdbx_host_org_vector               ? 
_entity_src_gen.host_org_details                   ? 
_entity_src_gen.expression_system_id               ? 
_entity_src_gen.plasmid_name                       pET-11a 
_entity_src_gen.plasmid_details                    ? 
_entity_src_gen.pdbx_description                   ? 
# 
loop_
_chem_comp.id 
_chem_comp.type 
_chem_comp.mon_nstd_flag 
_chem_comp.name 
_chem_comp.pdbx_synonyms 
_chem_comp.formula 
_chem_comp.formula_weight 
ALA 'L-peptide linking' y ALANINE          ? 'C3 H7 N O2'     89.093  
ARG 'L-peptide linking' y ARGININE         ? 'C6 H15 N4 O2 1' 175.209 
ASN 'L-peptide linking' y ASPARAGINE       ? 'C4 H8 N2 O3'    132.118 
ASP 'L-peptide linking' y 'ASPARTIC ACID'  ? 'C4 H7 N O4'     133.103 
GLN 'L-peptide linking' y GLUTAMINE        ? 'C5 H10 N2 O3'   146.144 
GLU 'L-peptide linking' y 'GLUTAMIC ACID'  ? 'C5 H9 N O4'     147.129 
GLY 'peptide linking'   y GLYCINE          ? 'C2 H5 N O2'     75.067  
HIS 'L-peptide linking' y HISTIDINE        ? 'C6 H10 N3 O2 1' 156.162 
HOH non-polymer         . WATER            ? 'H2 O'           18.015  
ILE 'L-peptide linking' y ISOLEUCINE       ? 'C6 H13 N O2'    131.173 
LEU 'L-peptide linking' y LEUCINE          ? 'C6 H13 N O2'    131.173 
LYS 'L-peptide linking' y LYSINE           ? 'C6 H15 N2 O2 1' 147.195 
MET 'L-peptide linking' y METHIONINE       ? 'C5 H11 N O2 S'  149.211 
MSE 'L-peptide linking' n SELENOMETHIONINE ? 'C5 H11 N O2 Se' 196.106 
PHE 'L-peptide linking' y PHENYLALANINE    ? 'C9 H11 N O2'    165.189 
PRO 'L-peptide linking' y PROLINE          ? 'C5 H9 N O2'     115.130 
SER 'L-peptide linking' y SERINE           ? 'C3 H7 N O3'     105.093 
THR 'L-peptide linking' y THREONINE        ? 'C4 H9 N O3'     119.119 
TRP 'L-peptide linking' y TRYPTOPHAN       ? 'C11 H12 N2 O2'  204.225 
TYR 'L-peptide linking' y TYROSINE         ? 'C9 H11 N O3'    181.189 
VAL 'L-peptide linking' y VALINE           ? 'C5 H11 N O2'    117.146 
# 
loop_
_pdbx_poly_seq_scheme.asym_id 
_pdbx_poly_seq_scheme.entity_id 
_pdbx_poly_seq_scheme.seq_id 
_pdbx_poly_seq_scheme.mon_id 
_pdbx_poly_seq_scheme.ndb_seq_num 
_pdbx_poly_seq_scheme.pdb_seq_num 
_pdbx_poly_seq_scheme.auth_seq_num 
_pdbx_poly_seq_scheme.pdb_mon_id 
_pdbx_poly_seq_scheme.auth_mon_id 
_pdbx_poly_seq_scheme.pdb_strand_id 
_pdbx_poly_seq_scheme.pdb_ins_code 
_pdbx_poly_seq_scheme.hetero 
A 1 1   VAL 1   15  15  VAL VAL A . n 
A 1 2   VAL 2   16  16  VAL VAL A . n 
A 1 3   ARG 3   17  17  ARG ARG A . n 
A 1 4   ILE 4   18  18  ILE ILE A . n 
A 1 5   LEU 5   19  19  LEU LEU A . n 
A 1 6   GLY 6   20  20  GLY GLY A . n 
A 1 7   GLY 7   21  21  GLY GLY A . n 
A 1 8   LYS 8   22  22  LYS LYS A . n 
A 1 9   ALA 9   23  23  ALA ALA A . n 
A 1 10  ARG 10  24  24  ARG ARG A . n 
A 1 11  GLY 11  25  25  GLY GLY A . n 
A 1 12  VAL 12  26  26  VAL VAL A . n 
A 1 13  ALA 13  27  27  ALA ALA A . n 
A 1 14  LEU 14  28  28  LEU LEU A . n 
A 1 15  LYS 15  29  29  LYS LYS A . n 
A 1 16  VAL 16  30  30  VAL VAL A . n 
A 1 17  PRO 17  31  31  PRO PRO A . n 
A 1 18  ALA 18  32  32  ALA ALA A . n 
A 1 19  SER 19  33  33  SER SER A . n 
A 1 20  ALA 20  34  34  ALA ALA A . n 
A 1 21  ARG 21  35  35  ARG ARG A . n 
A 1 22  PRO 22  36  36  PRO PRO A . n 
A 1 23  SER 23  37  37  SER SER A . n 
A 1 24  PRO 24  38  38  PRO PRO A . n 
A 1 25  VAL 25  39  39  VAL VAL A . n 
A 1 26  ARG 26  40  40  ARG ARG A . n 
A 1 27  LEU 27  41  41  LEU LEU A . n 
A 1 28  ARG 28  42  42  ARG ARG A . n 
A 1 29  LYS 29  43  43  LYS LYS A . n 
A 1 30  ALA 30  44  44  ALA ALA A . n 
A 1 31  LEU 31  45  45  LEU LEU A . n 
A 1 32  PHE 32  46  46  PHE PHE A . n 
A 1 33  ASP 33  47  47  ASP ASP A . n 
A 1 34  TYR 34  48  48  TYR TYR A . n 
A 1 35  LEU 35  49  49  LEU LEU A . n 
A 1 36  ARG 36  50  50  ARG ARG A . n 
A 1 37  LEU 37  51  51  LEU LEU A . n 
A 1 38  ARG 38  52  52  ARG ARG A . n 
A 1 39  TYR 39  53  53  TYR TYR A . n 
A 1 40  PRO 40  54  54  PRO PRO A . n 
A 1 41  ARG 41  55  55  ARG ARG A . n 
A 1 42  ARG 42  56  56  ARG ARG A . n 
A 1 43  GLY 43  57  57  GLY GLY A . n 
A 1 44  ARG 44  58  58  ARG ARG A . n 
A 1 45  PHE 45  59  59  PHE PHE A . n 
A 1 46  LEU 46  60  60  LEU LEU A . n 
A 1 47  ASP 47  61  61  ASP ASP A . n 
A 1 48  PRO 48  62  62  PRO PRO A . n 
A 1 49  PHE 49  63  63  PHE PHE A . n 
A 1 50  ALA 50  64  64  ALA ALA A . n 
A 1 51  GLY 51  65  65  GLY GLY A . n 
A 1 52  SER 52  66  66  SER SER A . n 
A 1 53  GLY 53  67  67  GLY GLY A . n 
A 1 54  ALA 54  68  68  ALA ALA A . n 
A 1 55  VAL 55  69  69  VAL VAL A . n 
A 1 56  GLY 56  70  70  GLY GLY A . n 
A 1 57  LEU 57  71  71  LEU LEU A . n 
A 1 58  GLU 58  72  72  GLU GLU A . n 
A 1 59  ALA 59  73  73  ALA ALA A . n 
A 1 60  ALA 60  74  74  ALA ALA A . n 
A 1 61  SER 61  75  75  SER SER A . n 
A 1 62  GLU 62  76  76  GLU GLU A . n 
A 1 63  GLY 63  77  77  GLY GLY A . n 
A 1 64  TRP 64  78  78  TRP TRP A . n 
A 1 65  GLU 65  79  79  GLU GLU A . n 
A 1 66  ALA 66  80  80  ALA ALA A . n 
A 1 67  VAL 67  81  81  VAL VAL A . n 
A 1 68  LEU 68  82  82  LEU LEU A . n 
A 1 69  VAL 69  83  83  VAL VAL A . n 
A 1 70  GLU 70  84  84  GLU GLU A . n 
A 1 71  LYS 71  85  85  LYS LYS A . n 
A 1 72  ASP 72  86  86  ASP ASP A . n 
A 1 73  PRO 73  87  87  PRO PRO A . n 
A 1 74  GLU 74  88  88  GLU GLU A . n 
A 1 75  ALA 75  89  89  ALA ALA A . n 
A 1 76  VAL 76  90  90  VAL VAL A . n 
A 1 77  ARG 77  91  91  ARG ARG A . n 
A 1 78  LEU 78  92  92  LEU LEU A . n 
A 1 79  LEU 79  93  93  LEU LEU A . n 
A 1 80  LYS 80  94  94  LYS LYS A . n 
A 1 81  GLU 81  95  95  GLU GLU A . n 
A 1 82  ASN 82  96  96  ASN ASN A . n 
A 1 83  VAL 83  97  97  VAL VAL A . n 
A 1 84  ARG 84  98  98  ARG ARG A . n 
A 1 85  ARG 85  99  99  ARG ARG A . n 
A 1 86  THR 86  100 100 THR THR A . n 
A 1 87  GLY 87  101 101 GLY GLY A . n 
A 1 88  LEU 88  102 102 LEU LEU A . n 
A 1 89  GLY 89  103 103 GLY GLY A . n 
A 1 90  ALA 90  104 104 ALA ALA A . n 
A 1 91  ARG 91  105 105 ARG ARG A . n 
A 1 92  VAL 92  106 106 VAL VAL A . n 
A 1 93  VAL 93  107 107 VAL VAL A . n 
A 1 94  ALA 94  108 108 ALA ALA A . n 
A 1 95  LEU 95  109 109 LEU LEU A . n 
A 1 96  PRO 96  110 110 PRO PRO A . n 
A 1 97  VAL 97  111 111 VAL VAL A . n 
A 1 98  GLU 98  112 112 GLU GLU A . n 
A 1 99  VAL 99  113 113 VAL VAL A . n 
A 1 100 PHE 100 114 114 PHE PHE A . n 
A 1 101 LEU 101 115 115 LEU LEU A . n 
A 1 102 PRO 102 116 116 PRO PRO A . n 
A 1 103 GLU 103 117 117 GLU GLU A . n 
A 1 104 ALA 104 118 118 ALA ALA A . n 
A 1 105 LYS 105 119 119 LYS LYS A . n 
A 1 106 ALA 106 120 120 ALA ALA A . n 
A 1 107 GLN 107 121 121 GLN GLN A . n 
A 1 108 GLY 108 122 122 GLY GLY A . n 
A 1 109 GLU 109 123 123 GLU GLU A . n 
A 1 110 ARG 110 124 124 ARG ARG A . n 
A 1 111 PHE 111 125 125 PHE PHE A . n 
A 1 112 THR 112 126 126 THR THR A . n 
A 1 113 VAL 113 127 127 VAL VAL A . n 
A 1 114 ALA 114 128 128 ALA ALA A . n 
A 1 115 PHE 115 129 129 PHE PHE A . n 
A 1 116 MSE 116 130 130 MSE MSE A . n 
A 1 117 ALA 117 131 131 ALA ALA A . n 
A 1 118 PRO 118 132 132 PRO PRO A . n 
A 1 119 PRO 119 133 133 PRO PRO A . n 
A 1 120 TYR 120 134 134 TYR TYR A . n 
A 1 121 ALA 121 135 135 ALA ALA A . n 
A 1 122 MSE 122 136 136 MSE MSE A . n 
A 1 123 ASP 123 137 137 ASP ASP A . n 
A 1 124 LEU 124 138 138 LEU LEU A . n 
A 1 125 ALA 125 139 139 ALA ALA A . n 
A 1 126 ALA 126 140 140 ALA ALA A . n 
A 1 127 LEU 127 141 141 LEU LEU A . n 
A 1 128 PHE 128 142 142 PHE PHE A . n 
A 1 129 GLY 129 143 143 GLY GLY A . n 
A 1 130 GLU 130 144 144 GLU GLU A . n 
A 1 131 LEU 131 145 145 LEU LEU A . n 
A 1 132 LEU 132 146 146 LEU LEU A . n 
A 1 133 ALA 133 147 147 ALA ALA A . n 
A 1 134 SER 134 148 148 SER SER A . n 
A 1 135 GLY 135 149 149 GLY GLY A . n 
A 1 136 LEU 136 150 150 LEU LEU A . n 
A 1 137 VAL 137 151 151 VAL VAL A . n 
A 1 138 GLU 138 152 152 GLU GLU A . n 
A 1 139 ALA 139 153 153 ALA ALA A . n 
A 1 140 GLY 140 154 154 GLY GLY A . n 
A 1 141 GLY 141 155 155 GLY GLY A . n 
A 1 142 LEU 142 156 156 LEU LEU A . n 
A 1 143 TYR 143 157 157 TYR TYR A . n 
A 1 144 VAL 144 158 158 VAL VAL A . n 
A 1 145 LEU 145 159 159 LEU LEU A . n 
A 1 146 GLN 146 160 160 GLN GLN A . n 
A 1 147 HIS 147 161 161 HIS HIS A . n 
A 1 148 PRO 148 162 162 PRO PRO A . n 
A 1 149 LYS 149 163 163 LYS LYS A . n 
A 1 150 ASP 150 164 164 ASP ASP A . n 
A 1 151 LEU 151 165 165 LEU LEU A . n 
A 1 152 TYR 152 166 166 TYR TYR A . n 
A 1 153 LEU 153 167 167 LEU LEU A . n 
A 1 154 PRO 154 168 168 PRO PRO A . n 
A 1 155 LEU 155 169 169 LEU LEU A . n 
A 1 156 GLY 156 170 170 GLY GLY A . n 
A 1 157 GLU 157 171 171 GLU GLU A . n 
A 1 158 ARG 158 172 172 ARG ARG A . n 
A 1 159 ARG 159 173 173 ARG ARG A . n 
A 1 160 VAL 160 174 174 VAL VAL A . n 
A 1 161 TYR 161 175 175 TYR TYR A . n 
A 1 162 GLY 162 176 176 GLY GLY A . n 
A 1 163 GLU 163 177 177 GLU GLU A . n 
A 1 164 ASN 164 178 178 ASN ASN A . n 
A 1 165 ALA 165 179 179 ALA ALA A . n 
A 1 166 LEU 166 180 180 LEU LEU A . n 
A 1 167 THR 167 181 181 THR THR A . n 
A 1 168 LEU 168 182 182 LEU LEU A . n 
A 1 169 VAL 169 183 183 VAL VAL A . n 
A 1 170 GLU 170 184 184 GLU GLU A . n 
A 1 171 VAL 171 185 185 VAL VAL A . n 
# 
loop_
_pdbx_nonpoly_scheme.asym_id 
_pdbx_nonpoly_scheme.entity_id 
_pdbx_nonpoly_scheme.mon_id 
_pdbx_nonpoly_scheme.ndb_seq_num 
_pdbx_nonpoly_scheme.pdb_seq_num 
_pdbx_nonpoly_scheme.auth_seq_num 
_pdbx_nonpoly_scheme.pdb_mon_id 
_pdbx_nonpoly_scheme.auth_mon_id 
_pdbx_nonpoly_scheme.pdb_strand_id 
_pdbx_nonpoly_scheme.pdb_ins_code 
B 2 HOH 1  186 1  HOH TIP A . 
B 2 HOH 2  187 2  HOH TIP A . 
B 2 HOH 3  188 3  HOH TIP A . 
B 2 HOH 4  189 4  HOH TIP A . 
B 2 HOH 5  190 5  HOH TIP A . 
B 2 HOH 6  191 6  HOH TIP A . 
B 2 HOH 7  192 7  HOH TIP A . 
B 2 HOH 8  193 8  HOH TIP A . 
B 2 HOH 9  194 9  HOH TIP A . 
B 2 HOH 10 195 10 HOH TIP A . 
B 2 HOH 11 196 11 HOH TIP A . 
B 2 HOH 12 197 12 HOH TIP A . 
B 2 HOH 13 198 13 HOH TIP A . 
B 2 HOH 14 199 14 HOH TIP A . 
B 2 HOH 15 200 15 HOH TIP A . 
B 2 HOH 16 201 16 HOH TIP A . 
B 2 HOH 17 202 17 HOH TIP A . 
B 2 HOH 18 203 18 HOH TIP A . 
B 2 HOH 19 204 19 HOH TIP A . 
B 2 HOH 20 205 20 HOH TIP A . 
B 2 HOH 21 206 21 HOH TIP A . 
B 2 HOH 22 207 22 HOH TIP A . 
B 2 HOH 23 208 23 HOH TIP A . 
B 2 HOH 24 209 24 HOH TIP A . 
B 2 HOH 25 210 25 HOH TIP A . 
B 2 HOH 26 211 26 HOH TIP A . 
B 2 HOH 27 212 27 HOH TIP A . 
B 2 HOH 28 213 28 HOH TIP A . 
B 2 HOH 29 214 29 HOH TIP A . 
B 2 HOH 30 215 30 HOH TIP A . 
B 2 HOH 31 216 31 HOH TIP A . 
B 2 HOH 32 217 32 HOH TIP A . 
B 2 HOH 33 218 33 HOH TIP A . 
B 2 HOH 34 219 34 HOH TIP A . 
B 2 HOH 35 220 35 HOH TIP A . 
B 2 HOH 36 221 36 HOH TIP A . 
B 2 HOH 37 222 37 HOH TIP A . 
B 2 HOH 38 223 38 HOH TIP A . 
B 2 HOH 39 224 39 HOH TIP A . 
B 2 HOH 40 225 40 HOH TIP A . 
B 2 HOH 41 226 41 HOH TIP A . 
B 2 HOH 42 227 42 HOH TIP A . 
B 2 HOH 43 228 43 HOH TIP A . 
B 2 HOH 44 229 44 HOH TIP A . 
B 2 HOH 45 230 45 HOH TIP A . 
B 2 HOH 46 231 46 HOH TIP A . 
B 2 HOH 47 232 47 HOH TIP A . 
B 2 HOH 48 233 48 HOH TIP A . 
B 2 HOH 49 234 49 HOH TIP A . 
B 2 HOH 50 235 50 HOH TIP A . 
B 2 HOH 51 236 51 HOH TIP A . 
B 2 HOH 52 237 52 HOH TIP A . 
B 2 HOH 53 238 53 HOH TIP A . 
B 2 HOH 54 239 54 HOH TIP A . 
B 2 HOH 55 240 55 HOH TIP A . 
B 2 HOH 56 241 56 HOH TIP A . 
B 2 HOH 57 242 57 HOH TIP A . 
B 2 HOH 58 243 58 HOH TIP A . 
B 2 HOH 59 244 59 HOH TIP A . 
B 2 HOH 60 245 60 HOH TIP A . 
B 2 HOH 61 246 61 HOH TIP A . 
B 2 HOH 62 247 62 HOH TIP A . 
B 2 HOH 63 248 63 HOH TIP A . 
B 2 HOH 64 249 64 HOH TIP A . 
B 2 HOH 65 250 65 HOH TIP A . 
B 2 HOH 66 251 66 HOH TIP A . 
B 2 HOH 67 252 67 HOH TIP A . 
B 2 HOH 68 253 68 HOH TIP A . 
B 2 HOH 69 254 69 HOH TIP A . 
B 2 HOH 70 255 70 HOH TIP A . 
B 2 HOH 71 256 71 HOH TIP A . 
B 2 HOH 72 257 72 HOH TIP A . 
B 2 HOH 73 258 73 HOH TIP A . 
B 2 HOH 74 259 74 HOH TIP A . 
B 2 HOH 75 260 75 HOH TIP A . 
B 2 HOH 76 261 76 HOH TIP A . 
B 2 HOH 77 262 77 HOH TIP A . 
B 2 HOH 78 263 78 HOH TIP A . 
B 2 HOH 79 264 79 HOH TIP A . 
B 2 HOH 80 265 80 HOH TIP A . 
B 2 HOH 81 266 81 HOH TIP A . 
B 2 HOH 82 267 82 HOH TIP A . 
B 2 HOH 83 268 83 HOH TIP A . 
B 2 HOH 84 269 84 HOH TIP A . 
B 2 HOH 85 270 85 HOH TIP A . 
B 2 HOH 86 271 86 HOH TIP A . 
B 2 HOH 87 272 87 HOH TIP A . 
B 2 HOH 88 273 88 HOH TIP A . 
B 2 HOH 89 274 89 HOH TIP A . 
B 2 HOH 90 275 90 HOH TIP A . 
B 2 HOH 91 276 91 HOH TIP A . 
B 2 HOH 92 277 92 HOH TIP A . 
# 
loop_
_software.name 
_software.classification 
_software.version 
_software.citation_id 
_software.pdbx_ordinal 
HKL-2000  'data collection' . ? 1 
SCALEPACK 'data scaling'    . ? 2 
SOLVE     phasing           . ? 3 
CNS       refinement        . ? 4 
HKL-2000  'data reduction'  . ? 5 
# 
_cell.entry_id           1WS6 
_cell.length_a           58.76 
_cell.length_b           58.76 
_cell.length_c           101.66 
_cell.angle_alpha        90 
_cell.angle_beta         90 
_cell.angle_gamma        120 
_cell.pdbx_unique_axis   ? 
_cell.Z_PDB              6 
_cell.length_a_esd       ? 
_cell.length_b_esd       ? 
_cell.length_c_esd       ? 
_cell.angle_alpha_esd    ? 
_cell.angle_beta_esd     ? 
_cell.angle_gamma_esd    ? 
# 
_symmetry.entry_id                         1WS6 
_symmetry.space_group_name_H-M             'P 31 2 1' 
_symmetry.pdbx_full_space_group_name_H-M   ? 
_symmetry.Int_Tables_number                152 
_symmetry.cell_setting                     ? 
_symmetry.space_group_name_Hall            ? 
# 
_exptl.entry_id          1WS6 
_exptl.method            'X-RAY DIFFRACTION' 
_exptl.crystals_number   1 
# 
_exptl_crystal.id                    1 
_exptl_crystal.density_meas          ? 
_exptl_crystal.density_Matthews      2.71 
_exptl_crystal.density_percent_sol   54.57 
_exptl_crystal.description           ? 
_exptl_crystal.F_000                 ? 
_exptl_crystal.preparation           ? 
# 
_exptl_crystal_grow.crystal_id      1 
_exptl_crystal_grow.method          MICROBATCH 
_exptl_crystal_grow.temp            278 
_exptl_crystal_grow.temp_details    ? 
_exptl_crystal_grow.pH              6.5 
_exptl_crystal_grow.pdbx_details    'PEG 10000, potassium thiocyanate, pH 6.5, micro-batch, temperature 278K' 
_exptl_crystal_grow.pdbx_pH_range   . 
# 
_diffrn.id                     1 
_diffrn.ambient_temp           174 
_diffrn.ambient_temp_details   ? 
_diffrn.crystal_id             1 
# 
_diffrn_detector.diffrn_id              1 
_diffrn_detector.detector               CCD 
_diffrn_detector.type                   'ADSC QUANTUM 4' 
_diffrn_detector.pdbx_collection_date   2003-02-18 
_diffrn_detector.details                ? 
# 
_diffrn_radiation.diffrn_id                        1 
_diffrn_radiation.wavelength_id                    1 
_diffrn_radiation.pdbx_monochromatic_or_laue_m_l   M 
_diffrn_radiation.monochromator                    ? 
_diffrn_radiation.pdbx_diffrn_protocol             MAD 
_diffrn_radiation.pdbx_scattering_type             x-ray 
# 
loop_
_diffrn_radiation_wavelength.id 
_diffrn_radiation_wavelength.wavelength 
_diffrn_radiation_wavelength.wt 
1 0.88   1.0 
2 0.9795 1.0 
3 1.03   1.0 
# 
_diffrn_source.diffrn_id                   1 
_diffrn_source.source                      SYNCHROTRON 
_diffrn_source.type                        'SPRING-8 BEAMLINE BL12B2' 
_diffrn_source.pdbx_synchrotron_site       SPring-8 
_diffrn_source.pdbx_synchrotron_beamline   BL12B2 
_diffrn_source.pdbx_wavelength             ? 
_diffrn_source.pdbx_wavelength_list        '0.88, 0.9795, 0.9795, 1.03' 
# 
_reflns.entry_id                     1WS6 
_reflns.observed_criterion_sigma_F   2 
_reflns.observed_criterion_sigma_I   2 
_reflns.d_resolution_high            2.5 
_reflns.d_resolution_low             50 
_reflns.number_all                   7434 
_reflns.number_obs                   7434 
_reflns.percent_possible_obs         100 
_reflns.pdbx_Rmerge_I_obs            0.077 
_reflns.pdbx_Rsym_value              ? 
_reflns.pdbx_netI_over_sigmaI        ? 
_reflns.B_iso_Wilson_estimate        18.6 
_reflns.pdbx_redundancy              6.7 
_reflns.R_free_details               ? 
_reflns.limit_h_max                  ? 
_reflns.limit_h_min                  ? 
_reflns.limit_k_max                  ? 
_reflns.limit_k_min                  ? 
_reflns.limit_l_max                  ? 
_reflns.limit_l_min                  ? 
_reflns.observed_criterion_F_max     ? 
_reflns.observed_criterion_F_min     ? 
_reflns.pdbx_chi_squared             ? 
_reflns.pdbx_scaling_rejects         ? 
_reflns.pdbx_ordinal                 1 
_reflns.pdbx_diffrn_id               1 
# 
_reflns_shell.d_res_high             2.5 
_reflns_shell.d_res_low              2.59 
_reflns_shell.percent_possible_all   100 
_reflns_shell.Rmerge_I_obs           0.335 
_reflns_shell.pdbx_Rsym_value        ? 
_reflns_shell.meanI_over_sigI_obs    ? 
_reflns_shell.pdbx_redundancy        6.8 
_reflns_shell.percent_possible_obs   ? 
_reflns_shell.number_unique_all      ? 
_reflns_shell.number_measured_all    ? 
_reflns_shell.number_measured_obs    ? 
_reflns_shell.number_unique_obs      ? 
_reflns_shell.pdbx_chi_squared       ? 
_reflns_shell.pdbx_ordinal           1 
_reflns_shell.pdbx_diffrn_id         1 
# 
_refine.entry_id                                 1WS6 
_refine.ls_d_res_high                            2.5 
_refine.ls_d_res_low                             50 
_refine.pdbx_ls_sigma_F                          0 
_refine.pdbx_ls_sigma_I                          2 
_refine.ls_number_reflns_all                     7434 
_refine.ls_number_reflns_obs                     7434 
_refine.ls_number_reflns_R_free                  413 
_refine.ls_percent_reflns_obs                    94.4 
_refine.ls_R_factor_all                          0.222 
_refine.ls_R_factor_obs                          0.222 
_refine.ls_R_factor_R_work                       0.218 
_refine.ls_R_factor_R_free                       0.283 
_refine.ls_redundancy_reflns_obs                 ? 
_refine.pdbx_data_cutoff_high_absF               ? 
_refine.pdbx_data_cutoff_low_absF                ? 
_refine.ls_number_parameters                     ? 
_refine.ls_number_restraints                     ? 
_refine.ls_percent_reflns_R_free                 ? 
_refine.ls_R_factor_R_free_error                 ? 
_refine.ls_R_factor_R_free_error_details         ? 
_refine.pdbx_method_to_determine_struct          MAD 
_refine.pdbx_starting_model                      ? 
_refine.pdbx_ls_cross_valid_method               ? 
_refine.pdbx_R_Free_selection_details            random 
_refine.pdbx_stereochem_target_val_spec_case     ? 
_refine.pdbx_stereochemistry_target_values       'Engh & Huber' 
_refine.solvent_model_details                    ? 
_refine.solvent_model_param_bsol                 ? 
_refine.solvent_model_param_ksol                 ? 
_refine.occupancy_max                            ? 
_refine.occupancy_min                            ? 
_refine.pdbx_isotropic_thermal_model             ? 
_refine.B_iso_mean                               -0.037 
_refine.aniso_B[1][1]                            1.020 
_refine.aniso_B[1][2]                            0.438 
_refine.aniso_B[1][3]                            0.00 
_refine.aniso_B[2][2]                            1.020 
_refine.aniso_B[2][3]                            0.00 
_refine.aniso_B[3][3]                            -2.039 
_refine.details                                  ? 
_refine.B_iso_min                                ? 
_refine.B_iso_max                                ? 
_refine.correlation_coeff_Fo_to_Fc               ? 
_refine.correlation_coeff_Fo_to_Fc_free          ? 
_refine.pdbx_solvent_vdw_probe_radii             ? 
_refine.pdbx_solvent_ion_probe_radii             ? 
_refine.pdbx_solvent_shrinkage_radii             ? 
_refine.overall_SU_R_Cruickshank_DPI             ? 
_refine.overall_SU_R_free                        ? 
_refine.overall_SU_B                             ? 
_refine.overall_SU_ML                            ? 
_refine.pdbx_overall_ESU_R                       ? 
_refine.pdbx_overall_ESU_R_Free                  ? 
_refine.pdbx_data_cutoff_high_rms_absF           ? 
_refine.ls_wR_factor_R_free                      ? 
_refine.ls_wR_factor_R_work                      ? 
_refine.overall_FOM_free_R_set                   ? 
_refine.overall_FOM_work_R_set                   ? 
_refine.pdbx_refine_id                           'X-RAY DIFFRACTION' 
_refine.pdbx_diffrn_id                           1 
_refine.pdbx_TLS_residual_ADP_flag               ? 
_refine.pdbx_overall_phase_error                 ? 
_refine.pdbx_overall_SU_R_free_Cruickshank_DPI   ? 
_refine.pdbx_overall_SU_R_Blow_DPI               ? 
_refine.pdbx_overall_SU_R_free_Blow_DPI          ? 
# 
_refine_hist.pdbx_refine_id                   'X-RAY DIFFRACTION' 
_refine_hist.cycle_id                         LAST 
_refine_hist.pdbx_number_atoms_protein        1314 
_refine_hist.pdbx_number_atoms_nucleic_acid   0 
_refine_hist.pdbx_number_atoms_ligand         0 
_refine_hist.number_atoms_solvent             92 
_refine_hist.number_atoms_total               1406 
_refine_hist.d_res_high                       2.5 
_refine_hist.d_res_low                        50 
# 
loop_
_refine_ls_restr.type 
_refine_ls_restr.dev_ideal 
_refine_ls_restr.dev_ideal_target 
_refine_ls_restr.weight 
_refine_ls_restr.number 
_refine_ls_restr.pdbx_refine_id 
_refine_ls_restr.pdbx_restraint_function 
c_bond_d           0.006  ? ? ? 'X-RAY DIFFRACTION' ? 
c_angle_deg        0.2744 ? ? ? 'X-RAY DIFFRACTION' ? 
c_dihedral_angle_d 23.99  ? ? ? 'X-RAY DIFFRACTION' ? 
o_improper_angle_d 0.9547 ? ? ? 'X-RAY DIFFRACTION' ? 
# 
_refine_ls_shell.pdbx_total_number_of_bins_used   ? 
_refine_ls_shell.d_res_high                       2.5 
_refine_ls_shell.d_res_low                        2.59 
_refine_ls_shell.number_reflns_R_work             ? 
_refine_ls_shell.R_factor_R_work                  0.2744 
_refine_ls_shell.percent_reflns_obs               ? 
_refine_ls_shell.R_factor_R_free                  0.27 
_refine_ls_shell.R_factor_R_free_error            ? 
_refine_ls_shell.percent_reflns_R_free            ? 
_refine_ls_shell.number_reflns_R_free             38 
_refine_ls_shell.number_reflns_obs                680 
_refine_ls_shell.redundancy_reflns_obs            ? 
_refine_ls_shell.number_reflns_all                ? 
_refine_ls_shell.R_factor_all                     ? 
_refine_ls_shell.pdbx_refine_id                   'X-RAY DIFFRACTION' 
# 
_struct.entry_id                  1WS6 
_struct.title                     'The Structure of Thermus thermphillus HB8 hypothetical protein TTHA0928' 
_struct.pdbx_model_details        ? 
_struct.pdbx_CASP_flag            ? 
_struct.pdbx_model_type_details   ? 
# 
_struct_keywords.entry_id        1WS6 
_struct_keywords.pdbx_keywords   TRANSFERASE 
_struct_keywords.text            
'methyltransferase, STRUCTURAL GENOMICS, RIKEN Structural Genomics/Proteomics Initiative, RSGI, TRANSFERASE' 
# 
loop_
_struct_asym.id 
_struct_asym.pdbx_blank_PDB_chainid_flag 
_struct_asym.pdbx_modified 
_struct_asym.entity_id 
_struct_asym.details 
A N N 1 ? 
B N N 2 ? 
# 
_struct_ref.id                         1 
_struct_ref.db_name                    GB 
_struct_ref.db_code                    BAD70751 
_struct_ref.entity_id                  1 
_struct_ref.pdbx_seq_one_letter_code   ? 
_struct_ref.pdbx_align_begin           ? 
_struct_ref.pdbx_db_accession          55772310 
_struct_ref.pdbx_db_isoform            ? 
# 
_struct_ref_seq.align_id                      1 
_struct_ref_seq.ref_id                        1 
_struct_ref_seq.pdbx_PDB_id_code              1WS6 
_struct_ref_seq.pdbx_strand_id                A 
_struct_ref_seq.seq_align_beg                 1 
_struct_ref_seq.pdbx_seq_align_beg_ins_code   ? 
_struct_ref_seq.seq_align_end                 171 
_struct_ref_seq.pdbx_seq_align_end_ins_code   ? 
_struct_ref_seq.pdbx_db_accession             55772310 
_struct_ref_seq.db_align_beg                  15 
_struct_ref_seq.pdbx_db_align_beg_ins_code    ? 
_struct_ref_seq.db_align_end                  185 
_struct_ref_seq.pdbx_db_align_end_ins_code    ? 
_struct_ref_seq.pdbx_auth_seq_align_beg       15 
_struct_ref_seq.pdbx_auth_seq_align_end       185 
# 
loop_
_struct_ref_seq_dif.align_id 
_struct_ref_seq_dif.pdbx_pdb_id_code 
_struct_ref_seq_dif.mon_id 
_struct_ref_seq_dif.pdbx_pdb_strand_id 
_struct_ref_seq_dif.seq_num 
_struct_ref_seq_dif.pdbx_pdb_ins_code 
_struct_ref_seq_dif.pdbx_seq_db_name 
_struct_ref_seq_dif.pdbx_seq_db_accession_code 
_struct_ref_seq_dif.db_mon_id 
_struct_ref_seq_dif.pdbx_seq_db_seq_num 
_struct_ref_seq_dif.details 
_struct_ref_seq_dif.pdbx_auth_seq_num 
_struct_ref_seq_dif.pdbx_ordinal 
1 1WS6 PRO A 48  ? GB 55772310 LEU 62  conflict           62  1 
1 1WS6 MSE A 116 ? GB 55772310 MET 130 'modified residue' 130 2 
1 1WS6 MSE A 122 ? GB 55772310 MET 136 'modified residue' 136 3 
# 
_pdbx_struct_assembly.id                   1 
_pdbx_struct_assembly.details              author_defined_assembly 
_pdbx_struct_assembly.method_details       ? 
_pdbx_struct_assembly.oligomeric_details   monomeric 
_pdbx_struct_assembly.oligomeric_count     1 
# 
_pdbx_struct_assembly_gen.assembly_id       1 
_pdbx_struct_assembly_gen.oper_expression   1 
_pdbx_struct_assembly_gen.asym_id_list      A,B 
# 
_pdbx_struct_oper_list.id                   1 
_pdbx_struct_oper_list.type                 'identity operation' 
_pdbx_struct_oper_list.name                 1_555 
_pdbx_struct_oper_list.symmetry_operation   x,y,z 
_pdbx_struct_oper_list.matrix[1][1]         1.0000000000 
_pdbx_struct_oper_list.matrix[1][2]         0.0000000000 
_pdbx_struct_oper_list.matrix[1][3]         0.0000000000 
_pdbx_struct_oper_list.vector[1]            0.0000000000 
_pdbx_struct_oper_list.matrix[2][1]         0.0000000000 
_pdbx_struct_oper_list.matrix[2][2]         1.0000000000 
_pdbx_struct_oper_list.matrix[2][3]         0.0000000000 
_pdbx_struct_oper_list.vector[2]            0.0000000000 
_pdbx_struct_oper_list.matrix[3][1]         0.0000000000 
_pdbx_struct_oper_list.matrix[3][2]         0.0000000000 
_pdbx_struct_oper_list.matrix[3][3]         1.0000000000 
_pdbx_struct_oper_list.vector[3]            0.0000000000 
# 
_struct_biol.id                    1 
_struct_biol.pdbx_parent_biol_id   ? 
_struct_biol.details               ? 
# 
loop_
_struct_conf.conf_type_id 
_struct_conf.id 
_struct_conf.pdbx_PDB_helix_id 
_struct_conf.beg_label_comp_id 
_struct_conf.beg_label_asym_id 
_struct_conf.beg_label_seq_id 
_struct_conf.pdbx_beg_PDB_ins_code 
_struct_conf.end_label_comp_id 
_struct_conf.end_label_asym_id 
_struct_conf.end_label_seq_id 
_struct_conf.pdbx_end_PDB_ins_code 
_struct_conf.beg_auth_comp_id 
_struct_conf.beg_auth_asym_id 
_struct_conf.beg_auth_seq_id 
_struct_conf.end_auth_comp_id 
_struct_conf.end_auth_asym_id 
_struct_conf.end_auth_seq_id 
_struct_conf.pdbx_PDB_helix_class 
_struct_conf.details 
_struct_conf.pdbx_PDB_helix_length 
HELX_P HELX_P1 1 GLY A 6   ? ARG A 10  ? GLY A 20  ARG A 24  5 ? 5  
HELX_P HELX_P2 2 PRO A 24  ? TYR A 39  ? PRO A 38  TYR A 53  1 ? 16 
HELX_P HELX_P3 3 GLY A 53  ? GLU A 62  ? GLY A 67  GLU A 76  1 ? 10 
HELX_P HELX_P4 4 ASP A 72  ? GLY A 87  ? ASP A 86  GLY A 101 1 ? 16 
HELX_P HELX_P5 5 PRO A 96  ? GLN A 107 ? PRO A 110 GLN A 121 1 ? 12 
HELX_P HELX_P6 6 ALA A 125 ? GLY A 135 ? ALA A 139 GLY A 149 1 ? 11 
# 
_struct_conf_type.id          HELX_P 
_struct_conf_type.criteria    ? 
_struct_conf_type.reference   ? 
# 
loop_
_struct_conn.id 
_struct_conn.conn_type_id 
_struct_conn.pdbx_leaving_atom_flag 
_struct_conn.pdbx_PDB_id 
_struct_conn.ptnr1_label_asym_id 
_struct_conn.ptnr1_label_comp_id 
_struct_conn.ptnr1_label_seq_id 
_struct_conn.ptnr1_label_atom_id 
_struct_conn.pdbx_ptnr1_label_alt_id 
_struct_conn.pdbx_ptnr1_PDB_ins_code 
_struct_conn.pdbx_ptnr1_standard_comp_id 
_struct_conn.ptnr1_symmetry 
_struct_conn.ptnr2_label_asym_id 
_struct_conn.ptnr2_label_comp_id 
_struct_conn.ptnr2_label_seq_id 
_struct_conn.ptnr2_label_atom_id 
_struct_conn.pdbx_ptnr2_label_alt_id 
_struct_conn.pdbx_ptnr2_PDB_ins_code 
_struct_conn.ptnr1_auth_asym_id 
_struct_conn.ptnr1_auth_comp_id 
_struct_conn.ptnr1_auth_seq_id 
_struct_conn.ptnr2_auth_asym_id 
_struct_conn.ptnr2_auth_comp_id 
_struct_conn.ptnr2_auth_seq_id 
_struct_conn.ptnr2_symmetry 
_struct_conn.pdbx_ptnr3_label_atom_id 
_struct_conn.pdbx_ptnr3_label_seq_id 
_struct_conn.pdbx_ptnr3_label_comp_id 
_struct_conn.pdbx_ptnr3_label_asym_id 
_struct_conn.pdbx_ptnr3_label_alt_id 
_struct_conn.pdbx_ptnr3_PDB_ins_code 
_struct_conn.details 
_struct_conn.pdbx_dist_value 
_struct_conn.pdbx_value_order 
_struct_conn.pdbx_role 
covale1 covale both ? A PHE 115 C ? ? ? 1_555 A MSE 116 N ? ? A PHE 129 A MSE 130 1_555 ? ? ? ? ? ? ? 1.325 ? ? 
covale2 covale both ? A MSE 116 C ? ? ? 1_555 A ALA 117 N ? ? A MSE 130 A ALA 131 1_555 ? ? ? ? ? ? ? 1.326 ? ? 
covale3 covale both ? A ALA 121 C ? ? ? 1_555 A MSE 122 N ? ? A ALA 135 A MSE 136 1_555 ? ? ? ? ? ? ? 1.331 ? ? 
covale4 covale both ? A MSE 122 C ? ? ? 1_555 A ASP 123 N ? ? A MSE 136 A ASP 137 1_555 ? ? ? ? ? ? ? 1.327 ? ? 
# 
_struct_conn_type.id          covale 
_struct_conn_type.criteria    ? 
_struct_conn_type.reference   ? 
# 
loop_
_pdbx_modification_feature.ordinal 
_pdbx_modification_feature.label_comp_id 
_pdbx_modification_feature.label_asym_id 
_pdbx_modification_feature.label_seq_id 
_pdbx_modification_feature.label_alt_id 
_pdbx_modification_feature.modified_residue_label_comp_id 
_pdbx_modification_feature.modified_residue_label_asym_id 
_pdbx_modification_feature.modified_residue_label_seq_id 
_pdbx_modification_feature.modified_residue_label_alt_id 
_pdbx_modification_feature.auth_comp_id 
_pdbx_modification_feature.auth_asym_id 
_pdbx_modification_feature.auth_seq_id 
_pdbx_modification_feature.PDB_ins_code 
_pdbx_modification_feature.symmetry 
_pdbx_modification_feature.modified_residue_auth_comp_id 
_pdbx_modification_feature.modified_residue_auth_asym_id 
_pdbx_modification_feature.modified_residue_auth_seq_id 
_pdbx_modification_feature.modified_residue_PDB_ins_code 
_pdbx_modification_feature.modified_residue_symmetry 
_pdbx_modification_feature.comp_id_linking_atom 
_pdbx_modification_feature.modified_residue_id_linking_atom 
_pdbx_modification_feature.modified_residue_id 
_pdbx_modification_feature.ref_pcm_id 
_pdbx_modification_feature.ref_comp_id 
_pdbx_modification_feature.type 
_pdbx_modification_feature.category 
1 MSE A 116 ? . . . . MSE A 130 ? 1_555 . . . . . . . MET 1 MSE Selenomethionine 'Named protein modification' 
2 MSE A 122 ? . . . . MSE A 136 ? 1_555 . . . . . . . MET 1 MSE Selenomethionine 'Named protein modification' 
# 
_struct_mon_prot_cis.pdbx_id                1 
_struct_mon_prot_cis.label_comp_id          ARG 
_struct_mon_prot_cis.label_seq_id           21 
_struct_mon_prot_cis.label_asym_id          A 
_struct_mon_prot_cis.label_alt_id           . 
_struct_mon_prot_cis.pdbx_PDB_ins_code      ? 
_struct_mon_prot_cis.auth_comp_id           ARG 
_struct_mon_prot_cis.auth_seq_id            35 
_struct_mon_prot_cis.auth_asym_id           A 
_struct_mon_prot_cis.pdbx_label_comp_id_2   PRO 
_struct_mon_prot_cis.pdbx_label_seq_id_2    22 
_struct_mon_prot_cis.pdbx_label_asym_id_2   A 
_struct_mon_prot_cis.pdbx_PDB_ins_code_2    ? 
_struct_mon_prot_cis.pdbx_auth_comp_id_2    PRO 
_struct_mon_prot_cis.pdbx_auth_seq_id_2     36 
_struct_mon_prot_cis.pdbx_auth_asym_id_2    A 
_struct_mon_prot_cis.pdbx_PDB_model_num     1 
_struct_mon_prot_cis.pdbx_omega_angle       -0.13 
# 
loop_
_struct_sheet.id 
_struct_sheet.type 
_struct_sheet.number_strands 
_struct_sheet.details 
A ? 2 ? 
B ? 7 ? 
# 
loop_
_struct_sheet_order.sheet_id 
_struct_sheet_order.range_id_1 
_struct_sheet_order.range_id_2 
_struct_sheet_order.offset 
_struct_sheet_order.sense 
A 1 2 ? anti-parallel 
B 1 2 ? parallel      
B 2 3 ? parallel      
B 3 4 ? parallel      
B 4 5 ? parallel      
B 5 6 ? anti-parallel 
B 6 7 ? anti-parallel 
# 
loop_
_struct_sheet_range.sheet_id 
_struct_sheet_range.id 
_struct_sheet_range.beg_label_comp_id 
_struct_sheet_range.beg_label_asym_id 
_struct_sheet_range.beg_label_seq_id 
_struct_sheet_range.pdbx_beg_PDB_ins_code 
_struct_sheet_range.end_label_comp_id 
_struct_sheet_range.end_label_asym_id 
_struct_sheet_range.end_label_seq_id 
_struct_sheet_range.pdbx_end_PDB_ins_code 
_struct_sheet_range.beg_auth_comp_id 
_struct_sheet_range.beg_auth_asym_id 
_struct_sheet_range.beg_auth_seq_id 
_struct_sheet_range.end_auth_comp_id 
_struct_sheet_range.end_auth_asym_id 
_struct_sheet_range.end_auth_seq_id 
A 1 VAL A 2   ? ARG A 3   ? VAL A 16  ARG A 17  
A 2 ALA A 13  ? LEU A 14  ? ALA A 27  LEU A 28  
B 1 ARG A 91  ? VAL A 93  ? ARG A 105 VAL A 107 
B 2 GLU A 65  ? VAL A 69  ? GLU A 79  VAL A 83  
B 3 ARG A 44  ? PRO A 48  ? ARG A 58  PRO A 62  
B 4 PHE A 111 ? MSE A 116 ? PHE A 125 MSE A 130 
B 5 VAL A 137 ? PRO A 148 ? VAL A 151 PRO A 162 
B 6 ASN A 164 ? GLU A 170 ? ASN A 178 GLU A 184 
B 7 GLU A 157 ? TYR A 161 ? GLU A 171 TYR A 175 
# 
loop_
_pdbx_struct_sheet_hbond.sheet_id 
_pdbx_struct_sheet_hbond.range_id_1 
_pdbx_struct_sheet_hbond.range_id_2 
_pdbx_struct_sheet_hbond.range_1_label_atom_id 
_pdbx_struct_sheet_hbond.range_1_label_comp_id 
_pdbx_struct_sheet_hbond.range_1_label_asym_id 
_pdbx_struct_sheet_hbond.range_1_label_seq_id 
_pdbx_struct_sheet_hbond.range_1_PDB_ins_code 
_pdbx_struct_sheet_hbond.range_1_auth_atom_id 
_pdbx_struct_sheet_hbond.range_1_auth_comp_id 
_pdbx_struct_sheet_hbond.range_1_auth_asym_id 
_pdbx_struct_sheet_hbond.range_1_auth_seq_id 
_pdbx_struct_sheet_hbond.range_2_label_atom_id 
_pdbx_struct_sheet_hbond.range_2_label_comp_id 
_pdbx_struct_sheet_hbond.range_2_label_asym_id 
_pdbx_struct_sheet_hbond.range_2_label_seq_id 
_pdbx_struct_sheet_hbond.range_2_PDB_ins_code 
_pdbx_struct_sheet_hbond.range_2_auth_atom_id 
_pdbx_struct_sheet_hbond.range_2_auth_comp_id 
_pdbx_struct_sheet_hbond.range_2_auth_asym_id 
_pdbx_struct_sheet_hbond.range_2_auth_seq_id 
A 1 2 N VAL A 2   ? N VAL A 16  O LEU A 14  ? O LEU A 28  
B 1 2 O VAL A 93  ? O VAL A 107 N LEU A 68  ? N LEU A 82  
B 2 3 O VAL A 67  ? O VAL A 81  N ASP A 47  ? N ASP A 61  
B 3 4 N LEU A 46  ? N LEU A 60  O VAL A 113 ? O VAL A 127 
B 4 5 N ALA A 114 ? N ALA A 128 O VAL A 144 ? O VAL A 158 
B 5 6 N HIS A 147 ? N HIS A 161 O ALA A 165 ? O ALA A 179 
B 6 7 O ASN A 164 ? O ASN A 178 N TYR A 161 ? N TYR A 175 
# 
_pdbx_entry_details.entry_id                   1WS6 
_pdbx_entry_details.compound_details           ? 
_pdbx_entry_details.source_details             ? 
_pdbx_entry_details.nonpolymer_details         ? 
_pdbx_entry_details.sequence_details           ? 
_pdbx_entry_details.has_ligand_of_interest     ? 
_pdbx_entry_details.has_protein_modification   Y 
# 
loop_
_pdbx_validate_torsion.id 
_pdbx_validate_torsion.PDB_model_num 
_pdbx_validate_torsion.auth_comp_id 
_pdbx_validate_torsion.auth_asym_id 
_pdbx_validate_torsion.auth_seq_id 
_pdbx_validate_torsion.PDB_ins_code 
_pdbx_validate_torsion.label_alt_id 
_pdbx_validate_torsion.phi 
_pdbx_validate_torsion.psi 
1 1 ALA A 32  ? ? -55.13 -2.49   
2 1 SER A 37  ? ? 172.81 108.55  
3 1 ARG A 56  ? ? 57.23  -134.42 
4 1 TYR A 134 ? ? -48.52 -13.68  
5 1 ALA A 139 ? ? 163.89 -54.17  
# 
_pdbx_SG_project.id                    1 
_pdbx_SG_project.project_name          ? 
_pdbx_SG_project.full_name_of_center   'RIKEN Structural Genomics/Proteomics Initiative' 
_pdbx_SG_project.initial_of_center     RSGI 
# 
loop_
_pdbx_struct_mod_residue.id 
_pdbx_struct_mod_residue.label_asym_id 
_pdbx_struct_mod_residue.label_comp_id 
_pdbx_struct_mod_residue.label_seq_id 
_pdbx_struct_mod_residue.auth_asym_id 
_pdbx_struct_mod_residue.auth_comp_id 
_pdbx_struct_mod_residue.auth_seq_id 
_pdbx_struct_mod_residue.PDB_ins_code 
_pdbx_struct_mod_residue.parent_comp_id 
_pdbx_struct_mod_residue.details 
1 A MSE 116 A MSE 130 ? MET SELENOMETHIONINE 
2 A MSE 122 A MSE 136 ? MET SELENOMETHIONINE 
# 
loop_
_chem_comp_atom.comp_id 
_chem_comp_atom.atom_id 
_chem_comp_atom.type_symbol 
_chem_comp_atom.pdbx_aromatic_flag 
_chem_comp_atom.pdbx_stereo_config 
_chem_comp_atom.pdbx_ordinal 
ALA N    N  N N 1   
ALA CA   C  N S 2   
ALA C    C  N N 3   
ALA O    O  N N 4   
ALA CB   C  N N 5   
ALA OXT  O  N N 6   
ALA H    H  N N 7   
ALA H2   H  N N 8   
ALA HA   H  N N 9   
ALA HB1  H  N N 10  
ALA HB2  H  N N 11  
ALA HB3  H  N N 12  
ALA HXT  H  N N 13  
ARG N    N  N N 14  
ARG CA   C  N S 15  
ARG C    C  N N 16  
ARG O    O  N N 17  
ARG CB   C  N N 18  
ARG CG   C  N N 19  
ARG CD   C  N N 20  
ARG NE   N  N N 21  
ARG CZ   C  N N 22  
ARG NH1  N  N N 23  
ARG NH2  N  N N 24  
ARG OXT  O  N N 25  
ARG H    H  N N 26  
ARG H2   H  N N 27  
ARG HA   H  N N 28  
ARG HB2  H  N N 29  
ARG HB3  H  N N 30  
ARG HG2  H  N N 31  
ARG HG3  H  N N 32  
ARG HD2  H  N N 33  
ARG HD3  H  N N 34  
ARG HE   H  N N 35  
ARG HH11 H  N N 36  
ARG HH12 H  N N 37  
ARG HH21 H  N N 38  
ARG HH22 H  N N 39  
ARG HXT  H  N N 40  
ASN N    N  N N 41  
ASN CA   C  N S 42  
ASN C    C  N N 43  
ASN O    O  N N 44  
ASN CB   C  N N 45  
ASN CG   C  N N 46  
ASN OD1  O  N N 47  
ASN ND2  N  N N 48  
ASN OXT  O  N N 49  
ASN H    H  N N 50  
ASN H2   H  N N 51  
ASN HA   H  N N 52  
ASN HB2  H  N N 53  
ASN HB3  H  N N 54  
ASN HD21 H  N N 55  
ASN HD22 H  N N 56  
ASN HXT  H  N N 57  
ASP N    N  N N 58  
ASP CA   C  N S 59  
ASP C    C  N N 60  
ASP O    O  N N 61  
ASP CB   C  N N 62  
ASP CG   C  N N 63  
ASP OD1  O  N N 64  
ASP OD2  O  N N 65  
ASP OXT  O  N N 66  
ASP H    H  N N 67  
ASP H2   H  N N 68  
ASP HA   H  N N 69  
ASP HB2  H  N N 70  
ASP HB3  H  N N 71  
ASP HD2  H  N N 72  
ASP HXT  H  N N 73  
GLN N    N  N N 74  
GLN CA   C  N S 75  
GLN C    C  N N 76  
GLN O    O  N N 77  
GLN CB   C  N N 78  
GLN CG   C  N N 79  
GLN CD   C  N N 80  
GLN OE1  O  N N 81  
GLN NE2  N  N N 82  
GLN OXT  O  N N 83  
GLN H    H  N N 84  
GLN H2   H  N N 85  
GLN HA   H  N N 86  
GLN HB2  H  N N 87  
GLN HB3  H  N N 88  
GLN HG2  H  N N 89  
GLN HG3  H  N N 90  
GLN HE21 H  N N 91  
GLN HE22 H  N N 92  
GLN HXT  H  N N 93  
GLU N    N  N N 94  
GLU CA   C  N S 95  
GLU C    C  N N 96  
GLU O    O  N N 97  
GLU CB   C  N N 98  
GLU CG   C  N N 99  
GLU CD   C  N N 100 
GLU OE1  O  N N 101 
GLU OE2  O  N N 102 
GLU OXT  O  N N 103 
GLU H    H  N N 104 
GLU H2   H  N N 105 
GLU HA   H  N N 106 
GLU HB2  H  N N 107 
GLU HB3  H  N N 108 
GLU HG2  H  N N 109 
GLU HG3  H  N N 110 
GLU HE2  H  N N 111 
GLU HXT  H  N N 112 
GLY N    N  N N 113 
GLY CA   C  N N 114 
GLY C    C  N N 115 
GLY O    O  N N 116 
GLY OXT  O  N N 117 
GLY H    H  N N 118 
GLY H2   H  N N 119 
GLY HA2  H  N N 120 
GLY HA3  H  N N 121 
GLY HXT  H  N N 122 
HIS N    N  N N 123 
HIS CA   C  N S 124 
HIS C    C  N N 125 
HIS O    O  N N 126 
HIS CB   C  N N 127 
HIS CG   C  Y N 128 
HIS ND1  N  Y N 129 
HIS CD2  C  Y N 130 
HIS CE1  C  Y N 131 
HIS NE2  N  Y N 132 
HIS OXT  O  N N 133 
HIS H    H  N N 134 
HIS H2   H  N N 135 
HIS HA   H  N N 136 
HIS HB2  H  N N 137 
HIS HB3  H  N N 138 
HIS HD1  H  N N 139 
HIS HD2  H  N N 140 
HIS HE1  H  N N 141 
HIS HE2  H  N N 142 
HIS HXT  H  N N 143 
HOH O    O  N N 144 
HOH H1   H  N N 145 
HOH H2   H  N N 146 
ILE N    N  N N 147 
ILE CA   C  N S 148 
ILE C    C  N N 149 
ILE O    O  N N 150 
ILE CB   C  N S 151 
ILE CG1  C  N N 152 
ILE CG2  C  N N 153 
ILE CD1  C  N N 154 
ILE OXT  O  N N 155 
ILE H    H  N N 156 
ILE H2   H  N N 157 
ILE HA   H  N N 158 
ILE HB   H  N N 159 
ILE HG12 H  N N 160 
ILE HG13 H  N N 161 
ILE HG21 H  N N 162 
ILE HG22 H  N N 163 
ILE HG23 H  N N 164 
ILE HD11 H  N N 165 
ILE HD12 H  N N 166 
ILE HD13 H  N N 167 
ILE HXT  H  N N 168 
LEU N    N  N N 169 
LEU CA   C  N S 170 
LEU C    C  N N 171 
LEU O    O  N N 172 
LEU CB   C  N N 173 
LEU CG   C  N N 174 
LEU CD1  C  N N 175 
LEU CD2  C  N N 176 
LEU OXT  O  N N 177 
LEU H    H  N N 178 
LEU H2   H  N N 179 
LEU HA   H  N N 180 
LEU HB2  H  N N 181 
LEU HB3  H  N N 182 
LEU HG   H  N N 183 
LEU HD11 H  N N 184 
LEU HD12 H  N N 185 
LEU HD13 H  N N 186 
LEU HD21 H  N N 187 
LEU HD22 H  N N 188 
LEU HD23 H  N N 189 
LEU HXT  H  N N 190 
LYS N    N  N N 191 
LYS CA   C  N S 192 
LYS C    C  N N 193 
LYS O    O  N N 194 
LYS CB   C  N N 195 
LYS CG   C  N N 196 
LYS CD   C  N N 197 
LYS CE   C  N N 198 
LYS NZ   N  N N 199 
LYS OXT  O  N N 200 
LYS H    H  N N 201 
LYS H2   H  N N 202 
LYS HA   H  N N 203 
LYS HB2  H  N N 204 
LYS HB3  H  N N 205 
LYS HG2  H  N N 206 
LYS HG3  H  N N 207 
LYS HD2  H  N N 208 
LYS HD3  H  N N 209 
LYS HE2  H  N N 210 
LYS HE3  H  N N 211 
LYS HZ1  H  N N 212 
LYS HZ2  H  N N 213 
LYS HZ3  H  N N 214 
LYS HXT  H  N N 215 
MET N    N  N N 216 
MET CA   C  N S 217 
MET C    C  N N 218 
MET O    O  N N 219 
MET CB   C  N N 220 
MET CG   C  N N 221 
MET SD   S  N N 222 
MET CE   C  N N 223 
MET OXT  O  N N 224 
MET H    H  N N 225 
MET H2   H  N N 226 
MET HA   H  N N 227 
MET HB2  H  N N 228 
MET HB3  H  N N 229 
MET HG2  H  N N 230 
MET HG3  H  N N 231 
MET HE1  H  N N 232 
MET HE2  H  N N 233 
MET HE3  H  N N 234 
MET HXT  H  N N 235 
MSE N    N  N N 236 
MSE CA   C  N S 237 
MSE C    C  N N 238 
MSE O    O  N N 239 
MSE OXT  O  N N 240 
MSE CB   C  N N 241 
MSE CG   C  N N 242 
MSE SE   SE N N 243 
MSE CE   C  N N 244 
MSE H    H  N N 245 
MSE H2   H  N N 246 
MSE HA   H  N N 247 
MSE HXT  H  N N 248 
MSE HB2  H  N N 249 
MSE HB3  H  N N 250 
MSE HG2  H  N N 251 
MSE HG3  H  N N 252 
MSE HE1  H  N N 253 
MSE HE2  H  N N 254 
MSE HE3  H  N N 255 
PHE N    N  N N 256 
PHE CA   C  N S 257 
PHE C    C  N N 258 
PHE O    O  N N 259 
PHE CB   C  N N 260 
PHE CG   C  Y N 261 
PHE CD1  C  Y N 262 
PHE CD2  C  Y N 263 
PHE CE1  C  Y N 264 
PHE CE2  C  Y N 265 
PHE CZ   C  Y N 266 
PHE OXT  O  N N 267 
PHE H    H  N N 268 
PHE H2   H  N N 269 
PHE HA   H  N N 270 
PHE HB2  H  N N 271 
PHE HB3  H  N N 272 
PHE HD1  H  N N 273 
PHE HD2  H  N N 274 
PHE HE1  H  N N 275 
PHE HE2  H  N N 276 
PHE HZ   H  N N 277 
PHE HXT  H  N N 278 
PRO N    N  N N 279 
PRO CA   C  N S 280 
PRO C    C  N N 281 
PRO O    O  N N 282 
PRO CB   C  N N 283 
PRO CG   C  N N 284 
PRO CD   C  N N 285 
PRO OXT  O  N N 286 
PRO H    H  N N 287 
PRO HA   H  N N 288 
PRO HB2  H  N N 289 
PRO HB3  H  N N 290 
PRO HG2  H  N N 291 
PRO HG3  H  N N 292 
PRO HD2  H  N N 293 
PRO HD3  H  N N 294 
PRO HXT  H  N N 295 
SER N    N  N N 296 
SER CA   C  N S 297 
SER C    C  N N 298 
SER O    O  N N 299 
SER CB   C  N N 300 
SER OG   O  N N 301 
SER OXT  O  N N 302 
SER H    H  N N 303 
SER H2   H  N N 304 
SER HA   H  N N 305 
SER HB2  H  N N 306 
SER HB3  H  N N 307 
SER HG   H  N N 308 
SER HXT  H  N N 309 
THR N    N  N N 310 
THR CA   C  N S 311 
THR C    C  N N 312 
THR O    O  N N 313 
THR CB   C  N R 314 
THR OG1  O  N N 315 
THR CG2  C  N N 316 
THR OXT  O  N N 317 
THR H    H  N N 318 
THR H2   H  N N 319 
THR HA   H  N N 320 
THR HB   H  N N 321 
THR HG1  H  N N 322 
THR HG21 H  N N 323 
THR HG22 H  N N 324 
THR HG23 H  N N 325 
THR HXT  H  N N 326 
TRP N    N  N N 327 
TRP CA   C  N S 328 
TRP C    C  N N 329 
TRP O    O  N N 330 
TRP CB   C  N N 331 
TRP CG   C  Y N 332 
TRP CD1  C  Y N 333 
TRP CD2  C  Y N 334 
TRP NE1  N  Y N 335 
TRP CE2  C  Y N 336 
TRP CE3  C  Y N 337 
TRP CZ2  C  Y N 338 
TRP CZ3  C  Y N 339 
TRP CH2  C  Y N 340 
TRP OXT  O  N N 341 
TRP H    H  N N 342 
TRP H2   H  N N 343 
TRP HA   H  N N 344 
TRP HB2  H  N N 345 
TRP HB3  H  N N 346 
TRP HD1  H  N N 347 
TRP HE1  H  N N 348 
TRP HE3  H  N N 349 
TRP HZ2  H  N N 350 
TRP HZ3  H  N N 351 
TRP HH2  H  N N 352 
TRP HXT  H  N N 353 
TYR N    N  N N 354 
TYR CA   C  N S 355 
TYR C    C  N N 356 
TYR O    O  N N 357 
TYR CB   C  N N 358 
TYR CG   C  Y N 359 
TYR CD1  C  Y N 360 
TYR CD2  C  Y N 361 
TYR CE1  C  Y N 362 
TYR CE2  C  Y N 363 
TYR CZ   C  Y N 364 
TYR OH   O  N N 365 
TYR OXT  O  N N 366 
TYR H    H  N N 367 
TYR H2   H  N N 368 
TYR HA   H  N N 369 
TYR HB2  H  N N 370 
TYR HB3  H  N N 371 
TYR HD1  H  N N 372 
TYR HD2  H  N N 373 
TYR HE1  H  N N 374 
TYR HE2  H  N N 375 
TYR HH   H  N N 376 
TYR HXT  H  N N 377 
VAL N    N  N N 378 
VAL CA   C  N S 379 
VAL C    C  N N 380 
VAL O    O  N N 381 
VAL CB   C  N N 382 
VAL CG1  C  N N 383 
VAL CG2  C  N N 384 
VAL OXT  O  N N 385 
VAL H    H  N N 386 
VAL H2   H  N N 387 
VAL HA   H  N N 388 
VAL HB   H  N N 389 
VAL HG11 H  N N 390 
VAL HG12 H  N N 391 
VAL HG13 H  N N 392 
VAL HG21 H  N N 393 
VAL HG22 H  N N 394 
VAL HG23 H  N N 395 
VAL HXT  H  N N 396 
# 
loop_
_chem_comp_bond.comp_id 
_chem_comp_bond.atom_id_1 
_chem_comp_bond.atom_id_2 
_chem_comp_bond.value_order 
_chem_comp_bond.pdbx_aromatic_flag 
_chem_comp_bond.pdbx_stereo_config 
_chem_comp_bond.pdbx_ordinal 
ALA N   CA   sing N N 1   
ALA N   H    sing N N 2   
ALA N   H2   sing N N 3   
ALA CA  C    sing N N 4   
ALA CA  CB   sing N N 5   
ALA CA  HA   sing N N 6   
ALA C   O    doub N N 7   
ALA C   OXT  sing N N 8   
ALA CB  HB1  sing N N 9   
ALA CB  HB2  sing N N 10  
ALA CB  HB3  sing N N 11  
ALA OXT HXT  sing N N 12  
ARG N   CA   sing N N 13  
ARG N   H    sing N N 14  
ARG N   H2   sing N N 15  
ARG CA  C    sing N N 16  
ARG CA  CB   sing N N 17  
ARG CA  HA   sing N N 18  
ARG C   O    doub N N 19  
ARG C   OXT  sing N N 20  
ARG CB  CG   sing N N 21  
ARG CB  HB2  sing N N 22  
ARG CB  HB3  sing N N 23  
ARG CG  CD   sing N N 24  
ARG CG  HG2  sing N N 25  
ARG CG  HG3  sing N N 26  
ARG CD  NE   sing N N 27  
ARG CD  HD2  sing N N 28  
ARG CD  HD3  sing N N 29  
ARG NE  CZ   sing N N 30  
ARG NE  HE   sing N N 31  
ARG CZ  NH1  sing N N 32  
ARG CZ  NH2  doub N N 33  
ARG NH1 HH11 sing N N 34  
ARG NH1 HH12 sing N N 35  
ARG NH2 HH21 sing N N 36  
ARG NH2 HH22 sing N N 37  
ARG OXT HXT  sing N N 38  
ASN N   CA   sing N N 39  
ASN N   H    sing N N 40  
ASN N   H2   sing N N 41  
ASN CA  C    sing N N 42  
ASN CA  CB   sing N N 43  
ASN CA  HA   sing N N 44  
ASN C   O    doub N N 45  
ASN C   OXT  sing N N 46  
ASN CB  CG   sing N N 47  
ASN CB  HB2  sing N N 48  
ASN CB  HB3  sing N N 49  
ASN CG  OD1  doub N N 50  
ASN CG  ND2  sing N N 51  
ASN ND2 HD21 sing N N 52  
ASN ND2 HD22 sing N N 53  
ASN OXT HXT  sing N N 54  
ASP N   CA   sing N N 55  
ASP N   H    sing N N 56  
ASP N   H2   sing N N 57  
ASP CA  C    sing N N 58  
ASP CA  CB   sing N N 59  
ASP CA  HA   sing N N 60  
ASP C   O    doub N N 61  
ASP C   OXT  sing N N 62  
ASP CB  CG   sing N N 63  
ASP CB  HB2  sing N N 64  
ASP CB  HB3  sing N N 65  
ASP CG  OD1  doub N N 66  
ASP CG  OD2  sing N N 67  
ASP OD2 HD2  sing N N 68  
ASP OXT HXT  sing N N 69  
GLN N   CA   sing N N 70  
GLN N   H    sing N N 71  
GLN N   H2   sing N N 72  
GLN CA  C    sing N N 73  
GLN CA  CB   sing N N 74  
GLN CA  HA   sing N N 75  
GLN C   O    doub N N 76  
GLN C   OXT  sing N N 77  
GLN CB  CG   sing N N 78  
GLN CB  HB2  sing N N 79  
GLN CB  HB3  sing N N 80  
GLN CG  CD   sing N N 81  
GLN CG  HG2  sing N N 82  
GLN CG  HG3  sing N N 83  
GLN CD  OE1  doub N N 84  
GLN CD  NE2  sing N N 85  
GLN NE2 HE21 sing N N 86  
GLN NE2 HE22 sing N N 87  
GLN OXT HXT  sing N N 88  
GLU N   CA   sing N N 89  
GLU N   H    sing N N 90  
GLU N   H2   sing N N 91  
GLU CA  C    sing N N 92  
GLU CA  CB   sing N N 93  
GLU CA  HA   sing N N 94  
GLU C   O    doub N N 95  
GLU C   OXT  sing N N 96  
GLU CB  CG   sing N N 97  
GLU CB  HB2  sing N N 98  
GLU CB  HB3  sing N N 99  
GLU CG  CD   sing N N 100 
GLU CG  HG2  sing N N 101 
GLU CG  HG3  sing N N 102 
GLU CD  OE1  doub N N 103 
GLU CD  OE2  sing N N 104 
GLU OE2 HE2  sing N N 105 
GLU OXT HXT  sing N N 106 
GLY N   CA   sing N N 107 
GLY N   H    sing N N 108 
GLY N   H2   sing N N 109 
GLY CA  C    sing N N 110 
GLY CA  HA2  sing N N 111 
GLY CA  HA3  sing N N 112 
GLY C   O    doub N N 113 
GLY C   OXT  sing N N 114 
GLY OXT HXT  sing N N 115 
HIS N   CA   sing N N 116 
HIS N   H    sing N N 117 
HIS N   H2   sing N N 118 
HIS CA  C    sing N N 119 
HIS CA  CB   sing N N 120 
HIS CA  HA   sing N N 121 
HIS C   O    doub N N 122 
HIS C   OXT  sing N N 123 
HIS CB  CG   sing N N 124 
HIS CB  HB2  sing N N 125 
HIS CB  HB3  sing N N 126 
HIS CG  ND1  sing Y N 127 
HIS CG  CD2  doub Y N 128 
HIS ND1 CE1  doub Y N 129 
HIS ND1 HD1  sing N N 130 
HIS CD2 NE2  sing Y N 131 
HIS CD2 HD2  sing N N 132 
HIS CE1 NE2  sing Y N 133 
HIS CE1 HE1  sing N N 134 
HIS NE2 HE2  sing N N 135 
HIS OXT HXT  sing N N 136 
HOH O   H1   sing N N 137 
HOH O   H2   sing N N 138 
ILE N   CA   sing N N 139 
ILE N   H    sing N N 140 
ILE N   H2   sing N N 141 
ILE CA  C    sing N N 142 
ILE CA  CB   sing N N 143 
ILE CA  HA   sing N N 144 
ILE C   O    doub N N 145 
ILE C   OXT  sing N N 146 
ILE CB  CG1  sing N N 147 
ILE CB  CG2  sing N N 148 
ILE CB  HB   sing N N 149 
ILE CG1 CD1  sing N N 150 
ILE CG1 HG12 sing N N 151 
ILE CG1 HG13 sing N N 152 
ILE CG2 HG21 sing N N 153 
ILE CG2 HG22 sing N N 154 
ILE CG2 HG23 sing N N 155 
ILE CD1 HD11 sing N N 156 
ILE CD1 HD12 sing N N 157 
ILE CD1 HD13 sing N N 158 
ILE OXT HXT  sing N N 159 
LEU N   CA   sing N N 160 
LEU N   H    sing N N 161 
LEU N   H2   sing N N 162 
LEU CA  C    sing N N 163 
LEU CA  CB   sing N N 164 
LEU CA  HA   sing N N 165 
LEU C   O    doub N N 166 
LEU C   OXT  sing N N 167 
LEU CB  CG   sing N N 168 
LEU CB  HB2  sing N N 169 
LEU CB  HB3  sing N N 170 
LEU CG  CD1  sing N N 171 
LEU CG  CD2  sing N N 172 
LEU CG  HG   sing N N 173 
LEU CD1 HD11 sing N N 174 
LEU CD1 HD12 sing N N 175 
LEU CD1 HD13 sing N N 176 
LEU CD2 HD21 sing N N 177 
LEU CD2 HD22 sing N N 178 
LEU CD2 HD23 sing N N 179 
LEU OXT HXT  sing N N 180 
LYS N   CA   sing N N 181 
LYS N   H    sing N N 182 
LYS N   H2   sing N N 183 
LYS CA  C    sing N N 184 
LYS CA  CB   sing N N 185 
LYS CA  HA   sing N N 186 
LYS C   O    doub N N 187 
LYS C   OXT  sing N N 188 
LYS CB  CG   sing N N 189 
LYS CB  HB2  sing N N 190 
LYS CB  HB3  sing N N 191 
LYS CG  CD   sing N N 192 
LYS CG  HG2  sing N N 193 
LYS CG  HG3  sing N N 194 
LYS CD  CE   sing N N 195 
LYS CD  HD2  sing N N 196 
LYS CD  HD3  sing N N 197 
LYS CE  NZ   sing N N 198 
LYS CE  HE2  sing N N 199 
LYS CE  HE3  sing N N 200 
LYS NZ  HZ1  sing N N 201 
LYS NZ  HZ2  sing N N 202 
LYS NZ  HZ3  sing N N 203 
LYS OXT HXT  sing N N 204 
MET N   CA   sing N N 205 
MET N   H    sing N N 206 
MET N   H2   sing N N 207 
MET CA  C    sing N N 208 
MET CA  CB   sing N N 209 
MET CA  HA   sing N N 210 
MET C   O    doub N N 211 
MET C   OXT  sing N N 212 
MET CB  CG   sing N N 213 
MET CB  HB2  sing N N 214 
MET CB  HB3  sing N N 215 
MET CG  SD   sing N N 216 
MET CG  HG2  sing N N 217 
MET CG  HG3  sing N N 218 
MET SD  CE   sing N N 219 
MET CE  HE1  sing N N 220 
MET CE  HE2  sing N N 221 
MET CE  HE3  sing N N 222 
MET OXT HXT  sing N N 223 
MSE N   CA   sing N N 224 
MSE N   H    sing N N 225 
MSE N   H2   sing N N 226 
MSE CA  C    sing N N 227 
MSE CA  CB   sing N N 228 
MSE CA  HA   sing N N 229 
MSE C   O    doub N N 230 
MSE C   OXT  sing N N 231 
MSE OXT HXT  sing N N 232 
MSE CB  CG   sing N N 233 
MSE CB  HB2  sing N N 234 
MSE CB  HB3  sing N N 235 
MSE CG  SE   sing N N 236 
MSE CG  HG2  sing N N 237 
MSE CG  HG3  sing N N 238 
MSE SE  CE   sing N N 239 
MSE CE  HE1  sing N N 240 
MSE CE  HE2  sing N N 241 
MSE CE  HE3  sing N N 242 
PHE N   CA   sing N N 243 
PHE N   H    sing N N 244 
PHE N   H2   sing N N 245 
PHE CA  C    sing N N 246 
PHE CA  CB   sing N N 247 
PHE CA  HA   sing N N 248 
PHE C   O    doub N N 249 
PHE C   OXT  sing N N 250 
PHE CB  CG   sing N N 251 
PHE CB  HB2  sing N N 252 
PHE CB  HB3  sing N N 253 
PHE CG  CD1  doub Y N 254 
PHE CG  CD2  sing Y N 255 
PHE CD1 CE1  sing Y N 256 
PHE CD1 HD1  sing N N 257 
PHE CD2 CE2  doub Y N 258 
PHE CD2 HD2  sing N N 259 
PHE CE1 CZ   doub Y N 260 
PHE CE1 HE1  sing N N 261 
PHE CE2 CZ   sing Y N 262 
PHE CE2 HE2  sing N N 263 
PHE CZ  HZ   sing N N 264 
PHE OXT HXT  sing N N 265 
PRO N   CA   sing N N 266 
PRO N   CD   sing N N 267 
PRO N   H    sing N N 268 
PRO CA  C    sing N N 269 
PRO CA  CB   sing N N 270 
PRO CA  HA   sing N N 271 
PRO C   O    doub N N 272 
PRO C   OXT  sing N N 273 
PRO CB  CG   sing N N 274 
PRO CB  HB2  sing N N 275 
PRO CB  HB3  sing N N 276 
PRO CG  CD   sing N N 277 
PRO CG  HG2  sing N N 278 
PRO CG  HG3  sing N N 279 
PRO CD  HD2  sing N N 280 
PRO CD  HD3  sing N N 281 
PRO OXT HXT  sing N N 282 
SER N   CA   sing N N 283 
SER N   H    sing N N 284 
SER N   H2   sing N N 285 
SER CA  C    sing N N 286 
SER CA  CB   sing N N 287 
SER CA  HA   sing N N 288 
SER C   O    doub N N 289 
SER C   OXT  sing N N 290 
SER CB  OG   sing N N 291 
SER CB  HB2  sing N N 292 
SER CB  HB3  sing N N 293 
SER OG  HG   sing N N 294 
SER OXT HXT  sing N N 295 
THR N   CA   sing N N 296 
THR N   H    sing N N 297 
THR N   H2   sing N N 298 
THR CA  C    sing N N 299 
THR CA  CB   sing N N 300 
THR CA  HA   sing N N 301 
THR C   O    doub N N 302 
THR C   OXT  sing N N 303 
THR CB  OG1  sing N N 304 
THR CB  CG2  sing N N 305 
THR CB  HB   sing N N 306 
THR OG1 HG1  sing N N 307 
THR CG2 HG21 sing N N 308 
THR CG2 HG22 sing N N 309 
THR CG2 HG23 sing N N 310 
THR OXT HXT  sing N N 311 
TRP N   CA   sing N N 312 
TRP N   H    sing N N 313 
TRP N   H2   sing N N 314 
TRP CA  C    sing N N 315 
TRP CA  CB   sing N N 316 
TRP CA  HA   sing N N 317 
TRP C   O    doub N N 318 
TRP C   OXT  sing N N 319 
TRP CB  CG   sing N N 320 
TRP CB  HB2  sing N N 321 
TRP CB  HB3  sing N N 322 
TRP CG  CD1  doub Y N 323 
TRP CG  CD2  sing Y N 324 
TRP CD1 NE1  sing Y N 325 
TRP CD1 HD1  sing N N 326 
TRP CD2 CE2  doub Y N 327 
TRP CD2 CE3  sing Y N 328 
TRP NE1 CE2  sing Y N 329 
TRP NE1 HE1  sing N N 330 
TRP CE2 CZ2  sing Y N 331 
TRP CE3 CZ3  doub Y N 332 
TRP CE3 HE3  sing N N 333 
TRP CZ2 CH2  doub Y N 334 
TRP CZ2 HZ2  sing N N 335 
TRP CZ3 CH2  sing Y N 336 
TRP CZ3 HZ3  sing N N 337 
TRP CH2 HH2  sing N N 338 
TRP OXT HXT  sing N N 339 
TYR N   CA   sing N N 340 
TYR N   H    sing N N 341 
TYR N   H2   sing N N 342 
TYR CA  C    sing N N 343 
TYR CA  CB   sing N N 344 
TYR CA  HA   sing N N 345 
TYR C   O    doub N N 346 
TYR C   OXT  sing N N 347 
TYR CB  CG   sing N N 348 
TYR CB  HB2  sing N N 349 
TYR CB  HB3  sing N N 350 
TYR CG  CD1  doub Y N 351 
TYR CG  CD2  sing Y N 352 
TYR CD1 CE1  sing Y N 353 
TYR CD1 HD1  sing N N 354 
TYR CD2 CE2  doub Y N 355 
TYR CD2 HD2  sing N N 356 
TYR CE1 CZ   doub Y N 357 
TYR CE1 HE1  sing N N 358 
TYR CE2 CZ   sing Y N 359 
TYR CE2 HE2  sing N N 360 
TYR CZ  OH   sing N N 361 
TYR OH  HH   sing N N 362 
TYR OXT HXT  sing N N 363 
VAL N   CA   sing N N 364 
VAL N   H    sing N N 365 
VAL N   H2   sing N N 366 
VAL CA  C    sing N N 367 
VAL CA  CB   sing N N 368 
VAL CA  HA   sing N N 369 
VAL C   O    doub N N 370 
VAL C   OXT  sing N N 371 
VAL CB  CG1  sing N N 372 
VAL CB  CG2  sing N N 373 
VAL CB  HB   sing N N 374 
VAL CG1 HG11 sing N N 375 
VAL CG1 HG12 sing N N 376 
VAL CG1 HG13 sing N N 377 
VAL CG2 HG21 sing N N 378 
VAL CG2 HG22 sing N N 379 
VAL CG2 HG23 sing N N 380 
VAL OXT HXT  sing N N 381 
# 
_atom_sites.entry_id                    1WS6 
_atom_sites.fract_transf_matrix[1][1]   0.00235019 
_atom_sites.fract_transf_matrix[1][2]   0.01655081 
_atom_sites.fract_transf_matrix[1][3]   -0.01033005 
_atom_sites.fract_transf_matrix[2][1]   0.01792405 
_atom_sites.fract_transf_matrix[2][2]   0.00775001 
_atom_sites.fract_transf_matrix[2][3]   -0.00219718 
_atom_sites.fract_transf_matrix[3][1]   0.00128523 
_atom_sites.fract_transf_matrix[3][2]   -0.00529449 
_atom_sites.fract_transf_matrix[3][3]   -0.00819043 
_atom_sites.fract_transf_vector[1]      0.495969 
_atom_sites.fract_transf_vector[2]      0.380783 
_atom_sites.fract_transf_vector[3]      0.259632 
# 
loop_
_atom_type.symbol 
C  
N  
O  
SE 
# 
loop_
_atom_site.group_PDB 
_atom_site.id 
_atom_site.type_symbol 
_atom_site.label_atom_id 
_atom_site.label_alt_id 
_atom_site.label_comp_id 
_atom_site.label_asym_id 
_atom_site.label_entity_id 
_atom_site.label_seq_id 
_atom_site.pdbx_PDB_ins_code 
_atom_site.Cartn_x 
_atom_site.Cartn_y 
_atom_site.Cartn_z 
_atom_site.occupancy 
_atom_site.B_iso_or_equiv 
_atom_site.pdbx_formal_charge 
_atom_site.auth_seq_id 
_atom_site.auth_comp_id 
_atom_site.auth_asym_id 
_atom_site.auth_atom_id 
_atom_site.pdbx_PDB_model_num 
ATOM   1    N  N   . VAL A 1 1   ? 17.714  1.590   -2.193  1.00 39.30 ? 15  VAL A N   1 
ATOM   2    C  CA  . VAL A 1 1   ? 18.217  2.142   -0.891  1.00 38.11 ? 15  VAL A CA  1 
ATOM   3    C  C   . VAL A 1 1   ? 17.177  1.912   0.205   1.00 35.96 ? 15  VAL A C   1 
ATOM   4    O  O   . VAL A 1 1   ? 17.263  2.491   1.290   1.00 36.84 ? 15  VAL A O   1 
ATOM   5    C  CB  . VAL A 1 1   ? 18.505  3.663   -1.011  1.00 40.89 ? 15  VAL A CB  1 
ATOM   6    C  CG1 . VAL A 1 1   ? 19.144  4.190   0.279   1.00 40.24 ? 15  VAL A CG1 1 
ATOM   7    C  CG2 . VAL A 1 1   ? 19.432  3.919   -2.227  1.00 40.21 ? 15  VAL A CG2 1 
ATOM   8    N  N   . VAL A 1 2   ? 16.185  1.073   -0.091  1.00 33.37 ? 16  VAL A N   1 
ATOM   9    C  CA  . VAL A 1 2   ? 15.146  0.763   0.883   1.00 29.16 ? 16  VAL A CA  1 
ATOM   10   C  C   . VAL A 1 2   ? 15.097  -0.747  1.081   1.00 27.31 ? 16  VAL A C   1 
ATOM   11   O  O   . VAL A 1 2   ? 15.260  -1.512  0.133   1.00 26.58 ? 16  VAL A O   1 
ATOM   12   C  CB  . VAL A 1 2   ? 13.753  1.275   0.427   1.00 29.12 ? 16  VAL A CB  1 
ATOM   13   C  CG1 . VAL A 1 2   ? 13.854  2.728   -0.024  1.00 26.13 ? 16  VAL A CG1 1 
ATOM   14   C  CG2 . VAL A 1 2   ? 13.202  0.402   -0.674  1.00 29.49 ? 16  VAL A CG2 1 
ATOM   15   N  N   . ARG A 1 3   ? 14.882  -1.174  2.320   1.00 25.94 ? 17  ARG A N   1 
ATOM   16   C  CA  . ARG A 1 3   ? 14.842  -2.594  2.634   1.00 24.75 ? 17  ARG A CA  1 
ATOM   17   C  C   . ARG A 1 3   ? 13.533  -3.024  3.274   1.00 25.47 ? 17  ARG A C   1 
ATOM   18   O  O   . ARG A 1 3   ? 12.833  -2.219  3.898   1.00 24.69 ? 17  ARG A O   1 
ATOM   19   C  CB  . ARG A 1 3   ? 15.981  -2.958  3.593   1.00 24.99 ? 17  ARG A CB  1 
ATOM   20   C  CG  . ARG A 1 3   ? 17.386  -2.708  3.062   1.00 26.25 ? 17  ARG A CG  1 
ATOM   21   C  CD  . ARG A 1 3   ? 18.446  -2.952  4.133   1.00 25.39 ? 17  ARG A CD  1 
ATOM   22   N  NE  . ARG A 1 3   ? 19.793  -2.646  3.651   1.00 25.96 ? 17  ARG A NE  1 
ATOM   23   C  CZ  . ARG A 1 3   ? 20.436  -3.348  2.721   1.00 27.03 ? 17  ARG A CZ  1 
ATOM   24   N  NH1 . ARG A 1 3   ? 19.869  -4.410  2.168   1.00 27.19 ? 17  ARG A NH1 1 
ATOM   25   N  NH2 . ARG A 1 3   ? 21.647  -2.981  2.327   1.00 28.70 ? 17  ARG A NH2 1 
ATOM   26   N  N   . ILE A 1 4   ? 13.206  -4.303  3.102   1.00 24.03 ? 18  ILE A N   1 
ATOM   27   C  CA  . ILE A 1 4   ? 12.025  -4.876  3.716   1.00 21.55 ? 18  ILE A CA  1 
ATOM   28   C  C   . ILE A 1 4   ? 12.389  -4.793  5.197   1.00 21.99 ? 18  ILE A C   1 
ATOM   29   O  O   . ILE A 1 4   ? 13.518  -5.091  5.568   1.00 21.70 ? 18  ILE A O   1 
ATOM   30   C  CB  . ILE A 1 4   ? 11.851  -6.361  3.320   1.00 21.66 ? 18  ILE A CB  1 
ATOM   31   C  CG1 . ILE A 1 4   ? 11.614  -6.484  1.809   1.00 21.51 ? 18  ILE A CG1 1 
ATOM   32   C  CG2 . ILE A 1 4   ? 10.703  -6.982  4.113   1.00 21.32 ? 18  ILE A CG2 1 
ATOM   33   C  CD1 . ILE A 1 4   ? 10.378  -5.751  1.306   1.00 19.94 ? 18  ILE A CD1 1 
ATOM   34   N  N   . LEU A 1 5   ? 11.455  -4.379  6.040   1.00 22.03 ? 19  LEU A N   1 
ATOM   35   C  CA  . LEU A 1 5   ? 11.730  -4.255  7.468   1.00 22.97 ? 19  LEU A CA  1 
ATOM   36   C  C   . LEU A 1 5   ? 11.561  -5.522  8.298   1.00 21.99 ? 19  LEU A C   1 
ATOM   37   O  O   . LEU A 1 5   ? 12.313  -5.737  9.244   1.00 22.91 ? 19  LEU A O   1 
ATOM   38   C  CB  . LEU A 1 5   ? 10.866  -3.140  8.071   1.00 23.46 ? 19  LEU A CB  1 
ATOM   39   C  CG  . LEU A 1 5   ? 11.495  -1.747  8.023   1.00 26.31 ? 19  LEU A CG  1 
ATOM   40   C  CD1 . LEU A 1 5   ? 12.497  -1.644  6.876   1.00 28.40 ? 19  LEU A CD1 1 
ATOM   41   C  CD2 . LEU A 1 5   ? 10.391  -0.717  7.885   1.00 27.76 ? 19  LEU A CD2 1 
ATOM   42   N  N   . GLY A 1 6   ? 10.584  -6.357  7.959   1.00 20.83 ? 20  GLY A N   1 
ATOM   43   C  CA  . GLY A 1 6   ? 10.369  -7.576  8.725   1.00 21.04 ? 20  GLY A CA  1 
ATOM   44   C  C   . GLY A 1 6   ? 9.831   -8.743  7.918   1.00 21.19 ? 20  GLY A C   1 
ATOM   45   O  O   . GLY A 1 6   ? 9.725   -8.668  6.693   1.00 22.46 ? 20  GLY A O   1 
ATOM   46   N  N   . GLY A 1 7   ? 9.495   -9.832  8.599   1.00 20.61 ? 21  GLY A N   1 
ATOM   47   C  CA  . GLY A 1 7   ? 8.962   -10.984 7.903   1.00 19.93 ? 21  GLY A CA  1 
ATOM   48   C  C   . GLY A 1 7   ? 9.976   -11.783 7.106   1.00 20.18 ? 21  GLY A C   1 
ATOM   49   O  O   . GLY A 1 7   ? 11.181  -11.579 7.232   1.00 20.06 ? 21  GLY A O   1 
ATOM   50   N  N   . LYS A 1 8   ? 9.472   -12.690 6.273   1.00 19.76 ? 22  LYS A N   1 
ATOM   51   C  CA  . LYS A 1 8   ? 10.298  -13.569 5.458   1.00 22.62 ? 22  LYS A CA  1 
ATOM   52   C  C   . LYS A 1 8   ? 11.402  -12.939 4.612   1.00 21.98 ? 22  LYS A C   1 
ATOM   53   O  O   . LYS A 1 8   ? 12.405  -13.596 4.325   1.00 21.20 ? 22  LYS A O   1 
ATOM   54   C  CB  . LYS A 1 8   ? 9.397   -14.428 4.564   1.00 25.96 ? 22  LYS A CB  1 
ATOM   55   C  CG  . LYS A 1 8   ? 8.725   -15.572 5.318   1.00 31.49 ? 22  LYS A CG  1 
ATOM   56   C  CD  . LYS A 1 8   ? 7.623   -16.253 4.510   1.00 35.39 ? 22  LYS A CD  1 
ATOM   57   C  CE  . LYS A 1 8   ? 6.366   -15.387 4.446   1.00 38.39 ? 22  LYS A CE  1 
ATOM   58   N  NZ  . LYS A 1 8   ? 5.241   -16.041 3.712   1.00 41.04 ? 22  LYS A NZ  1 
ATOM   59   N  N   . ALA A 1 9   ? 11.233  -11.680 4.217   1.00 21.80 ? 23  ALA A N   1 
ATOM   60   C  CA  . ALA A 1 9   ? 12.236  -11.009 3.393   1.00 21.18 ? 23  ALA A CA  1 
ATOM   61   C  C   . ALA A 1 9   ? 12.982  -9.888  4.126   1.00 20.92 ? 23  ALA A C   1 
ATOM   62   O  O   . ALA A 1 9   ? 13.607  -9.030  3.502   1.00 19.44 ? 23  ALA A O   1 
ATOM   63   C  CB  . ALA A 1 9   ? 11.581  -10.463 2.129   1.00 21.41 ? 23  ALA A CB  1 
ATOM   64   N  N   . ARG A 1 10  ? 12.926  -9.917  5.454   1.00 22.02 ? 24  ARG A N   1 
ATOM   65   C  CA  . ARG A 1 10  ? 13.590  -8.926  6.299   1.00 22.32 ? 24  ARG A CA  1 
ATOM   66   C  C   . ARG A 1 10  ? 15.019  -8.608  5.876   1.00 22.63 ? 24  ARG A C   1 
ATOM   67   O  O   . ARG A 1 10  ? 15.863  -9.501  5.771   1.00 23.17 ? 24  ARG A O   1 
ATOM   68   C  CB  . ARG A 1 10  ? 13.586  -9.423  7.741   1.00 25.23 ? 24  ARG A CB  1 
ATOM   69   C  CG  . ARG A 1 10  ? 14.313  -8.549  8.747   1.00 28.03 ? 24  ARG A CG  1 
ATOM   70   C  CD  . ARG A 1 10  ? 14.058  -9.096  10.139  1.00 31.05 ? 24  ARG A CD  1 
ATOM   71   N  NE  . ARG A 1 10  ? 14.639  -8.293  11.210  1.00 35.27 ? 24  ARG A NE  1 
ATOM   72   C  CZ  . ARG A 1 10  ? 15.904  -8.371  11.604  1.00 39.00 ? 24  ARG A CZ  1 
ATOM   73   N  NH1 . ARG A 1 10  ? 16.741  -9.220  11.015  1.00 41.38 ? 24  ARG A NH1 1 
ATOM   74   N  NH2 . ARG A 1 10  ? 16.331  -7.603  12.597  1.00 40.73 ? 24  ARG A NH2 1 
ATOM   75   N  N   . GLY A 1 11  ? 15.282  -7.330  5.621   1.00 22.77 ? 25  GLY A N   1 
ATOM   76   C  CA  . GLY A 1 11  ? 16.615  -6.906  5.241   1.00 21.27 ? 25  GLY A CA  1 
ATOM   77   C  C   . GLY A 1 11  ? 16.921  -6.787  3.760   1.00 22.89 ? 25  GLY A C   1 
ATOM   78   O  O   . GLY A 1 11  ? 17.870  -6.103  3.386   1.00 24.14 ? 25  GLY A O   1 
ATOM   79   N  N   . VAL A 1 12  ? 16.136  -7.439  2.912   1.00 22.34 ? 26  VAL A N   1 
ATOM   80   C  CA  . VAL A 1 12  ? 16.382  -7.385  1.470   1.00 22.38 ? 26  VAL A CA  1 
ATOM   81   C  C   . VAL A 1 12  ? 16.203  -5.995  0.855   1.00 23.27 ? 26  VAL A C   1 
ATOM   82   O  O   . VAL A 1 12  ? 15.186  -5.328  1.064   1.00 21.23 ? 26  VAL A O   1 
ATOM   83   C  CB  . VAL A 1 12  ? 15.470  -8.386  0.714   1.00 21.98 ? 26  VAL A CB  1 
ATOM   84   C  CG1 . VAL A 1 12  ? 15.584  -8.169  -0.787  1.00 21.47 ? 26  VAL A CG1 1 
ATOM   85   C  CG2 . VAL A 1 12  ? 15.871  -9.813  1.063   1.00 21.84 ? 26  VAL A CG2 1 
ATOM   86   N  N   . ALA A 1 13  ? 17.201  -5.569  0.084   1.00 23.90 ? 27  ALA A N   1 
ATOM   87   C  CA  . ALA A 1 13  ? 17.175  -4.264  -0.567  1.00 24.11 ? 27  ALA A CA  1 
ATOM   88   C  C   . ALA A 1 13  ? 16.234  -4.275  -1.765  1.00 25.37 ? 27  ALA A C   1 
ATOM   89   O  O   . ALA A 1 13  ? 16.173  -5.246  -2.518  1.00 25.11 ? 27  ALA A O   1 
ATOM   90   C  CB  . ALA A 1 13  ? 18.580  -3.874  -1.017  1.00 23.41 ? 27  ALA A CB  1 
ATOM   91   N  N   . LEU A 1 14  ? 15.503  -3.188  -1.951  1.00 26.26 ? 28  LEU A N   1 
ATOM   92   C  CA  . LEU A 1 14  ? 14.584  -3.124  -3.067  1.00 28.02 ? 28  LEU A CA  1 
ATOM   93   C  C   . LEU A 1 14  ? 15.063  -2.112  -4.083  1.00 29.74 ? 28  LEU A C   1 
ATOM   94   O  O   . LEU A 1 14  ? 15.476  -1.017  -3.719  1.00 30.49 ? 28  LEU A O   1 
ATOM   95   C  CB  . LEU A 1 14  ? 13.185  -2.745  -2.576  1.00 27.52 ? 28  LEU A CB  1 
ATOM   96   C  CG  . LEU A 1 14  ? 12.548  -3.710  -1.570  1.00 26.75 ? 28  LEU A CG  1 
ATOM   97   C  CD1 . LEU A 1 14  ? 11.202  -3.172  -1.100  1.00 23.56 ? 28  LEU A CD1 1 
ATOM   98   C  CD2 . LEU A 1 14  ? 12.402  -5.081  -2.224  1.00 24.40 ? 28  LEU A CD2 1 
ATOM   99   N  N   . LYS A 1 15  ? 15.027  -2.485  -5.358  1.00 32.56 ? 29  LYS A N   1 
ATOM   100  C  CA  . LYS A 1 15  ? 15.432  -1.567  -6.409  1.00 37.83 ? 29  LYS A CA  1 
ATOM   101  C  C   . LYS A 1 15  ? 14.353  -0.485  -6.463  1.00 39.92 ? 29  LYS A C   1 
ATOM   102  O  O   . LYS A 1 15  ? 13.171  -0.797  -6.612  1.00 39.30 ? 29  LYS A O   1 
ATOM   103  C  CB  . LYS A 1 15  ? 15.506  -2.283  -7.764  1.00 40.29 ? 29  LYS A CB  1 
ATOM   104  C  CG  . LYS A 1 15  ? 16.544  -3.397  -7.874  1.00 44.80 ? 29  LYS A CG  1 
ATOM   105  C  CD  . LYS A 1 15  ? 16.556  -3.973  -9.300  1.00 47.39 ? 29  LYS A CD  1 
ATOM   106  C  CE  . LYS A 1 15  ? 17.616  -5.071  -9.512  1.00 49.10 ? 29  LYS A CE  1 
ATOM   107  N  NZ  . LYS A 1 15  ? 17.284  -6.396  -8.886  1.00 49.50 ? 29  LYS A NZ  1 
ATOM   108  N  N   . VAL A 1 16  ? 14.746  0.777   -6.326  1.00 43.85 ? 30  VAL A N   1 
ATOM   109  C  CA  . VAL A 1 16  ? 13.777  1.873   -6.372  1.00 48.35 ? 30  VAL A CA  1 
ATOM   110  C  C   . VAL A 1 16  ? 14.251  3.027   -7.252  1.00 51.12 ? 30  VAL A C   1 
ATOM   111  O  O   . VAL A 1 16  ? 15.288  3.635   -6.994  1.00 51.82 ? 30  VAL A O   1 
ATOM   112  C  CB  . VAL A 1 16  ? 13.478  2.414   -4.959  1.00 47.32 ? 30  VAL A CB  1 
ATOM   113  C  CG1 . VAL A 1 16  ? 12.905  1.308   -4.097  1.00 46.62 ? 30  VAL A CG1 1 
ATOM   114  C  CG2 . VAL A 1 16  ? 14.743  2.970   -4.333  1.00 48.66 ? 30  VAL A CG2 1 
ATOM   115  N  N   . PRO A 1 17  ? 13.483  3.352   -8.300  1.00 54.56 ? 31  PRO A N   1 
ATOM   116  C  CA  . PRO A 1 17  ? 13.834  4.440   -9.220  1.00 58.56 ? 31  PRO A CA  1 
ATOM   117  C  C   . PRO A 1 17  ? 14.040  5.771   -8.497  1.00 61.31 ? 31  PRO A C   1 
ATOM   118  O  O   . PRO A 1 17  ? 13.291  6.109   -7.580  1.00 62.07 ? 31  PRO A O   1 
ATOM   119  C  CB  . PRO A 1 17  ? 12.647  4.470   -10.182 1.00 58.01 ? 31  PRO A CB  1 
ATOM   120  C  CG  . PRO A 1 17  ? 11.510  4.059   -9.314  1.00 57.08 ? 31  PRO A CG  1 
ATOM   121  C  CD  . PRO A 1 17  ? 12.099  2.905   -8.529  1.00 55.91 ? 31  PRO A CD  1 
ATOM   122  N  N   . ALA A 1 18  ? 15.055  6.520   -8.916  1.00 64.24 ? 32  ALA A N   1 
ATOM   123  C  CA  . ALA A 1 18  ? 15.374  7.811   -8.305  1.00 67.35 ? 32  ALA A CA  1 
ATOM   124  C  C   . ALA A 1 18  ? 14.182  8.767   -8.302  1.00 69.01 ? 32  ALA A C   1 
ATOM   125  O  O   . ALA A 1 18  ? 14.267  9.873   -7.772  1.00 68.78 ? 32  ALA A O   1 
ATOM   126  C  CB  . ALA A 1 18  ? 16.553  8.456   -9.035  1.00 66.85 ? 32  ALA A CB  1 
ATOM   127  N  N   . SER A 1 19  ? 13.071  8.329   -8.883  1.00 71.58 ? 33  SER A N   1 
ATOM   128  C  CA  . SER A 1 19  ? 11.873  9.152   -8.959  1.00 74.06 ? 33  SER A CA  1 
ATOM   129  C  C   . SER A 1 19  ? 10.859  8.879   -7.843  1.00 74.98 ? 33  SER A C   1 
ATOM   130  O  O   . SER A 1 19  ? 9.683   9.220   -7.972  1.00 75.48 ? 33  SER A O   1 
ATOM   131  C  CB  . SER A 1 19  ? 11.204  8.948   -10.322 1.00 75.00 ? 33  SER A CB  1 
ATOM   132  O  OG  . SER A 1 19  ? 10.074  9.787   -10.477 1.00 76.94 ? 33  SER A OG  1 
ATOM   133  N  N   . ALA A 1 20  ? 11.309  8.280   -6.744  1.00 75.56 ? 34  ALA A N   1 
ATOM   134  C  CA  . ALA A 1 20  ? 10.406  7.973   -5.638  1.00 75.68 ? 34  ALA A CA  1 
ATOM   135  C  C   . ALA A 1 20  ? 10.626  8.855   -4.413  1.00 76.04 ? 34  ALA A C   1 
ATOM   136  O  O   . ALA A 1 20  ? 11.664  9.505   -4.278  1.00 76.04 ? 34  ALA A O   1 
ATOM   137  C  CB  . ALA A 1 20  ? 10.541  6.506   -5.252  1.00 76.36 ? 34  ALA A CB  1 
ATOM   138  N  N   . ARG A 1 21  ? 9.637   8.863   -3.522  1.00 76.32 ? 35  ARG A N   1 
ATOM   139  C  CA  . ARG A 1 21  ? 9.688   9.651   -2.292  1.00 76.49 ? 35  ARG A CA  1 
ATOM   140  C  C   . ARG A 1 21  ? 10.990  9.492   -1.501  1.00 75.54 ? 35  ARG A C   1 
ATOM   141  O  O   . ARG A 1 21  ? 11.628  10.482  -1.137  1.00 75.67 ? 35  ARG A O   1 
ATOM   142  C  CB  . ARG A 1 21  ? 8.488   9.302   -1.398  1.00 77.68 ? 35  ARG A CB  1 
ATOM   143  C  CG  . ARG A 1 21  ? 8.738   9.493   0.094   1.00 79.53 ? 35  ARG A CG  1 
ATOM   144  C  CD  . ARG A 1 21  ? 7.804   10.517  0.701   1.00 80.55 ? 35  ARG A CD  1 
ATOM   145  N  NE  . ARG A 1 21  ? 7.906   11.800  0.018   1.00 82.09 ? 35  ARG A NE  1 
ATOM   146  C  CZ  . ARG A 1 21  ? 7.384   12.931  0.477   1.00 83.55 ? 35  ARG A CZ  1 
ATOM   147  N  NH1 . ARG A 1 21  ? 6.725   12.936  1.628   1.00 84.22 ? 35  ARG A NH1 1 
ATOM   148  N  NH2 . ARG A 1 21  ? 7.518   14.056  -0.214  1.00 84.35 ? 35  ARG A NH2 1 
ATOM   149  N  N   . PRO A 1 22  ? 11.403  8.245   -1.216  1.00 74.46 ? 36  PRO A N   1 
ATOM   150  C  CA  . PRO A 1 22  ? 10.747  6.979   -1.573  1.00 72.74 ? 36  PRO A CA  1 
ATOM   151  C  C   . PRO A 1 22  ? 9.572   6.608   -0.658  1.00 70.93 ? 36  PRO A C   1 
ATOM   152  O  O   . PRO A 1 22  ? 8.461   6.362   -1.134  1.00 71.27 ? 36  PRO A O   1 
ATOM   153  C  CB  . PRO A 1 22  ? 11.890  5.974   -1.491  1.00 73.74 ? 36  PRO A CB  1 
ATOM   154  C  CG  . PRO A 1 22  ? 12.708  6.516   -0.348  1.00 75.00 ? 36  PRO A CG  1 
ATOM   155  C  CD  . PRO A 1 22  ? 12.743  8.000   -0.649  1.00 74.49 ? 36  PRO A CD  1 
ATOM   156  N  N   . SER A 1 23  ? 9.824   6.580   0.650   1.00 67.52 ? 37  SER A N   1 
ATOM   157  C  CA  . SER A 1 23  ? 8.804   6.239   1.648   1.00 63.96 ? 37  SER A CA  1 
ATOM   158  C  C   . SER A 1 23  ? 9.454   6.125   3.025   1.00 60.05 ? 37  SER A C   1 
ATOM   159  O  O   . SER A 1 23  ? 10.176  5.170   3.310   1.00 60.72 ? 37  SER A O   1 
ATOM   160  C  CB  . SER A 1 23  ? 8.120   4.912   1.295   1.00 64.75 ? 37  SER A CB  1 
ATOM   161  O  OG  . SER A 1 23  ? 7.234   4.505   2.325   1.00 63.66 ? 37  SER A OG  1 
ATOM   162  N  N   . PRO A 1 24  ? 9.184   7.096   3.902   1.00 55.75 ? 38  PRO A N   1 
ATOM   163  C  CA  . PRO A 1 24  ? 9.713   7.170   5.267   1.00 52.15 ? 38  PRO A CA  1 
ATOM   164  C  C   . PRO A 1 24  ? 9.760   5.846   6.024   1.00 48.25 ? 38  PRO A C   1 
ATOM   165  O  O   . PRO A 1 24  ? 8.761   5.136   6.125   1.00 47.34 ? 38  PRO A O   1 
ATOM   166  C  CB  . PRO A 1 24  ? 8.802   8.197   5.938   1.00 53.03 ? 38  PRO A CB  1 
ATOM   167  C  CG  . PRO A 1 24  ? 7.530   8.108   5.137   1.00 54.44 ? 38  PRO A CG  1 
ATOM   168  C  CD  . PRO A 1 24  ? 8.047   8.012   3.737   1.00 55.01 ? 38  PRO A CD  1 
ATOM   169  N  N   . VAL A 1 25  ? 10.935  5.531   6.559   1.00 44.28 ? 39  VAL A N   1 
ATOM   170  C  CA  . VAL A 1 25  ? 11.139  4.304   7.306   1.00 39.93 ? 39  VAL A CA  1 
ATOM   171  C  C   . VAL A 1 25  ? 10.359  4.227   8.612   1.00 37.56 ? 39  VAL A C   1 
ATOM   172  O  O   . VAL A 1 25  ? 9.791   3.180   8.914   1.00 36.84 ? 39  VAL A O   1 
ATOM   173  C  CB  . VAL A 1 25  ? 12.635  4.074   7.607   1.00 39.75 ? 39  VAL A CB  1 
ATOM   174  C  CG1 . VAL A 1 25  ? 12.799  2.930   8.587   1.00 38.76 ? 39  VAL A CG1 1 
ATOM   175  C  CG2 . VAL A 1 25  ? 13.365  3.740   6.323   1.00 40.33 ? 39  VAL A CG2 1 
ATOM   176  N  N   . ARG A 1 26  ? 10.314  5.299   9.402   1.00 34.62 ? 40  ARG A N   1 
ATOM   177  C  CA  . ARG A 1 26  ? 9.559   5.188   10.642  1.00 34.55 ? 40  ARG A CA  1 
ATOM   178  C  C   . ARG A 1 26  ? 8.064   5.095   10.373  1.00 32.90 ? 40  ARG A C   1 
ATOM   179  O  O   . ARG A 1 26  ? 7.304   4.584   11.193  1.00 31.51 ? 40  ARG A O   1 
ATOM   180  C  CB  . ARG A 1 26  ? 9.892   6.320   11.623  1.00 36.33 ? 40  ARG A CB  1 
ATOM   181  C  CG  . ARG A 1 26  ? 9.948   7.720   11.070  1.00 40.05 ? 40  ARG A CG  1 
ATOM   182  C  CD  . ARG A 1 26  ? 10.715  8.631   12.061  1.00 40.95 ? 40  ARG A CD  1 
ATOM   183  N  NE  . ARG A 1 26  ? 10.137  8.632   13.408  1.00 38.92 ? 40  ARG A NE  1 
ATOM   184  C  CZ  . ARG A 1 26  ? 9.065   9.335   13.775  1.00 37.75 ? 40  ARG A CZ  1 
ATOM   185  N  NH1 . ARG A 1 26  ? 8.437   10.111  12.901  1.00 34.66 ? 40  ARG A NH1 1 
ATOM   186  N  NH2 . ARG A 1 26  ? 8.617   9.260   15.023  1.00 36.73 ? 40  ARG A NH2 1 
ATOM   187  N  N   . LEU A 1 27  ? 7.661   5.563   9.198   1.00 31.11 ? 41  LEU A N   1 
ATOM   188  C  CA  . LEU A 1 27  ? 6.273   5.506   8.762   1.00 29.69 ? 41  LEU A CA  1 
ATOM   189  C  C   . LEU A 1 27  ? 5.939   4.025   8.526   1.00 28.57 ? 41  LEU A C   1 
ATOM   190  O  O   . LEU A 1 27  ? 5.077   3.457   9.200   1.00 26.70 ? 41  LEU A O   1 
ATOM   191  C  CB  . LEU A 1 27  ? 6.129   6.297   7.458   1.00 31.38 ? 41  LEU A CB  1 
ATOM   192  C  CG  . LEU A 1 27  ? 4.830   6.429   6.653   1.00 32.45 ? 41  LEU A CG  1 
ATOM   193  C  CD1 . LEU A 1 27  ? 4.303   5.059   6.230   1.00 31.21 ? 41  LEU A CD1 1 
ATOM   194  C  CD2 . LEU A 1 27  ? 3.816   7.173   7.466   1.00 32.60 ? 41  LEU A CD2 1 
ATOM   195  N  N   . ARG A 1 28  ? 6.632   3.406   7.572   1.00 25.92 ? 42  ARG A N   1 
ATOM   196  C  CA  . ARG A 1 28  ? 6.404   2.000   7.257   1.00 25.92 ? 42  ARG A CA  1 
ATOM   197  C  C   . ARG A 1 28  ? 6.510   1.129   8.495   1.00 25.13 ? 42  ARG A C   1 
ATOM   198  O  O   . ARG A 1 28  ? 5.653   0.275   8.744   1.00 25.48 ? 42  ARG A O   1 
ATOM   199  C  CB  . ARG A 1 28  ? 7.412   1.494   6.226   1.00 27.30 ? 42  ARG A CB  1 
ATOM   200  C  CG  . ARG A 1 28  ? 7.167   1.962   4.814   1.00 29.78 ? 42  ARG A CG  1 
ATOM   201  C  CD  . ARG A 1 28  ? 8.172   1.332   3.868   1.00 33.73 ? 42  ARG A CD  1 
ATOM   202  N  NE  . ARG A 1 28  ? 9.556   1.604   4.258   1.00 35.73 ? 42  ARG A NE  1 
ATOM   203  C  CZ  . ARG A 1 28  ? 10.540  0.722   4.131   1.00 36.28 ? 42  ARG A CZ  1 
ATOM   204  N  NH1 . ARG A 1 28  ? 10.283  -0.480  3.626   1.00 38.19 ? 42  ARG A NH1 1 
ATOM   205  N  NH2 . ARG A 1 28  ? 11.773  1.024   4.520   1.00 38.48 ? 42  ARG A NH2 1 
ATOM   206  N  N   . LYS A 1 29  ? 7.572   1.343   9.262   1.00 23.30 ? 43  LYS A N   1 
ATOM   207  C  CA  . LYS A 1 29  ? 7.789   0.573   10.475  1.00 22.63 ? 43  LYS A CA  1 
ATOM   208  C  C   . LYS A 1 29  ? 6.632   0.732   11.451  1.00 21.54 ? 43  LYS A C   1 
ATOM   209  O  O   . LYS A 1 29  ? 6.238   -0.235  12.105  1.00 20.06 ? 43  LYS A O   1 
ATOM   210  C  CB  . LYS A 1 29  ? 9.089   0.998   11.161  1.00 23.85 ? 43  LYS A CB  1 
ATOM   211  C  CG  . LYS A 1 29  ? 9.377   0.225   12.429  1.00 23.58 ? 43  LYS A CG  1 
ATOM   212  C  CD  . LYS A 1 29  ? 10.703  0.627   13.045  1.00 28.86 ? 43  LYS A CD  1 
ATOM   213  C  CE  . LYS A 1 29  ? 11.108  -0.339  14.175  1.00 29.84 ? 43  LYS A CE  1 
ATOM   214  N  NZ  . LYS A 1 29  ? 10.139  -0.347  15.308  1.00 29.03 ? 43  LYS A NZ  1 
ATOM   215  N  N   . ALA A 1 30  ? 6.085   1.940   11.555  1.00 20.88 ? 44  ALA A N   1 
ATOM   216  C  CA  . ALA A 1 30  ? 4.978   2.162   12.487  1.00 21.64 ? 44  ALA A CA  1 
ATOM   217  C  C   . ALA A 1 30  ? 3.692   1.533   11.971  1.00 20.68 ? 44  ALA A C   1 
ATOM   218  O  O   . ALA A 1 30  ? 2.983   0.859   12.716  1.00 22.64 ? 44  ALA A O   1 
ATOM   219  C  CB  . ALA A 1 30  ? 4.768   3.663   12.739  1.00 20.80 ? 44  ALA A CB  1 
ATOM   220  N  N   . LEU A 1 31  ? 3.395   1.744   10.697  1.00 19.51 ? 45  LEU A N   1 
ATOM   221  C  CA  . LEU A 1 31  ? 2.186   1.181   10.122  1.00 20.21 ? 45  LEU A CA  1 
ATOM   222  C  C   . LEU A 1 31  ? 2.090   -0.323  10.373  1.00 20.96 ? 45  LEU A C   1 
ATOM   223  O  O   . LEU A 1 31  ? 1.056   -0.817  10.820  1.00 22.80 ? 45  LEU A O   1 
ATOM   224  C  CB  . LEU A 1 31  ? 2.119   1.440   8.611   1.00 17.17 ? 45  LEU A CB  1 
ATOM   225  C  CG  . LEU A 1 31  ? 0.892   0.738   8.011   1.00 16.43 ? 45  LEU A CG  1 
ATOM   226  C  CD1 . LEU A 1 31  ? -0.364  1.255   8.698   1.00 14.08 ? 45  LEU A CD1 1 
ATOM   227  C  CD2 . LEU A 1 31  ? 0.816   0.955   6.520   1.00 13.42 ? 45  LEU A CD2 1 
ATOM   228  N  N   . PHE A 1 32  ? 3.165   -1.051  10.097  1.00 19.32 ? 46  PHE A N   1 
ATOM   229  C  CA  . PHE A 1 32  ? 3.137   -2.489  10.290  1.00 19.20 ? 46  PHE A CA  1 
ATOM   230  C  C   . PHE A 1 32  ? 3.200   -2.962  11.740  1.00 20.63 ? 46  PHE A C   1 
ATOM   231  O  O   . PHE A 1 32  ? 2.675   -4.033  12.054  1.00 20.99 ? 46  PHE A O   1 
ATOM   232  C  CB  . PHE A 1 32  ? 4.208   -3.141  9.410   1.00 18.68 ? 46  PHE A CB  1 
ATOM   233  C  CG  . PHE A 1 32  ? 3.835   -3.142  7.946   1.00 18.85 ? 46  PHE A CG  1 
ATOM   234  C  CD1 . PHE A 1 32  ? 2.899   -4.044  7.459   1.00 17.73 ? 46  PHE A CD1 1 
ATOM   235  C  CD2 . PHE A 1 32  ? 4.317   -2.169  7.089   1.00 17.82 ? 46  PHE A CD2 1 
ATOM   236  C  CE1 . PHE A 1 32  ? 2.444   -3.972  6.152   1.00 16.51 ? 46  PHE A CE1 1 
ATOM   237  C  CE2 . PHE A 1 32  ? 3.863   -2.094  5.777   1.00 19.47 ? 46  PHE A CE2 1 
ATOM   238  C  CZ  . PHE A 1 32  ? 2.921   -3.000  5.311   1.00 15.83 ? 46  PHE A CZ  1 
ATOM   239  N  N   . ASP A 1 33  ? 3.813   -2.181  12.629  1.00 21.43 ? 47  ASP A N   1 
ATOM   240  C  CA  . ASP A 1 33  ? 3.847   -2.573  14.037  1.00 23.60 ? 47  ASP A CA  1 
ATOM   241  C  C   . ASP A 1 33  ? 2.387   -2.642  14.453  1.00 25.19 ? 47  ASP A C   1 
ATOM   242  O  O   . ASP A 1 33  ? 1.968   -3.544  15.172  1.00 26.37 ? 47  ASP A O   1 
ATOM   243  C  CB  . ASP A 1 33  ? 4.521   -1.523  14.924  1.00 26.61 ? 47  ASP A CB  1 
ATOM   244  C  CG  . ASP A 1 33  ? 6.031   -1.542  14.836  1.00 27.59 ? 47  ASP A CG  1 
ATOM   245  O  OD1 . ASP A 1 33  ? 6.612   -2.545  14.368  1.00 26.69 ? 47  ASP A OD1 1 
ATOM   246  O  OD2 . ASP A 1 33  ? 6.632   -0.534  15.266  1.00 29.39 ? 47  ASP A OD2 1 
ATOM   247  N  N   . TYR A 1 34  ? 1.621   -1.666  13.983  1.00 26.13 ? 48  TYR A N   1 
ATOM   248  C  CA  . TYR A 1 34  ? 0.200   -1.577  14.282  1.00 27.28 ? 48  TYR A CA  1 
ATOM   249  C  C   . TYR A 1 34  ? -0.595  -2.682  13.597  1.00 27.21 ? 48  TYR A C   1 
ATOM   250  O  O   . TYR A 1 34  ? -1.409  -3.352  14.222  1.00 26.73 ? 48  TYR A O   1 
ATOM   251  C  CB  . TYR A 1 34  ? -0.337  -0.225  13.824  1.00 28.98 ? 48  TYR A CB  1 
ATOM   252  C  CG  . TYR A 1 34  ? -1.823  -0.076  14.027  1.00 32.87 ? 48  TYR A CG  1 
ATOM   253  C  CD1 . TYR A 1 34  ? -2.359  0.050   15.305  1.00 34.13 ? 48  TYR A CD1 1 
ATOM   254  C  CD2 . TYR A 1 34  ? -2.698  -0.097  12.948  1.00 32.15 ? 48  TYR A CD2 1 
ATOM   255  C  CE1 . TYR A 1 34  ? -3.719  0.150   15.504  1.00 34.11 ? 48  TYR A CE1 1 
ATOM   256  C  CE2 . TYR A 1 34  ? -4.062  0.002   13.139  1.00 34.47 ? 48  TYR A CE2 1 
ATOM   257  C  CZ  . TYR A 1 34  ? -4.565  0.124   14.419  1.00 36.09 ? 48  TYR A CZ  1 
ATOM   258  O  OH  . TYR A 1 34  ? -5.924  0.204   14.620  1.00 39.66 ? 48  TYR A OH  1 
ATOM   259  N  N   . LEU A 1 35  ? -0.350  -2.868  12.305  1.00 27.29 ? 49  LEU A N   1 
ATOM   260  C  CA  . LEU A 1 35  ? -1.056  -3.869  11.522  1.00 27.61 ? 49  LEU A CA  1 
ATOM   261  C  C   . LEU A 1 35  ? -0.920  -5.302  12.011  1.00 29.29 ? 49  LEU A C   1 
ATOM   262  O  O   . LEU A 1 35  ? -1.897  -6.046  12.000  1.00 29.90 ? 49  LEU A O   1 
ATOM   263  C  CB  . LEU A 1 35  ? -0.627  -3.782  10.057  1.00 26.62 ? 49  LEU A CB  1 
ATOM   264  C  CG  . LEU A 1 35  ? -1.567  -3.013  9.127   1.00 27.35 ? 49  LEU A CG  1 
ATOM   265  C  CD1 . LEU A 1 35  ? -2.314  -1.933  9.888   1.00 26.24 ? 49  LEU A CD1 1 
ATOM   266  C  CD2 . LEU A 1 35  ? -0.755  -2.419  7.989   1.00 25.79 ? 49  LEU A CD2 1 
ATOM   267  N  N   . ARG A 1 36  ? 0.270   -5.714  12.428  1.00 31.46 ? 50  ARG A N   1 
ATOM   268  C  CA  . ARG A 1 36  ? 0.400   -7.087  12.900  1.00 33.89 ? 50  ARG A CA  1 
ATOM   269  C  C   . ARG A 1 36  ? -0.223  -7.195  14.297  1.00 35.21 ? 50  ARG A C   1 
ATOM   270  O  O   . ARG A 1 36  ? -0.681  -8.257  14.712  1.00 35.37 ? 50  ARG A O   1 
ATOM   271  C  CB  . ARG A 1 36  ? 1.868   -7.534  12.899  1.00 33.94 ? 50  ARG A CB  1 
ATOM   272  C  CG  . ARG A 1 36  ? 2.725   -7.031  14.041  1.00 36.53 ? 50  ARG A CG  1 
ATOM   273  C  CD  . ARG A 1 36  ? 4.139   -7.630  13.941  1.00 37.39 ? 50  ARG A CD  1 
ATOM   274  N  NE  . ARG A 1 36  ? 4.883   -7.060  12.824  1.00 36.43 ? 50  ARG A NE  1 
ATOM   275  C  CZ  . ARG A 1 36  ? 5.559   -5.917  12.891  1.00 36.40 ? 50  ARG A CZ  1 
ATOM   276  N  NH1 . ARG A 1 36  ? 5.591   -5.237  14.027  1.00 37.99 ? 50  ARG A NH1 1 
ATOM   277  N  NH2 . ARG A 1 36  ? 6.183   -5.442  11.824  1.00 36.03 ? 50  ARG A NH2 1 
ATOM   278  N  N   . LEU A 1 37  ? -0.266  -6.075  15.007  1.00 35.64 ? 51  LEU A N   1 
ATOM   279  C  CA  . LEU A 1 37  ? -0.860  -6.047  16.334  1.00 36.51 ? 51  LEU A CA  1 
ATOM   280  C  C   . LEU A 1 37  ? -2.385  -6.121  16.202  1.00 35.93 ? 51  LEU A C   1 
ATOM   281  O  O   . LEU A 1 37  ? -3.056  -6.814  16.975  1.00 35.26 ? 51  LEU A O   1 
ATOM   282  C  CB  . LEU A 1 37  ? -0.458  -4.758  17.057  1.00 39.43 ? 51  LEU A CB  1 
ATOM   283  C  CG  . LEU A 1 37  ? -0.831  -4.575  18.531  1.00 42.17 ? 51  LEU A CG  1 
ATOM   284  C  CD1 . LEU A 1 37  ? -2.336  -4.394  18.694  1.00 44.53 ? 51  LEU A CD1 1 
ATOM   285  C  CD2 . LEU A 1 37  ? -0.346  -5.781  19.313  1.00 43.59 ? 51  LEU A CD2 1 
ATOM   286  N  N   . ARG A 1 38  ? -2.929  -5.418  15.211  1.00 33.21 ? 52  ARG A N   1 
ATOM   287  C  CA  . ARG A 1 38  ? -4.370  -5.395  15.008  1.00 31.56 ? 52  ARG A CA  1 
ATOM   288  C  C   . ARG A 1 38  ? -4.921  -6.549  14.182  1.00 30.42 ? 52  ARG A C   1 
ATOM   289  O  O   . ARG A 1 38  ? -6.089  -6.905  14.315  1.00 30.65 ? 52  ARG A O   1 
ATOM   290  C  CB  . ARG A 1 38  ? -4.792  -4.064  14.377  1.00 31.99 ? 52  ARG A CB  1 
ATOM   291  C  CG  . ARG A 1 38  ? -6.273  -4.002  14.022  1.00 34.49 ? 52  ARG A CG  1 
ATOM   292  C  CD  . ARG A 1 38  ? -6.795  -2.573  13.888  1.00 34.84 ? 52  ARG A CD  1 
ATOM   293  N  NE  . ARG A 1 38  ? -8.195  -2.577  13.468  1.00 37.02 ? 52  ARG A NE  1 
ATOM   294  C  CZ  . ARG A 1 38  ? -8.989  -1.513  13.455  1.00 35.09 ? 52  ARG A CZ  1 
ATOM   295  N  NH1 . ARG A 1 38  ? -8.534  -0.331  13.840  1.00 36.28 ? 52  ARG A NH1 1 
ATOM   296  N  NH2 . ARG A 1 38  ? -10.245 -1.634  13.057  1.00 35.07 ? 52  ARG A NH2 1 
ATOM   297  N  N   . TYR A 1 39  ? -4.080  -7.137  13.341  1.00 29.79 ? 53  TYR A N   1 
ATOM   298  C  CA  . TYR A 1 39  ? -4.495  -8.240  12.480  1.00 28.45 ? 53  TYR A CA  1 
ATOM   299  C  C   . TYR A 1 39  ? -3.516  -9.393  12.559  1.00 30.46 ? 53  TYR A C   1 
ATOM   300  O  O   . TYR A 1 39  ? -2.762  -9.654  11.621  1.00 30.07 ? 53  TYR A O   1 
ATOM   301  C  CB  . TYR A 1 39  ? -4.595  -7.759  11.039  1.00 26.28 ? 53  TYR A CB  1 
ATOM   302  C  CG  . TYR A 1 39  ? -5.621  -6.684  10.847  1.00 23.51 ? 53  TYR A CG  1 
ATOM   303  C  CD1 . TYR A 1 39  ? -6.978  -6.961  10.982  1.00 22.64 ? 53  TYR A CD1 1 
ATOM   304  C  CD2 . TYR A 1 39  ? -5.242  -5.390  10.535  1.00 22.78 ? 53  TYR A CD2 1 
ATOM   305  C  CE1 . TYR A 1 39  ? -7.936  -5.974  10.807  1.00 23.32 ? 53  TYR A CE1 1 
ATOM   306  C  CE2 . TYR A 1 39  ? -6.192  -4.391  10.356  1.00 25.43 ? 53  TYR A CE2 1 
ATOM   307  C  CZ  . TYR A 1 39  ? -7.539  -4.690  10.494  1.00 24.57 ? 53  TYR A CZ  1 
ATOM   308  O  OH  . TYR A 1 39  ? -8.479  -3.699  10.319  1.00 24.22 ? 53  TYR A OH  1 
ATOM   309  N  N   . PRO A 1 40  ? -3.514  -10.101 13.689  1.00 32.39 ? 54  PRO A N   1 
ATOM   310  C  CA  . PRO A 1 40  ? -2.613  -11.236 13.881  1.00 33.11 ? 54  PRO A CA  1 
ATOM   311  C  C   . PRO A 1 40  ? -2.924  -12.375 12.922  1.00 34.57 ? 54  PRO A C   1 
ATOM   312  O  O   . PRO A 1 40  ? -2.088  -13.236 12.674  1.00 36.42 ? 54  PRO A O   1 
ATOM   313  C  CB  . PRO A 1 40  ? -2.843  -11.608 15.338  1.00 34.70 ? 54  PRO A CB  1 
ATOM   314  C  CG  . PRO A 1 40  ? -4.297  -11.210 15.562  1.00 35.47 ? 54  PRO A CG  1 
ATOM   315  C  CD  . PRO A 1 40  ? -4.365  -9.882  14.873  1.00 33.17 ? 54  PRO A CD  1 
ATOM   316  N  N   . ARG A 1 41  ? -4.128  -12.371 12.370  1.00 35.51 ? 55  ARG A N   1 
ATOM   317  C  CA  . ARG A 1 41  ? -4.521  -13.419 11.443  1.00 36.25 ? 55  ARG A CA  1 
ATOM   318  C  C   . ARG A 1 41  ? -4.268  -12.936 10.023  1.00 34.75 ? 55  ARG A C   1 
ATOM   319  O  O   . ARG A 1 41  ? -4.544  -13.640 9.053   1.00 34.59 ? 55  ARG A O   1 
ATOM   320  C  CB  . ARG A 1 41  ? -6.001  -13.756 11.638  1.00 40.64 ? 55  ARG A CB  1 
ATOM   321  C  CG  . ARG A 1 41  ? -6.464  -14.999 10.914  1.00 46.24 ? 55  ARG A CG  1 
ATOM   322  C  CD  . ARG A 1 41  ? -5.644  -16.202 11.333  1.00 52.09 ? 55  ARG A CD  1 
ATOM   323  N  NE  . ARG A 1 41  ? -6.119  -17.435 10.711  1.00 57.12 ? 55  ARG A NE  1 
ATOM   324  C  CZ  . ARG A 1 41  ? -5.521  -18.617 10.848  1.00 59.90 ? 55  ARG A CZ  1 
ATOM   325  N  NH1 . ARG A 1 41  ? -4.421  -18.725 11.587  1.00 61.17 ? 55  ARG A NH1 1 
ATOM   326  N  NH2 . ARG A 1 41  ? -6.025  -19.693 10.251  1.00 60.08 ? 55  ARG A NH2 1 
ATOM   327  N  N   . ARG A 1 42  ? -3.742  -11.719 9.913   1.00 32.51 ? 56  ARG A N   1 
ATOM   328  C  CA  . ARG A 1 42  ? -3.427  -11.121 8.621   1.00 28.81 ? 56  ARG A CA  1 
ATOM   329  C  C   . ARG A 1 42  ? -4.627  -11.040 7.705   1.00 27.30 ? 56  ARG A C   1 
ATOM   330  O  O   . ARG A 1 42  ? -5.710  -10.635 8.115   1.00 27.45 ? 56  ARG A O   1 
ATOM   331  C  CB  . ARG A 1 42  ? -2.315  -11.912 7.924   1.00 27.62 ? 56  ARG A CB  1 
ATOM   332  C  CG  . ARG A 1 42  ? -0.996  -11.944 8.688   1.00 27.15 ? 56  ARG A CG  1 
ATOM   333  C  CD  . ARG A 1 42  ? -0.365  -10.552 8.828   1.00 25.28 ? 56  ARG A CD  1 
ATOM   334  N  NE  . ARG A 1 42  ? 0.895   -10.619 9.563   1.00 26.80 ? 56  ARG A NE  1 
ATOM   335  C  CZ  . ARG A 1 42  ? 0.994   -10.676 10.892  1.00 28.89 ? 56  ARG A CZ  1 
ATOM   336  N  NH1 . ARG A 1 42  ? -0.097  -10.659 11.647  1.00 30.19 ? 56  ARG A NH1 1 
ATOM   337  N  NH2 . ARG A 1 42  ? 2.184   -10.787 11.468  1.00 27.64 ? 56  ARG A NH2 1 
ATOM   338  N  N   . GLY A 1 43  ? -4.422  -11.429 6.453   1.00 27.25 ? 57  GLY A N   1 
ATOM   339  C  CA  . GLY A 1 43  ? -5.487  -11.380 5.467   1.00 26.92 ? 57  GLY A CA  1 
ATOM   340  C  C   . GLY A 1 43  ? -4.968  -10.837 4.147   1.00 26.12 ? 57  GLY A C   1 
ATOM   341  O  O   . GLY A 1 43  ? -3.766  -10.883 3.886   1.00 26.94 ? 57  GLY A O   1 
ATOM   342  N  N   . ARG A 1 44  ? -5.864  -10.327 3.309   1.00 24.00 ? 58  ARG A N   1 
ATOM   343  C  CA  . ARG A 1 44  ? -5.456  -9.780  2.024   1.00 22.47 ? 58  ARG A CA  1 
ATOM   344  C  C   . ARG A 1 44  ? -5.167  -8.277  2.118   1.00 21.39 ? 58  ARG A C   1 
ATOM   345  O  O   . ARG A 1 44  ? -5.935  -7.516  2.710   1.00 20.34 ? 58  ARG A O   1 
ATOM   346  C  CB  . ARG A 1 44  ? -6.527  -10.063 0.972   1.00 22.02 ? 58  ARG A CB  1 
ATOM   347  C  CG  . ARG A 1 44  ? -6.754  -11.550 0.720   1.00 25.24 ? 58  ARG A CG  1 
ATOM   348  C  CD  . ARG A 1 44  ? -6.836  -11.840 -0.779  1.00 25.32 ? 58  ARG A CD  1 
ATOM   349  N  NE  . ARG A 1 44  ? -7.821  -10.970 -1.403  1.00 26.81 ? 58  ARG A NE  1 
ATOM   350  C  CZ  . ARG A 1 44  ? -7.899  -10.716 -2.701  1.00 25.29 ? 58  ARG A CZ  1 
ATOM   351  N  NH1 . ARG A 1 44  ? -7.045  -11.270 -3.553  1.00 23.79 ? 58  ARG A NH1 1 
ATOM   352  N  NH2 . ARG A 1 44  ? -8.827  -9.880  -3.139  1.00 25.43 ? 58  ARG A NH2 1 
ATOM   353  N  N   . PHE A 1 45  ? -4.046  -7.875  1.517   1.00 19.70 ? 59  PHE A N   1 
ATOM   354  C  CA  . PHE A 1 45  ? -3.565  -6.497  1.521   1.00 16.92 ? 59  PHE A CA  1 
ATOM   355  C  C   . PHE A 1 45  ? -3.569  -5.949  0.093   1.00 16.60 ? 59  PHE A C   1 
ATOM   356  O  O   . PHE A 1 45  ? -3.034  -6.570  -0.814  1.00 18.03 ? 59  PHE A O   1 
ATOM   357  C  CB  . PHE A 1 45  ? -2.147  -6.485  2.120   1.00 13.13 ? 59  PHE A CB  1 
ATOM   358  C  CG  . PHE A 1 45  ? -1.591  -5.109  2.395   1.00 10.62 ? 59  PHE A CG  1 
ATOM   359  C  CD1 . PHE A 1 45  ? -1.016  -4.357  1.386   1.00 9.19  ? 59  PHE A CD1 1 
ATOM   360  C  CD2 . PHE A 1 45  ? -1.619  -4.585  3.675   1.00 10.62 ? 59  PHE A CD2 1 
ATOM   361  C  CE1 . PHE A 1 45  ? -0.479  -3.119  1.649   1.00 8.99  ? 59  PHE A CE1 1 
ATOM   362  C  CE2 . PHE A 1 45  ? -1.083  -3.343  3.952   1.00 7.32  ? 59  PHE A CE2 1 
ATOM   363  C  CZ  . PHE A 1 45  ? -0.512  -2.610  2.940   1.00 11.08 ? 59  PHE A CZ  1 
ATOM   364  N  N   . LEU A 1 46  ? -4.173  -4.781  -0.094  1.00 17.28 ? 60  LEU A N   1 
ATOM   365  C  CA  . LEU A 1 46  ? -4.281  -4.153  -1.409  1.00 18.04 ? 60  LEU A CA  1 
ATOM   366  C  C   . LEU A 1 46  ? -3.399  -2.913  -1.458  1.00 18.59 ? 60  LEU A C   1 
ATOM   367  O  O   . LEU A 1 46  ? -3.503  -2.034  -0.602  1.00 19.55 ? 60  LEU A O   1 
ATOM   368  C  CB  . LEU A 1 46  ? -5.743  -3.749  -1.670  1.00 17.22 ? 60  LEU A CB  1 
ATOM   369  C  CG  . LEU A 1 46  ? -6.278  -3.533  -3.102  1.00 19.21 ? 60  LEU A CG  1 
ATOM   370  C  CD1 . LEU A 1 46  ? -7.144  -2.280  -3.166  1.00 12.71 ? 60  LEU A CD1 1 
ATOM   371  C  CD2 . LEU A 1 46  ? -5.125  -3.421  -4.084  1.00 17.91 ? 60  LEU A CD2 1 
ATOM   372  N  N   . ASP A 1 47  ? -2.528  -2.832  -2.452  1.00 18.81 ? 61  ASP A N   1 
ATOM   373  C  CA  . ASP A 1 47  ? -1.649  -1.672  -2.562  1.00 21.34 ? 61  ASP A CA  1 
ATOM   374  C  C   . ASP A 1 47  ? -1.676  -1.048  -3.945  1.00 21.69 ? 61  ASP A C   1 
ATOM   375  O  O   . ASP A 1 47  ? -0.846  -1.358  -4.797  1.00 23.54 ? 61  ASP A O   1 
ATOM   376  C  CB  . ASP A 1 47  ? -0.212  -2.047  -2.186  1.00 22.64 ? 61  ASP A CB  1 
ATOM   377  C  CG  . ASP A 1 47  ? 0.779   -0.895  -2.390  1.00 26.64 ? 61  ASP A CG  1 
ATOM   378  O  OD1 . ASP A 1 47  ? 0.357   0.281   -2.420  1.00 29.38 ? 61  ASP A OD1 1 
ATOM   379  O  OD2 . ASP A 1 47  ? 1.996   -1.165  -2.507  1.00 29.08 ? 61  ASP A OD2 1 
ATOM   380  N  N   . PRO A 1 48  ? -2.655  -0.172  -4.190  1.00 22.19 ? 62  PRO A N   1 
ATOM   381  C  CA  . PRO A 1 48  ? -2.815  0.526   -5.473  1.00 23.43 ? 62  PRO A CA  1 
ATOM   382  C  C   . PRO A 1 48  ? -1.775  1.644   -5.450  1.00 23.06 ? 62  PRO A C   1 
ATOM   383  O  O   . PRO A 1 48  ? -1.500  2.212   -4.391  1.00 22.26 ? 62  PRO A O   1 
ATOM   384  C  CB  . PRO A 1 48  ? -4.242  1.055   -5.400  1.00 24.11 ? 62  PRO A CB  1 
ATOM   385  C  CG  . PRO A 1 48  ? -4.385  1.378   -3.927  1.00 24.88 ? 62  PRO A CG  1 
ATOM   386  C  CD  . PRO A 1 48  ? -3.701  0.219   -3.228  1.00 22.89 ? 62  PRO A CD  1 
ATOM   387  N  N   . PHE A 1 49  ? -1.193  1.947   -6.604  1.00 23.36 ? 63  PHE A N   1 
ATOM   388  C  CA  . PHE A 1 49  ? -0.152  2.971   -6.691  1.00 23.04 ? 63  PHE A CA  1 
ATOM   389  C  C   . PHE A 1 49  ? 1.121   2.442   -6.074  1.00 22.72 ? 63  PHE A C   1 
ATOM   390  O  O   . PHE A 1 49  ? 1.930   3.200   -5.551  1.00 21.06 ? 63  PHE A O   1 
ATOM   391  C  CB  . PHE A 1 49  ? -0.549  4.258   -5.970  1.00 21.82 ? 63  PHE A CB  1 
ATOM   392  C  CG  . PHE A 1 49  ? -1.536  5.076   -6.719  1.00 22.03 ? 63  PHE A CG  1 
ATOM   393  C  CD1 . PHE A 1 49  ? -2.805  5.287   -6.215  1.00 21.83 ? 63  PHE A CD1 1 
ATOM   394  C  CD2 . PHE A 1 49  ? -1.200  5.629   -7.944  1.00 23.41 ? 63  PHE A CD2 1 
ATOM   395  C  CE1 . PHE A 1 49  ? -3.727  6.035   -6.917  1.00 23.84 ? 63  PHE A CE1 1 
ATOM   396  C  CE2 . PHE A 1 49  ? -2.113  6.379   -8.651  1.00 22.28 ? 63  PHE A CE2 1 
ATOM   397  C  CZ  . PHE A 1 49  ? -3.379  6.583   -8.138  1.00 24.53 ? 63  PHE A CZ  1 
ATOM   398  N  N   . ALA A 1 50  ? 1.287   1.129   -6.117  1.00 25.20 ? 64  ALA A N   1 
ATOM   399  C  CA  . ALA A 1 50  ? 2.494   0.531   -5.584  1.00 27.68 ? 64  ALA A CA  1 
ATOM   400  C  C   . ALA A 1 50  ? 3.573   1.095   -6.495  1.00 30.03 ? 64  ALA A C   1 
ATOM   401  O  O   . ALA A 1 50  ? 3.279   1.514   -7.612  1.00 33.85 ? 64  ALA A O   1 
ATOM   402  C  CB  . ALA A 1 50  ? 2.425   -0.978  -5.711  1.00 25.45 ? 64  ALA A CB  1 
ATOM   403  N  N   . GLY A 1 51  ? 4.809   1.152   -6.038  1.00 29.38 ? 65  GLY A N   1 
ATOM   404  C  CA  . GLY A 1 51  ? 5.840   1.666   -6.925  1.00 28.11 ? 65  GLY A CA  1 
ATOM   405  C  C   . GLY A 1 51  ? 6.738   0.486   -7.199  1.00 28.76 ? 65  GLY A C   1 
ATOM   406  O  O   . GLY A 1 51  ? 6.362   -0.444  -7.917  1.00 27.18 ? 65  GLY A O   1 
ATOM   407  N  N   . SER A 1 52  ? 7.927   0.518   -6.612  1.00 29.48 ? 66  SER A N   1 
ATOM   408  C  CA  . SER A 1 52  ? 8.855   -0.587  -6.742  1.00 30.47 ? 66  SER A CA  1 
ATOM   409  C  C   . SER A 1 52  ? 8.250   -1.654  -5.834  1.00 30.60 ? 66  SER A C   1 
ATOM   410  O  O   . SER A 1 52  ? 8.654   -2.813  -5.870  1.00 31.56 ? 66  SER A O   1 
ATOM   411  C  CB  . SER A 1 52  ? 10.230  -0.190  -6.223  1.00 32.73 ? 66  SER A CB  1 
ATOM   412  O  OG  . SER A 1 52  ? 10.686  0.991   -6.854  1.00 38.76 ? 66  SER A OG  1 
ATOM   413  N  N   . GLY A 1 53  ? 7.282   -1.232  -5.013  1.00 28.79 ? 67  GLY A N   1 
ATOM   414  C  CA  . GLY A 1 53  ? 6.593   -2.138  -4.109  1.00 27.14 ? 67  GLY A CA  1 
ATOM   415  C  C   . GLY A 1 53  ? 6.955   -2.095  -2.629  1.00 25.69 ? 67  GLY A C   1 
ATOM   416  O  O   . GLY A 1 53  ? 6.623   -3.023  -1.888  1.00 26.02 ? 67  GLY A O   1 
ATOM   417  N  N   . ALA A 1 54  ? 7.598   -1.021  -2.183  1.00 22.46 ? 68  ALA A N   1 
ATOM   418  C  CA  . ALA A 1 54  ? 8.013   -0.917  -0.785  1.00 22.10 ? 68  ALA A CA  1 
ATOM   419  C  C   . ALA A 1 54  ? 6.973   -1.369  0.243   1.00 22.40 ? 68  ALA A C   1 
ATOM   420  O  O   . ALA A 1 54  ? 7.239   -2.242  1.070   1.00 23.36 ? 68  ALA A O   1 
ATOM   421  C  CB  . ALA A 1 54  ? 8.453   0.501   -0.480  1.00 18.23 ? 68  ALA A CB  1 
ATOM   422  N  N   . VAL A 1 55  ? 5.782   -0.789  0.190   1.00 22.99 ? 69  VAL A N   1 
ATOM   423  C  CA  . VAL A 1 55  ? 4.752   -1.142  1.153   1.00 22.39 ? 69  VAL A CA  1 
ATOM   424  C  C   . VAL A 1 55  ? 4.070   -2.482  0.873   1.00 20.35 ? 69  VAL A C   1 
ATOM   425  O  O   . VAL A 1 55  ? 3.904   -3.296  1.780   1.00 20.98 ? 69  VAL A O   1 
ATOM   426  C  CB  . VAL A 1 55  ? 3.699   0.000   1.271   1.00 22.89 ? 69  VAL A CB  1 
ATOM   427  C  CG1 . VAL A 1 55  ? 3.075   0.287   -0.095  1.00 26.10 ? 69  VAL A CG1 1 
ATOM   428  C  CG2 . VAL A 1 55  ? 2.633   -0.378  2.296   1.00 22.85 ? 69  VAL A CG2 1 
ATOM   429  N  N   . GLY A 1 56  ? 3.695   -2.727  -0.376  1.00 20.48 ? 70  GLY A N   1 
ATOM   430  C  CA  . GLY A 1 56  ? 3.047   -3.984  -0.706  1.00 21.13 ? 70  GLY A CA  1 
ATOM   431  C  C   . GLY A 1 56  ? 3.932   -5.212  -0.482  1.00 23.02 ? 70  GLY A C   1 
ATOM   432  O  O   . GLY A 1 56  ? 3.444   -6.283  -0.100  1.00 23.17 ? 70  GLY A O   1 
ATOM   433  N  N   . LEU A 1 57  ? 5.230   -5.079  -0.740  1.00 20.80 ? 71  LEU A N   1 
ATOM   434  C  CA  . LEU A 1 57  ? 6.137   -6.201  -0.542  1.00 21.27 ? 71  LEU A CA  1 
ATOM   435  C  C   . LEU A 1 57  ? 6.383   -6.422  0.947   1.00 22.05 ? 71  LEU A C   1 
ATOM   436  O  O   . LEU A 1 57  ? 6.646   -7.549  1.389   1.00 18.38 ? 71  LEU A O   1 
ATOM   437  C  CB  . LEU A 1 57  ? 7.458   -5.957  -1.271  1.00 19.35 ? 71  LEU A CB  1 
ATOM   438  C  CG  . LEU A 1 57  ? 7.344   -6.043  -2.797  1.00 22.80 ? 71  LEU A CG  1 
ATOM   439  C  CD1 . LEU A 1 57  ? 8.693   -5.755  -3.454  1.00 23.41 ? 71  LEU A CD1 1 
ATOM   440  C  CD2 . LEU A 1 57  ? 6.857   -7.439  -3.178  1.00 21.37 ? 71  LEU A CD2 1 
ATOM   441  N  N   . GLU A 1 58  ? 6.300   -5.340  1.719   1.00 21.19 ? 72  GLU A N   1 
ATOM   442  C  CA  . GLU A 1 58  ? 6.493   -5.433  3.156   1.00 20.75 ? 72  GLU A CA  1 
ATOM   443  C  C   . GLU A 1 58  ? 5.342   -6.273  3.702   1.00 21.15 ? 72  GLU A C   1 
ATOM   444  O  O   . GLU A 1 58  ? 5.539   -7.138  4.551   1.00 22.31 ? 72  GLU A O   1 
ATOM   445  C  CB  . GLU A 1 58  ? 6.478   -4.042  3.784   1.00 19.78 ? 72  GLU A CB  1 
ATOM   446  C  CG  . GLU A 1 58  ? 6.667   -4.027  5.295   1.00 20.30 ? 72  GLU A CG  1 
ATOM   447  C  CD  . GLU A 1 58  ? 8.078   -4.405  5.724   1.00 21.67 ? 72  GLU A CD  1 
ATOM   448  O  OE1 . GLU A 1 58  ? 9.044   -3.957  5.069   1.00 21.81 ? 72  GLU A OE1 1 
ATOM   449  O  OE2 . GLU A 1 58  ? 8.221   -5.137  6.724   1.00 20.09 ? 72  GLU A OE2 1 
ATOM   450  N  N   . ALA A 1 59  ? 4.139   -6.019  3.204   1.00 20.07 ? 73  ALA A N   1 
ATOM   451  C  CA  . ALA A 1 59  ? 2.970   -6.775  3.642   1.00 20.31 ? 73  ALA A CA  1 
ATOM   452  C  C   . ALA A 1 59  ? 3.158   -8.250  3.291   1.00 20.50 ? 73  ALA A C   1 
ATOM   453  O  O   . ALA A 1 59  ? 2.912   -9.129  4.117   1.00 21.01 ? 73  ALA A O   1 
ATOM   454  C  CB  . ALA A 1 59  ? 1.698   -6.232  2.972   1.00 19.00 ? 73  ALA A CB  1 
ATOM   455  N  N   . ALA A 1 60  ? 3.597   -8.513  2.065   1.00 18.74 ? 74  ALA A N   1 
ATOM   456  C  CA  . ALA A 1 60  ? 3.810   -9.880  1.623   1.00 19.85 ? 74  ALA A CA  1 
ATOM   457  C  C   . ALA A 1 60  ? 4.820   -10.564 2.519   1.00 21.55 ? 74  ALA A C   1 
ATOM   458  O  O   . ALA A 1 60  ? 4.619   -11.696 2.948   1.00 25.71 ? 74  ALA A O   1 
ATOM   459  C  CB  . ALA A 1 60  ? 4.296   -9.895  0.193   1.00 18.86 ? 74  ALA A CB  1 
ATOM   460  N  N   . SER A 1 61  ? 5.907   -9.865  2.814   1.00 22.98 ? 75  SER A N   1 
ATOM   461  C  CA  . SER A 1 61  ? 6.951   -10.416 3.656   1.00 22.21 ? 75  SER A CA  1 
ATOM   462  C  C   . SER A 1 61  ? 6.440   -10.710 5.051   1.00 22.84 ? 75  SER A C   1 
ATOM   463  O  O   . SER A 1 61  ? 6.982   -11.561 5.752   1.00 23.07 ? 75  SER A O   1 
ATOM   464  C  CB  . SER A 1 61  ? 8.127   -9.443  3.752   1.00 22.29 ? 75  SER A CB  1 
ATOM   465  O  OG  . SER A 1 61  ? 9.131   -9.949  4.616   1.00 20.34 ? 75  SER A OG  1 
ATOM   466  N  N   . GLU A 1 62  ? 5.391   -10.011 5.457   1.00 22.14 ? 76  GLU A N   1 
ATOM   467  C  CA  . GLU A 1 62  ? 4.874   -10.211 6.794   1.00 22.04 ? 76  GLU A CA  1 
ATOM   468  C  C   . GLU A 1 62  ? 3.684   -11.142 6.888   1.00 21.30 ? 76  GLU A C   1 
ATOM   469  O  O   . GLU A 1 62  ? 2.996   -11.169 7.902   1.00 20.42 ? 76  GLU A O   1 
ATOM   470  C  CB  . GLU A 1 62  ? 4.569   -8.858  7.447   1.00 23.23 ? 76  GLU A CB  1 
ATOM   471  C  CG  . GLU A 1 62  ? 5.845   -8.128  7.858   1.00 23.00 ? 76  GLU A CG  1 
ATOM   472  C  CD  . GLU A 1 62  ? 5.597   -6.812  8.568   1.00 25.97 ? 76  GLU A CD  1 
ATOM   473  O  OE1 . GLU A 1 62  ? 4.717   -6.747  9.458   1.00 23.20 ? 76  GLU A OE1 1 
ATOM   474  O  OE2 . GLU A 1 62  ? 6.311   -5.840  8.244   1.00 28.15 ? 76  GLU A OE2 1 
ATOM   475  N  N   . GLY A 1 63  ? 3.454   -11.914 5.834   1.00 21.62 ? 77  GLY A N   1 
ATOM   476  C  CA  . GLY A 1 63  ? 2.363   -12.869 5.853   1.00 22.51 ? 77  GLY A CA  1 
ATOM   477  C  C   . GLY A 1 63  ? 1.039   -12.470 5.234   1.00 23.72 ? 77  GLY A C   1 
ATOM   478  O  O   . GLY A 1 63  ? 0.077   -13.233 5.307   1.00 25.36 ? 77  GLY A O   1 
ATOM   479  N  N   . TRP A 1 64  ? 0.965   -11.286 4.637   1.00 24.11 ? 78  TRP A N   1 
ATOM   480  C  CA  . TRP A 1 64  ? -0.272  -10.851 3.993   1.00 23.39 ? 78  TRP A CA  1 
ATOM   481  C  C   . TRP A 1 64  ? -0.321  -11.393 2.577   1.00 23.48 ? 78  TRP A C   1 
ATOM   482  O  O   . TRP A 1 64  ? 0.717   -11.685 1.988   1.00 22.02 ? 78  TRP A O   1 
ATOM   483  C  CB  . TRP A 1 64  ? -0.340  -9.330  3.905   1.00 23.87 ? 78  TRP A CB  1 
ATOM   484  C  CG  . TRP A 1 64  ? -0.467  -8.653  5.208   1.00 22.89 ? 78  TRP A CG  1 
ATOM   485  C  CD1 . TRP A 1 64  ? 0.537   -8.335  6.074   1.00 24.04 ? 78  TRP A CD1 1 
ATOM   486  C  CD2 . TRP A 1 64  ? -1.683  -8.250  5.831   1.00 21.11 ? 78  TRP A CD2 1 
ATOM   487  N  NE1 . TRP A 1 64  ? 0.014   -7.752  7.208   1.00 23.98 ? 78  TRP A NE1 1 
ATOM   488  C  CE2 . TRP A 1 64  ? -1.350  -7.694  7.080   1.00 22.89 ? 78  TRP A CE2 1 
ATOM   489  C  CE3 . TRP A 1 64  ? -3.024  -8.310  5.456   1.00 20.14 ? 78  TRP A CE3 1 
ATOM   490  C  CZ2 . TRP A 1 64  ? -2.313  -7.205  7.954   1.00 23.19 ? 78  TRP A CZ2 1 
ATOM   491  C  CZ3 . TRP A 1 64  ? -3.975  -7.826  6.323   1.00 21.01 ? 78  TRP A CZ3 1 
ATOM   492  C  CH2 . TRP A 1 64  ? -3.619  -7.281  7.557   1.00 20.98 ? 78  TRP A CH2 1 
ATOM   493  N  N   . GLU A 1 65  ? -1.528  -11.535 2.041   1.00 23.63 ? 79  GLU A N   1 
ATOM   494  C  CA  . GLU A 1 65  ? -1.713  -11.980 0.661   1.00 24.72 ? 79  GLU A CA  1 
ATOM   495  C  C   . GLU A 1 65  ? -1.820  -10.629 -0.057  1.00 24.13 ? 79  GLU A C   1 
ATOM   496  O  O   . GLU A 1 65  ? -2.885  -10.008 -0.098  1.00 22.89 ? 79  GLU A O   1 
ATOM   497  C  CB  . GLU A 1 65  ? -3.018  -12.769 0.516   1.00 27.47 ? 79  GLU A CB  1 
ATOM   498  C  CG  . GLU A 1 65  ? -3.128  -13.531 -0.799  1.00 33.66 ? 79  GLU A CG  1 
ATOM   499  C  CD  . GLU A 1 65  ? -4.504  -14.155 -1.021  1.00 35.53 ? 79  GLU A CD  1 
ATOM   500  O  OE1 . GLU A 1 65  ? -5.045  -14.759 -0.066  1.00 36.59 ? 79  GLU A OE1 1 
ATOM   501  O  OE2 . GLU A 1 65  ? -5.029  -14.049 -2.155  1.00 33.15 ? 79  GLU A OE2 1 
ATOM   502  N  N   . ALA A 1 66  ? -0.706  -10.168 -0.606  1.00 22.02 ? 80  ALA A N   1 
ATOM   503  C  CA  . ALA A 1 66  ? -0.663  -8.860  -1.234  1.00 19.94 ? 80  ALA A CA  1 
ATOM   504  C  C   . ALA A 1 66  ? -0.978  -8.757  -2.716  1.00 19.01 ? 80  ALA A C   1 
ATOM   505  O  O   . ALA A 1 66  ? -0.567  -9.581  -3.519  1.00 19.62 ? 80  ALA A O   1 
ATOM   506  C  CB  . ALA A 1 66  ? 0.693   -8.221  -0.960  1.00 19.92 ? 80  ALA A CB  1 
ATOM   507  N  N   . VAL A 1 67  ? -1.707  -7.707  -3.057  1.00 19.45 ? 81  VAL A N   1 
ATOM   508  C  CA  . VAL A 1 67  ? -2.068  -7.418  -4.432  1.00 20.33 ? 81  VAL A CA  1 
ATOM   509  C  C   . VAL A 1 67  ? -1.569  -6.010  -4.701  1.00 17.98 ? 81  VAL A C   1 
ATOM   510  O  O   . VAL A 1 67  ? -1.992  -5.075  -4.049  1.00 19.04 ? 81  VAL A O   1 
ATOM   511  C  CB  . VAL A 1 67  ? -3.587  -7.460  -4.642  1.00 20.21 ? 81  VAL A CB  1 
ATOM   512  C  CG1 . VAL A 1 67  ? -3.940  -6.915  -6.018  1.00 18.31 ? 81  VAL A CG1 1 
ATOM   513  C  CG2 . VAL A 1 67  ? -4.071  -8.883  -4.511  1.00 22.17 ? 81  VAL A CG2 1 
ATOM   514  N  N   . LEU A 1 68  ? -0.667  -5.867  -5.659  1.00 17.25 ? 82  LEU A N   1 
ATOM   515  C  CA  . LEU A 1 68  ? -0.101  -4.568  -5.983  1.00 16.58 ? 82  LEU A CA  1 
ATOM   516  C  C   . LEU A 1 68  ? -0.466  -4.137  -7.391  1.00 17.77 ? 82  LEU A C   1 
ATOM   517  O  O   . LEU A 1 68  ? -0.206  -4.858  -8.357  1.00 17.24 ? 82  LEU A O   1 
ATOM   518  C  CB  . LEU A 1 68  ? 1.417   -4.619  -5.856  1.00 17.10 ? 82  LEU A CB  1 
ATOM   519  C  CG  . LEU A 1 68  ? 1.993   -4.901  -4.464  1.00 20.92 ? 82  LEU A CG  1 
ATOM   520  C  CD1 . LEU A 1 68  ? 1.680   -6.322  -4.017  1.00 19.28 ? 82  LEU A CD1 1 
ATOM   521  C  CD2 . LEU A 1 68  ? 3.494   -4.682  -4.506  1.00 22.70 ? 82  LEU A CD2 1 
ATOM   522  N  N   . VAL A 1 69  ? -1.081  -2.964  -7.513  1.00 16.01 ? 83  VAL A N   1 
ATOM   523  C  CA  . VAL A 1 69  ? -1.442  -2.471  -8.825  1.00 15.55 ? 83  VAL A CA  1 
ATOM   524  C  C   . VAL A 1 69  ? -0.658  -1.186  -9.085  1.00 14.89 ? 83  VAL A C   1 
ATOM   525  O  O   . VAL A 1 69  ? -0.580  -0.311  -8.227  1.00 16.08 ? 83  VAL A O   1 
ATOM   526  C  CB  . VAL A 1 69  ? -2.998  -2.304  -8.960  1.00 15.29 ? 83  VAL A CB  1 
ATOM   527  C  CG1 . VAL A 1 69  ? -3.638  -2.260  -7.608  1.00 16.13 ? 83  VAL A CG1 1 
ATOM   528  C  CG2 . VAL A 1 69  ? -3.342  -1.078  -9.778  1.00 14.04 ? 83  VAL A CG2 1 
ATOM   529  N  N   . GLU A 1 70  ? -0.038  -1.115  -10.263 1.00 15.08 ? 84  GLU A N   1 
ATOM   530  C  CA  . GLU A 1 70  ? 0.803   0.013   -10.677 1.00 16.37 ? 84  GLU A CA  1 
ATOM   531  C  C   . GLU A 1 70  ? 0.719   0.164   -12.200 1.00 16.40 ? 84  GLU A C   1 
ATOM   532  O  O   . GLU A 1 70  ? 0.819   -0.817  -12.931 1.00 18.23 ? 84  GLU A O   1 
ATOM   533  C  CB  . GLU A 1 70  ? 2.255   -0.247  -10.229 1.00 15.14 ? 84  GLU A CB  1 
ATOM   534  C  CG  . GLU A 1 70  ? 3.296   0.662   -10.851 1.00 16.95 ? 84  GLU A CG  1 
ATOM   535  C  CD  . GLU A 1 70  ? 3.015   2.124   -10.615 1.00 19.00 ? 84  GLU A CD  1 
ATOM   536  O  OE1 . GLU A 1 70  ? 3.283   2.935   -11.527 1.00 23.82 ? 84  GLU A OE1 1 
ATOM   537  O  OE2 . GLU A 1 70  ? 2.529   2.476   -9.521  1.00 20.99 ? 84  GLU A OE2 1 
ATOM   538  N  N   . LYS A 1 71  ? 0.547   1.392   -12.675 1.00 17.57 ? 85  LYS A N   1 
ATOM   539  C  CA  . LYS A 1 71  ? 0.383   1.657   -14.107 1.00 19.26 ? 85  LYS A CA  1 
ATOM   540  C  C   . LYS A 1 71  ? 1.636   1.865   -14.934 1.00 20.58 ? 85  LYS A C   1 
ATOM   541  O  O   . LYS A 1 71  ? 1.666   1.515   -16.107 1.00 20.84 ? 85  LYS A O   1 
ATOM   542  C  CB  . LYS A 1 71  ? -0.496  2.888   -14.296 1.00 21.24 ? 85  LYS A CB  1 
ATOM   543  C  CG  . LYS A 1 71  ? 0.102   4.143   -13.682 1.00 20.26 ? 85  LYS A CG  1 
ATOM   544  C  CD  . LYS A 1 71  ? -0.735  5.365   -13.990 1.00 22.57 ? 85  LYS A CD  1 
ATOM   545  C  CE  . LYS A 1 71  ? -0.470  6.472   -12.978 1.00 20.79 ? 85  LYS A CE  1 
ATOM   546  N  NZ  . LYS A 1 71  ? 0.987   6.795   -12.877 1.00 27.27 ? 85  LYS A NZ  1 
ATOM   547  N  N   . ASP A 1 72  ? 2.652   2.464   -14.328 1.00 22.67 ? 86  ASP A N   1 
ATOM   548  C  CA  . ASP A 1 72  ? 3.911   2.766   -14.994 1.00 24.83 ? 86  ASP A CA  1 
ATOM   549  C  C   . ASP A 1 72  ? 4.727   1.515   -15.314 1.00 27.28 ? 86  ASP A C   1 
ATOM   550  O  O   . ASP A 1 72  ? 5.291   0.880   -14.417 1.00 27.76 ? 86  ASP A O   1 
ATOM   551  C  CB  . ASP A 1 72  ? 4.724   3.715   -14.105 1.00 25.35 ? 86  ASP A CB  1 
ATOM   552  C  CG  . ASP A 1 72  ? 6.066   4.091   -14.705 1.00 27.80 ? 86  ASP A CG  1 
ATOM   553  O  OD1 . ASP A 1 72  ? 6.819   4.824   -14.030 1.00 29.32 ? 86  ASP A OD1 1 
ATOM   554  O  OD2 . ASP A 1 72  ? 6.374   3.663   -15.839 1.00 27.81 ? 86  ASP A OD2 1 
ATOM   555  N  N   . PRO A 1 73  ? 4.811   1.150   -16.603 1.00 27.96 ? 87  PRO A N   1 
ATOM   556  C  CA  . PRO A 1 73  ? 5.574   -0.035  -17.005 1.00 29.64 ? 87  PRO A CA  1 
ATOM   557  C  C   . PRO A 1 73  ? 6.985   -0.079  -16.413 1.00 30.03 ? 87  PRO A C   1 
ATOM   558  O  O   . PRO A 1 73  ? 7.513   -1.155  -16.148 1.00 29.22 ? 87  PRO A O   1 
ATOM   559  C  CB  . PRO A 1 73  ? 5.560   0.038   -18.535 1.00 28.75 ? 87  PRO A CB  1 
ATOM   560  C  CG  . PRO A 1 73  ? 5.275   1.484   -18.824 1.00 29.45 ? 87  PRO A CG  1 
ATOM   561  C  CD  . PRO A 1 73  ? 4.272   1.845   -17.779 1.00 27.75 ? 87  PRO A CD  1 
ATOM   562  N  N   . GLU A 1 74  ? 7.589   1.086   -16.200 1.00 32.12 ? 88  GLU A N   1 
ATOM   563  C  CA  . GLU A 1 74  ? 8.924   1.141   -15.606 1.00 33.52 ? 88  GLU A CA  1 
ATOM   564  C  C   . GLU A 1 74  ? 8.862   0.604   -14.186 1.00 32.11 ? 88  GLU A C   1 
ATOM   565  O  O   . GLU A 1 74  ? 9.569   -0.337  -13.830 1.00 32.24 ? 88  GLU A O   1 
ATOM   566  C  CB  . GLU A 1 74  ? 9.445   2.574   -15.545 1.00 37.71 ? 88  GLU A CB  1 
ATOM   567  C  CG  . GLU A 1 74  ? 10.207  3.032   -16.766 1.00 45.22 ? 88  GLU A CG  1 
ATOM   568  C  CD  . GLU A 1 74  ? 11.348  3.965   -16.393 1.00 48.84 ? 88  GLU A CD  1 
ATOM   569  O  OE1 . GLU A 1 74  ? 11.971  4.552   -17.309 1.00 50.13 ? 88  GLU A OE1 1 
ATOM   570  O  OE2 . GLU A 1 74  ? 11.622  4.097   -15.177 1.00 49.19 ? 88  GLU A OE2 1 
ATOM   571  N  N   . ALA A 1 75  ? 8.011   1.222   -13.377 1.00 30.40 ? 89  ALA A N   1 
ATOM   572  C  CA  . ALA A 1 75  ? 7.845   0.814   -11.994 1.00 28.58 ? 89  ALA A CA  1 
ATOM   573  C  C   . ALA A 1 75  ? 7.478   -0.660  -11.940 1.00 27.19 ? 89  ALA A C   1 
ATOM   574  O  O   . ALA A 1 75  ? 7.983   -1.398  -11.095 1.00 27.91 ? 89  ALA A O   1 
ATOM   575  C  CB  . ALA A 1 75  ? 6.756   1.650   -11.326 1.00 28.05 ? 89  ALA A CB  1 
ATOM   576  N  N   . VAL A 1 76  ? 6.604   -1.091  -12.842 1.00 24.92 ? 90  VAL A N   1 
ATOM   577  C  CA  . VAL A 1 76  ? 6.188   -2.488  -12.860 1.00 24.74 ? 90  VAL A CA  1 
ATOM   578  C  C   . VAL A 1 76  ? 7.383   -3.398  -13.116 1.00 25.61 ? 90  VAL A C   1 
ATOM   579  O  O   . VAL A 1 76  ? 7.492   -4.478  -12.538 1.00 24.56 ? 90  VAL A O   1 
ATOM   580  C  CB  . VAL A 1 76  ? 5.113   -2.748  -13.934 1.00 22.33 ? 90  VAL A CB  1 
ATOM   581  C  CG1 . VAL A 1 76  ? 4.835   -4.238  -14.043 1.00 21.13 ? 90  VAL A CG1 1 
ATOM   582  C  CG2 . VAL A 1 76  ? 3.837   -2.012  -13.568 1.00 22.20 ? 90  VAL A CG2 1 
ATOM   583  N  N   . ARG A 1 77  ? 8.276   -2.948  -13.986 1.00 26.61 ? 91  ARG A N   1 
ATOM   584  C  CA  . ARG A 1 77  ? 9.466   -3.709  -14.317 1.00 27.61 ? 91  ARG A CA  1 
ATOM   585  C  C   . ARG A 1 77  ? 10.254  -3.888  -13.029 1.00 26.28 ? 91  ARG A C   1 
ATOM   586  O  O   . ARG A 1 77  ? 10.629  -4.997  -12.676 1.00 25.57 ? 91  ARG A O   1 
ATOM   587  C  CB  . ARG A 1 77  ? 10.289  -2.947  -15.354 1.00 32.73 ? 91  ARG A CB  1 
ATOM   588  C  CG  . ARG A 1 77  ? 11.477  -3.704  -15.909 1.00 40.41 ? 91  ARG A CG  1 
ATOM   589  C  CD  . ARG A 1 77  ? 12.107  -2.945  -17.076 1.00 46.93 ? 91  ARG A CD  1 
ATOM   590  N  NE  . ARG A 1 77  ? 13.095  -3.763  -17.777 1.00 53.97 ? 91  ARG A NE  1 
ATOM   591  C  CZ  . ARG A 1 77  ? 13.634  -3.455  -18.958 1.00 57.30 ? 91  ARG A CZ  1 
ATOM   592  N  NH1 . ARG A 1 77  ? 13.285  -2.337  -19.587 1.00 59.28 ? 91  ARG A NH1 1 
ATOM   593  N  NH2 . ARG A 1 77  ? 14.517  -4.277  -19.519 1.00 57.87 ? 91  ARG A NH2 1 
ATOM   594  N  N   . LEU A 1 78  ? 10.494  -2.790  -12.322 1.00 25.04 ? 92  LEU A N   1 
ATOM   595  C  CA  . LEU A 1 78  ? 11.224  -2.847  -11.063 1.00 24.62 ? 92  LEU A CA  1 
ATOM   596  C  C   . LEU A 1 78  ? 10.470  -3.652  -10.010 1.00 24.26 ? 92  LEU A C   1 
ATOM   597  O  O   . LEU A 1 78  ? 11.072  -4.354  -9.194  1.00 23.44 ? 92  LEU A O   1 
ATOM   598  C  CB  . LEU A 1 78  ? 11.474  -1.443  -10.531 1.00 24.58 ? 92  LEU A CB  1 
ATOM   599  C  CG  . LEU A 1 78  ? 12.456  -0.617  -11.355 1.00 28.81 ? 92  LEU A CG  1 
ATOM   600  C  CD1 . LEU A 1 78  ? 12.798  0.653   -10.603 1.00 27.23 ? 92  LEU A CD1 1 
ATOM   601  C  CD2 . LEU A 1 78  ? 13.716  -1.435  -11.625 1.00 26.65 ? 92  LEU A CD2 1 
ATOM   602  N  N   . LEU A 1 79  ? 9.147   -3.537  -10.033 1.00 23.48 ? 93  LEU A N   1 
ATOM   603  C  CA  . LEU A 1 79  ? 8.294   -4.235  -9.083  1.00 23.14 ? 93  LEU A CA  1 
ATOM   604  C  C   . LEU A 1 79  ? 8.503   -5.744  -9.193  1.00 22.28 ? 93  LEU A C   1 
ATOM   605  O  O   . LEU A 1 79  ? 8.643   -6.442  -8.192  1.00 20.50 ? 93  LEU A O   1 
ATOM   606  C  CB  . LEU A 1 79  ? 6.833   -3.899  -9.366  1.00 22.75 ? 93  LEU A CB  1 
ATOM   607  C  CG  . LEU A 1 79  ? 5.858   -3.917  -8.195  1.00 22.97 ? 93  LEU A CG  1 
ATOM   608  C  CD1 . LEU A 1 79  ? 4.465   -4.143  -8.740  1.00 25.46 ? 93  LEU A CD1 1 
ATOM   609  C  CD2 . LEU A 1 79  ? 6.208   -5.014  -7.225  1.00 25.85 ? 93  LEU A CD2 1 
ATOM   610  N  N   . LYS A 1 80  ? 8.521   -6.237  -10.424 1.00 22.58 ? 94  LYS A N   1 
ATOM   611  C  CA  . LYS A 1 80  ? 8.701   -7.653  -10.675 1.00 23.31 ? 94  LYS A CA  1 
ATOM   612  C  C   . LYS A 1 80  ? 10.099  -8.098  -10.292 1.00 24.28 ? 94  LYS A C   1 
ATOM   613  O  O   . LYS A 1 80  ? 10.288  -9.200  -9.766  1.00 24.42 ? 94  LYS A O   1 
ATOM   614  C  CB  . LYS A 1 80  ? 8.406   -7.958  -12.141 1.00 23.49 ? 94  LYS A CB  1 
ATOM   615  C  CG  . LYS A 1 80  ? 6.949   -7.704  -12.496 1.00 24.72 ? 94  LYS A CG  1 
ATOM   616  C  CD  . LYS A 1 80  ? 6.617   -8.113  -13.918 1.00 25.90 ? 94  LYS A CD  1 
ATOM   617  C  CE  . LYS A 1 80  ? 5.137   -7.872  -14.213 1.00 28.77 ? 94  LYS A CE  1 
ATOM   618  N  NZ  . LYS A 1 80  ? 4.752   -8.244  -15.601 1.00 30.07 ? 94  LYS A NZ  1 
ATOM   619  N  N   . GLU A 1 81  ? 11.080  -7.243  -10.552 1.00 23.21 ? 95  GLU A N   1 
ATOM   620  C  CA  . GLU A 1 81  ? 12.444  -7.574  -10.185 1.00 26.70 ? 95  GLU A CA  1 
ATOM   621  C  C   . GLU A 1 81  ? 12.491  -7.688  -8.666  1.00 25.93 ? 95  GLU A C   1 
ATOM   622  O  O   . GLU A 1 81  ? 13.166  -8.562  -8.125  1.00 27.60 ? 95  GLU A O   1 
ATOM   623  C  CB  . GLU A 1 81  ? 13.429  -6.488  -10.640 1.00 28.51 ? 95  GLU A CB  1 
ATOM   624  C  CG  . GLU A 1 81  ? 13.503  -6.292  -12.147 1.00 34.88 ? 95  GLU A CG  1 
ATOM   625  C  CD  . GLU A 1 81  ? 14.749  -5.527  -12.578 1.00 39.80 ? 95  GLU A CD  1 
ATOM   626  O  OE1 . GLU A 1 81  ? 14.848  -5.161  -13.774 1.00 41.20 ? 95  GLU A OE1 1 
ATOM   627  O  OE2 . GLU A 1 81  ? 15.638  -5.300  -11.722 1.00 41.88 ? 95  GLU A OE2 1 
ATOM   628  N  N   . ASN A 1 82  ? 11.763  -6.809  -7.981  1.00 23.20 ? 96  ASN A N   1 
ATOM   629  C  CA  . ASN A 1 82  ? 11.759  -6.825  -6.531  1.00 21.87 ? 96  ASN A CA  1 
ATOM   630  C  C   . ASN A 1 82  ? 11.032  -8.028  -5.955  1.00 20.99 ? 96  ASN A C   1 
ATOM   631  O  O   . ASN A 1 82  ? 11.427  -8.542  -4.912  1.00 20.27 ? 96  ASN A O   1 
ATOM   632  C  CB  . ASN A 1 82  ? 11.181  -5.517  -5.975  1.00 22.22 ? 96  ASN A CB  1 
ATOM   633  C  CG  . ASN A 1 82  ? 12.144  -4.346  -6.129  1.00 23.96 ? 96  ASN A CG  1 
ATOM   634  O  OD1 . ASN A 1 82  ? 13.355  -4.526  -6.077  1.00 22.73 ? 96  ASN A OD1 1 
ATOM   635  N  ND2 . ASN A 1 82  ? 11.606  -3.138  -6.303  1.00 23.80 ? 96  ASN A ND2 1 
ATOM   636  N  N   . VAL A 1 83  ? 9.977   -8.474  -6.632  1.00 20.97 ? 97  VAL A N   1 
ATOM   637  C  CA  . VAL A 1 83  ? 9.226   -9.638  -6.190  1.00 20.37 ? 97  VAL A CA  1 
ATOM   638  C  C   . VAL A 1 83  ? 10.196  -10.816 -6.257  1.00 24.12 ? 97  VAL A C   1 
ATOM   639  O  O   . VAL A 1 83  ? 10.165  -11.714 -5.412  1.00 25.62 ? 97  VAL A O   1 
ATOM   640  C  CB  . VAL A 1 83  ? 7.985   -9.885  -7.109  1.00 20.76 ? 97  VAL A CB  1 
ATOM   641  C  CG1 . VAL A 1 83  ? 7.487   -11.326 -6.980  1.00 17.92 ? 97  VAL A CG1 1 
ATOM   642  C  CG2 . VAL A 1 83  ? 6.857   -8.929  -6.724  1.00 17.23 ? 97  VAL A CG2 1 
ATOM   643  N  N   . ARG A 1 84  ? 11.072  -10.786 -7.257  1.00 27.31 ? 98  ARG A N   1 
ATOM   644  C  CA  . ARG A 1 84  ? 12.084  -11.817 -7.452  1.00 29.76 ? 98  ARG A CA  1 
ATOM   645  C  C   . ARG A 1 84  ? 13.154  -11.764 -6.366  1.00 30.57 ? 98  ARG A C   1 
ATOM   646  O  O   . ARG A 1 84  ? 13.422  -12.770 -5.712  1.00 32.30 ? 98  ARG A O   1 
ATOM   647  C  CB  . ARG A 1 84  ? 12.751  -11.654 -8.817  1.00 32.20 ? 98  ARG A CB  1 
ATOM   648  C  CG  . ARG A 1 84  ? 11.967  -12.256 -9.964  1.00 38.11 ? 98  ARG A CG  1 
ATOM   649  C  CD  . ARG A 1 84  ? 12.324  -13.725 -10.190 1.00 42.13 ? 98  ARG A CD  1 
ATOM   650  N  NE  . ARG A 1 84  ? 13.425  -13.876 -11.141 1.00 46.19 ? 98  ARG A NE  1 
ATOM   651  C  CZ  . ARG A 1 84  ? 13.833  -15.038 -11.648 1.00 47.68 ? 98  ARG A CZ  1 
ATOM   652  N  NH1 . ARG A 1 84  ? 13.232  -16.168 -11.294 1.00 48.92 ? 98  ARG A NH1 1 
ATOM   653  N  NH2 . ARG A 1 84  ? 14.833  -15.068 -12.522 1.00 48.18 ? 98  ARG A NH2 1 
ATOM   654  N  N   . ARG A 1 85  ? 13.765  -10.597 -6.173  1.00 29.52 ? 99  ARG A N   1 
ATOM   655  C  CA  . ARG A 1 85  ? 14.807  -10.453 -5.161  1.00 29.66 ? 99  ARG A CA  1 
ATOM   656  C  C   . ARG A 1 85  ? 14.314  -10.904 -3.792  1.00 28.47 ? 99  ARG A C   1 
ATOM   657  O  O   . ARG A 1 85  ? 15.035  -11.570 -3.057  1.00 29.92 ? 99  ARG A O   1 
ATOM   658  C  CB  . ARG A 1 85  ? 15.276  -9.002  -5.048  1.00 32.43 ? 99  ARG A CB  1 
ATOM   659  C  CG  . ARG A 1 85  ? 15.857  -8.401  -6.309  1.00 39.21 ? 99  ARG A CG  1 
ATOM   660  C  CD  . ARG A 1 85  ? 16.220  -6.914  -6.124  1.00 43.30 ? 99  ARG A CD  1 
ATOM   661  N  NE  . ARG A 1 85  ? 17.533  -6.698  -5.508  1.00 47.79 ? 99  ARG A NE  1 
ATOM   662  C  CZ  . ARG A 1 85  ? 17.835  -6.990  -4.243  1.00 49.84 ? 99  ARG A CZ  1 
ATOM   663  N  NH1 . ARG A 1 85  ? 16.921  -7.516  -3.443  1.00 51.72 ? 99  ARG A NH1 1 
ATOM   664  N  NH2 . ARG A 1 85  ? 19.054  -6.753  -3.773  1.00 49.20 ? 99  ARG A NH2 1 
ATOM   665  N  N   . THR A 1 86  ? 13.083  -10.547 -3.452  1.00 25.85 ? 100 THR A N   1 
ATOM   666  C  CA  . THR A 1 86  ? 12.539  -10.904 -2.155  1.00 24.68 ? 100 THR A CA  1 
ATOM   667  C  C   . THR A 1 86  ? 12.037  -12.340 -2.118  1.00 25.23 ? 100 THR A C   1 
ATOM   668  O  O   . THR A 1 86  ? 11.866  -12.923 -1.047  1.00 23.21 ? 100 THR A O   1 
ATOM   669  C  CB  . THR A 1 86  ? 11.390  -9.952  -1.755  1.00 25.90 ? 100 THR A CB  1 
ATOM   670  O  OG1 . THR A 1 86  ? 10.242  -10.205 -2.571  1.00 24.97 ? 100 THR A OG1 1 
ATOM   671  C  CG2 . THR A 1 86  ? 11.822  -8.499  -1.937  1.00 23.42 ? 100 THR A CG2 1 
ATOM   672  N  N   . GLY A 1 87  ? 11.813  -12.915 -3.293  1.00 24.98 ? 101 GLY A N   1 
ATOM   673  C  CA  . GLY A 1 87  ? 11.338  -14.282 -3.347  1.00 25.82 ? 101 GLY A CA  1 
ATOM   674  C  C   . GLY A 1 87  ? 9.973   -14.402 -2.707  1.00 25.82 ? 101 GLY A C   1 
ATOM   675  O  O   . GLY A 1 87  ? 9.588   -15.455 -2.218  1.00 26.72 ? 101 GLY A O   1 
ATOM   676  N  N   . LEU A 1 88  ? 9.235   -13.306 -2.709  1.00 26.08 ? 102 LEU A N   1 
ATOM   677  C  CA  . LEU A 1 88  ? 7.907   -13.302 -2.133  1.00 25.62 ? 102 LEU A CA  1 
ATOM   678  C  C   . LEU A 1 88  ? 6.860   -13.584 -3.201  1.00 27.05 ? 102 LEU A C   1 
ATOM   679  O  O   . LEU A 1 88  ? 7.090   -13.357 -4.398  1.00 27.21 ? 102 LEU A O   1 
ATOM   680  C  CB  . LEU A 1 88  ? 7.623   -11.950 -1.472  1.00 23.05 ? 102 LEU A CB  1 
ATOM   681  C  CG  . LEU A 1 88  ? 8.438   -11.675 -0.211  1.00 22.47 ? 102 LEU A CG  1 
ATOM   682  C  CD1 . LEU A 1 88  ? 8.029   -10.342 0.386   1.00 21.86 ? 102 LEU A CD1 1 
ATOM   683  C  CD2 . LEU A 1 88  ? 8.205   -12.795 0.790   1.00 19.49 ? 102 LEU A CD2 1 
ATOM   684  N  N   . GLY A 1 89  ? 5.721   -14.103 -2.757  1.00 26.43 ? 103 GLY A N   1 
ATOM   685  C  CA  . GLY A 1 89  ? 4.632   -14.386 -3.664  1.00 27.45 ? 103 GLY A CA  1 
ATOM   686  C  C   . GLY A 1 89  ? 3.675   -13.214 -3.566  1.00 28.22 ? 103 GLY A C   1 
ATOM   687  O  O   . GLY A 1 89  ? 3.126   -12.936 -2.504  1.00 29.10 ? 103 GLY A O   1 
ATOM   688  N  N   . ALA A 1 90  ? 3.488   -12.505 -4.667  1.00 27.88 ? 104 ALA A N   1 
ATOM   689  C  CA  . ALA A 1 90  ? 2.596   -11.359 -4.662  1.00 28.58 ? 104 ALA A CA  1 
ATOM   690  C  C   . ALA A 1 90  ? 1.967   -11.227 -6.033  1.00 27.68 ? 104 ALA A C   1 
ATOM   691  O  O   . ALA A 1 90  ? 2.586   -11.583 -7.033  1.00 29.83 ? 104 ALA A O   1 
ATOM   692  C  CB  . ALA A 1 90  ? 3.376   -10.095 -4.319  1.00 27.81 ? 104 ALA A CB  1 
ATOM   693  N  N   . ARG A 1 91  ? 0.735   -10.736 -6.081  1.00 25.20 ? 105 ARG A N   1 
ATOM   694  C  CA  . ARG A 1 91  ? 0.059   -10.555 -7.355  1.00 24.58 ? 105 ARG A CA  1 
ATOM   695  C  C   . ARG A 1 91  ? 0.383   -9.148  -7.827  1.00 23.47 ? 105 ARG A C   1 
ATOM   696  O  O   . ARG A 1 91  ? 0.223   -8.184  -7.077  1.00 23.58 ? 105 ARG A O   1 
ATOM   697  C  CB  . ARG A 1 91  ? -1.457  -10.727 -7.201  1.00 23.61 ? 105 ARG A CB  1 
ATOM   698  C  CG  . ARG A 1 91  ? -2.272  -10.527 -8.486  1.00 25.56 ? 105 ARG A CG  1 
ATOM   699  C  CD  . ARG A 1 91  ? -3.763  -10.820 -8.219  1.00 30.28 ? 105 ARG A CD  1 
ATOM   700  N  NE  . ARG A 1 91  ? -4.686  -10.374 -9.270  1.00 34.35 ? 105 ARG A NE  1 
ATOM   701  C  CZ  . ARG A 1 91  ? -4.682  -10.809 -10.533 1.00 37.66 ? 105 ARG A CZ  1 
ATOM   702  N  NH1 . ARG A 1 91  ? -3.794  -11.713 -10.929 1.00 38.93 ? 105 ARG A NH1 1 
ATOM   703  N  NH2 . ARG A 1 91  ? -5.585  -10.356 -11.400 1.00 37.29 ? 105 ARG A NH2 1 
ATOM   704  N  N   . VAL A 1 92  ? 0.865   -9.043  -9.060  1.00 21.30 ? 106 VAL A N   1 
ATOM   705  C  CA  . VAL A 1 92  ? 1.206   -7.761  -9.659  1.00 18.91 ? 106 VAL A CA  1 
ATOM   706  C  C   . VAL A 1 92  ? 0.210   -7.490  -10.768 1.00 19.09 ? 106 VAL A C   1 
ATOM   707  O  O   . VAL A 1 92  ? 0.119   -8.254  -11.726 1.00 18.41 ? 106 VAL A O   1 
ATOM   708  C  CB  . VAL A 1 92  ? 2.623   -7.784  -10.263 1.00 19.57 ? 106 VAL A CB  1 
ATOM   709  C  CG1 . VAL A 1 92  ? 2.876   -6.502  -11.041 1.00 18.09 ? 106 VAL A CG1 1 
ATOM   710  C  CG2 . VAL A 1 92  ? 3.653   -7.952  -9.160  1.00 17.69 ? 106 VAL A CG2 1 
ATOM   711  N  N   . VAL A 1 93  ? -0.543  -6.407  -10.626 1.00 20.24 ? 107 VAL A N   1 
ATOM   712  C  CA  . VAL A 1 93  ? -1.546  -6.020  -11.604 1.00 18.76 ? 107 VAL A CA  1 
ATOM   713  C  C   . VAL A 1 93  ? -1.095  -4.719  -12.270 1.00 21.73 ? 107 VAL A C   1 
ATOM   714  O  O   . VAL A 1 93  ? -1.138  -3.641  -11.664 1.00 24.24 ? 107 VAL A O   1 
ATOM   715  C  CB  . VAL A 1 93  ? -2.896  -5.820  -10.921 1.00 18.60 ? 107 VAL A CB  1 
ATOM   716  C  CG1 . VAL A 1 93  ? -3.980  -5.610  -11.951 1.00 18.39 ? 107 VAL A CG1 1 
ATOM   717  C  CG2 . VAL A 1 93  ? -3.208  -7.027  -10.067 1.00 19.75 ? 107 VAL A CG2 1 
ATOM   718  N  N   . ALA A 1 94  ? -0.655  -4.829  -13.519 1.00 19.79 ? 108 ALA A N   1 
ATOM   719  C  CA  . ALA A 1 94  ? -0.154  -3.681  -14.258 1.00 20.90 ? 108 ALA A CA  1 
ATOM   720  C  C   . ALA A 1 94  ? -1.211  -2.880  -14.993 1.00 22.77 ? 108 ALA A C   1 
ATOM   721  O  O   . ALA A 1 94  ? -1.425  -3.061  -16.193 1.00 23.84 ? 108 ALA A O   1 
ATOM   722  C  CB  . ALA A 1 94  ? 0.923   -4.129  -15.242 1.00 19.78 ? 108 ALA A CB  1 
ATOM   723  N  N   . LEU A 1 95  ? -1.852  -1.970  -14.277 1.00 23.32 ? 109 LEU A N   1 
ATOM   724  C  CA  . LEU A 1 95  ? -2.863  -1.126  -14.884 1.00 23.16 ? 109 LEU A CA  1 
ATOM   725  C  C   . LEU A 1 95  ? -3.235  0.002   -13.940 1.00 21.60 ? 109 LEU A C   1 
ATOM   726  O  O   . LEU A 1 95  ? -2.966  -0.062  -12.738 1.00 19.50 ? 109 LEU A O   1 
ATOM   727  C  CB  . LEU A 1 95  ? -4.088  -1.961  -15.257 1.00 23.75 ? 109 LEU A CB  1 
ATOM   728  C  CG  . LEU A 1 95  ? -4.669  -2.858  -14.175 1.00 24.43 ? 109 LEU A CG  1 
ATOM   729  C  CD1 . LEU A 1 95  ? -5.502  -2.027  -13.239 1.00 24.12 ? 109 LEU A CD1 1 
ATOM   730  C  CD2 . LEU A 1 95  ? -5.520  -3.942  -14.809 1.00 27.82 ? 109 LEU A CD2 1 
ATOM   731  N  N   . PRO A 1 96  ? -3.837  1.067   -14.485 1.00 20.56 ? 110 PRO A N   1 
ATOM   732  C  CA  . PRO A 1 96  ? -4.255  2.232   -13.710 1.00 20.18 ? 110 PRO A CA  1 
ATOM   733  C  C   . PRO A 1 96  ? -5.239  1.857   -12.610 1.00 20.76 ? 110 PRO A C   1 
ATOM   734  O  O   . PRO A 1 96  ? -6.093  0.989   -12.787 1.00 20.58 ? 110 PRO A O   1 
ATOM   735  C  CB  . PRO A 1 96  ? -4.853  3.156   -14.770 1.00 20.03 ? 110 PRO A CB  1 
ATOM   736  C  CG  . PRO A 1 96  ? -5.326  2.225   -15.820 1.00 22.03 ? 110 PRO A CG  1 
ATOM   737  C  CD  . PRO A 1 96  ? -4.213  1.213   -15.898 1.00 21.37 ? 110 PRO A CD  1 
ATOM   738  N  N   . VAL A 1 97  ? -5.100  2.510   -11.465 1.00 20.35 ? 111 VAL A N   1 
ATOM   739  C  CA  . VAL A 1 97  ? -5.965  2.241   -10.330 1.00 21.30 ? 111 VAL A CA  1 
ATOM   740  C  C   . VAL A 1 97  ? -7.434  2.490   -10.669 1.00 23.22 ? 111 VAL A C   1 
ATOM   741  O  O   . VAL A 1 97  ? -8.321  1.797   -10.166 1.00 22.76 ? 111 VAL A O   1 
ATOM   742  C  CB  . VAL A 1 97  ? -5.557  3.119   -9.140  1.00 20.92 ? 111 VAL A CB  1 
ATOM   743  C  CG1 . VAL A 1 97  ? -6.478  2.880   -7.957  1.00 19.54 ? 111 VAL A CG1 1 
ATOM   744  C  CG2 . VAL A 1 97  ? -4.104  2.826   -8.783  1.00 21.82 ? 111 VAL A CG2 1 
ATOM   745  N  N   . GLU A 1 98  ? -7.679  3.476   -11.530 1.00 23.91 ? 112 GLU A N   1 
ATOM   746  C  CA  . GLU A 1 98  ? -9.035  3.839   -11.935 1.00 24.64 ? 112 GLU A CA  1 
ATOM   747  C  C   . GLU A 1 98  ? -9.723  2.741   -12.757 1.00 23.05 ? 112 GLU A C   1 
ATOM   748  O  O   . GLU A 1 98  ? -10.944 2.759   -12.938 1.00 21.60 ? 112 GLU A O   1 
ATOM   749  C  CB  . GLU A 1 98  ? -8.999  5.150   -12.723 1.00 26.79 ? 112 GLU A CB  1 
ATOM   750  C  CG  . GLU A 1 98  ? -8.031  5.132   -13.912 1.00 32.71 ? 112 GLU A CG  1 
ATOM   751  C  CD  . GLU A 1 98  ? -8.141  6.374   -14.787 1.00 35.29 ? 112 GLU A CD  1 
ATOM   752  O  OE1 . GLU A 1 98  ? -7.709  7.468   -14.356 1.00 36.34 ? 112 GLU A OE1 1 
ATOM   753  O  OE2 . GLU A 1 98  ? -8.672  6.252   -15.912 1.00 37.61 ? 112 GLU A OE2 1 
ATOM   754  N  N   . VAL A 1 99  ? -8.941  1.797   -13.269 1.00 20.65 ? 113 VAL A N   1 
ATOM   755  C  CA  . VAL A 1 99  ? -9.512  0.701   -14.039 1.00 19.04 ? 113 VAL A CA  1 
ATOM   756  C  C   . VAL A 1 99  ? -9.638  -0.499  -13.110 1.00 18.95 ? 113 VAL A C   1 
ATOM   757  O  O   . VAL A 1 99  ? -10.640 -1.211  -13.123 1.00 20.41 ? 113 VAL A O   1 
ATOM   758  C  CB  . VAL A 1 99  ? -8.623  0.294   -15.245 1.00 19.03 ? 113 VAL A CB  1 
ATOM   759  C  CG1 . VAL A 1 99  ? -9.199  -0.962  -15.909 1.00 14.70 ? 113 VAL A CG1 1 
ATOM   760  C  CG2 . VAL A 1 99  ? -8.536  1.433   -16.251 1.00 13.41 ? 113 VAL A CG2 1 
ATOM   761  N  N   . PHE A 1 100 ? -8.619  -0.699  -12.284 1.00 18.69 ? 114 PHE A N   1 
ATOM   762  C  CA  . PHE A 1 100 ? -8.595  -1.821  -11.348 1.00 19.13 ? 114 PHE A CA  1 
ATOM   763  C  C   . PHE A 1 100 ? -9.755  -1.855  -10.355 1.00 19.82 ? 114 PHE A C   1 
ATOM   764  O  O   . PHE A 1 100 ? -10.409 -2.884  -10.197 1.00 19.87 ? 114 PHE A O   1 
ATOM   765  C  CB  . PHE A 1 100 ? -7.286  -1.838  -10.551 1.00 14.08 ? 114 PHE A CB  1 
ATOM   766  C  CG  . PHE A 1 100 ? -7.269  -2.861  -9.453  1.00 13.01 ? 114 PHE A CG  1 
ATOM   767  C  CD1 . PHE A 1 100 ? -6.943  -4.184  -9.721  1.00 14.61 ? 114 PHE A CD1 1 
ATOM   768  C  CD2 . PHE A 1 100 ? -7.604  -2.507  -8.154  1.00 11.68 ? 114 PHE A CD2 1 
ATOM   769  C  CE1 . PHE A 1 100 ? -6.951  -5.135  -8.714  1.00 14.60 ? 114 PHE A CE1 1 
ATOM   770  C  CE2 . PHE A 1 100 ? -7.617  -3.446  -7.141  1.00 10.93 ? 114 PHE A CE2 1 
ATOM   771  C  CZ  . PHE A 1 100 ? -7.290  -4.766  -7.418  1.00 14.80 ? 114 PHE A CZ  1 
ATOM   772  N  N   . LEU A 1 101 ? -9.989  -0.745  -9.667  1.00 20.56 ? 115 LEU A N   1 
ATOM   773  C  CA  . LEU A 1 101 ? -11.056 -0.690  -8.676  1.00 23.30 ? 115 LEU A CA  1 
ATOM   774  C  C   . LEU A 1 101 ? -12.400 -1.205  -9.193  1.00 25.34 ? 115 LEU A C   1 
ATOM   775  O  O   . LEU A 1 101 ? -12.988 -2.111  -8.603  1.00 26.67 ? 115 LEU A O   1 
ATOM   776  C  CB  . LEU A 1 101 ? -11.211 0.736   -8.138  1.00 20.94 ? 115 LEU A CB  1 
ATOM   777  C  CG  . LEU A 1 101 ? -9.975  1.280   -7.414  1.00 22.73 ? 115 LEU A CG  1 
ATOM   778  C  CD1 . LEU A 1 101 ? -10.291 2.662   -6.843  1.00 17.62 ? 115 LEU A CD1 1 
ATOM   779  C  CD2 . LEU A 1 101 ? -9.552  0.313   -6.302  1.00 18.69 ? 115 LEU A CD2 1 
ATOM   780  N  N   . PRO A 1 102 ? -12.901 -0.640  -10.304 1.00 26.36 ? 116 PRO A N   1 
ATOM   781  C  CA  . PRO A 1 102 ? -14.186 -1.088  -10.847 1.00 25.95 ? 116 PRO A CA  1 
ATOM   782  C  C   . PRO A 1 102 ? -14.177 -2.587  -11.086 1.00 25.71 ? 116 PRO A C   1 
ATOM   783  O  O   . PRO A 1 102 ? -15.060 -3.308  -10.633 1.00 27.35 ? 116 PRO A O   1 
ATOM   784  C  CB  . PRO A 1 102 ? -14.308 -0.310  -12.156 1.00 25.79 ? 116 PRO A CB  1 
ATOM   785  C  CG  . PRO A 1 102 ? -13.488 0.914   -11.916 1.00 28.73 ? 116 PRO A CG  1 
ATOM   786  C  CD  . PRO A 1 102 ? -12.293 0.388   -11.167 1.00 28.08 ? 116 PRO A CD  1 
ATOM   787  N  N   . GLU A 1 103 ? -13.161 -3.055  -11.795 1.00 25.43 ? 117 GLU A N   1 
ATOM   788  C  CA  . GLU A 1 103 ? -13.056 -4.472  -12.105 1.00 25.78 ? 117 GLU A CA  1 
ATOM   789  C  C   . GLU A 1 103 ? -12.891 -5.356  -10.875 1.00 26.53 ? 117 GLU A C   1 
ATOM   790  O  O   . GLU A 1 103 ? -13.475 -6.437  -10.797 1.00 27.37 ? 117 GLU A O   1 
ATOM   791  C  CB  . GLU A 1 103 ? -11.907 -4.695  -13.089 1.00 23.66 ? 117 GLU A CB  1 
ATOM   792  C  CG  . GLU A 1 103 ? -12.233 -4.165  -14.476 1.00 22.91 ? 117 GLU A CG  1 
ATOM   793  C  CD  . GLU A 1 103 ? -11.059 -4.192  -15.430 1.00 21.46 ? 117 GLU A CD  1 
ATOM   794  O  OE1 . GLU A 1 103 ? -10.186 -5.085  -15.312 1.00 21.07 ? 117 GLU A OE1 1 
ATOM   795  O  OE2 . GLU A 1 103 ? -11.027 -3.318  -16.312 1.00 21.70 ? 117 GLU A OE2 1 
ATOM   796  N  N   . ALA A 1 104 ? -12.104 -4.899  -9.909  1.00 26.08 ? 118 ALA A N   1 
ATOM   797  C  CA  . ALA A 1 104 ? -11.895 -5.681  -8.704  1.00 26.95 ? 118 ALA A CA  1 
ATOM   798  C  C   . ALA A 1 104 ? -13.239 -5.910  -8.032  1.00 27.86 ? 118 ALA A C   1 
ATOM   799  O  O   . ALA A 1 104 ? -13.541 -7.024  -7.595  1.00 27.73 ? 118 ALA A O   1 
ATOM   800  C  CB  . ALA A 1 104 ? -10.949 -4.961  -7.758  1.00 26.11 ? 118 ALA A CB  1 
ATOM   801  N  N   . LYS A 1 105 ? -14.048 -4.858  -7.959  1.00 27.12 ? 119 LYS A N   1 
ATOM   802  C  CA  . LYS A 1 105 ? -15.355 -4.969  -7.335  1.00 30.83 ? 119 LYS A CA  1 
ATOM   803  C  C   . LYS A 1 105 ? -16.203 -6.041  -8.039  1.00 32.09 ? 119 LYS A C   1 
ATOM   804  O  O   . LYS A 1 105 ? -16.706 -6.969  -7.399  1.00 33.47 ? 119 LYS A O   1 
ATOM   805  C  CB  . LYS A 1 105 ? -16.079 -3.617  -7.362  1.00 31.45 ? 119 LYS A CB  1 
ATOM   806  C  CG  . LYS A 1 105 ? -17.133 -3.477  -6.271  1.00 32.62 ? 119 LYS A CG  1 
ATOM   807  C  CD  . LYS A 1 105 ? -18.013 -2.237  -6.442  1.00 34.59 ? 119 LYS A CD  1 
ATOM   808  C  CE  . LYS A 1 105 ? -17.237 -0.924  -6.335  1.00 36.49 ? 119 LYS A CE  1 
ATOM   809  N  NZ  . LYS A 1 105 ? -16.270 -0.687  -7.450  1.00 37.41 ? 119 LYS A NZ  1 
ATOM   810  N  N   . ALA A 1 106 ? -16.346 -5.930  -9.353  1.00 30.94 ? 120 ALA A N   1 
ATOM   811  C  CA  . ALA A 1 106 ? -17.140 -6.895  -10.101 1.00 32.66 ? 120 ALA A CA  1 
ATOM   812  C  C   . ALA A 1 106 ? -16.702 -8.340  -9.871  1.00 33.87 ? 120 ALA A C   1 
ATOM   813  O  O   . ALA A 1 106 ? -17.520 -9.260  -9.941  1.00 34.47 ? 120 ALA A O   1 
ATOM   814  C  CB  . ALA A 1 106 ? -17.090 -6.570  -11.589 1.00 32.54 ? 120 ALA A CB  1 
ATOM   815  N  N   . GLN A 1 107 ? -15.417 -8.543  -9.601  1.00 33.54 ? 121 GLN A N   1 
ATOM   816  C  CA  . GLN A 1 107 ? -14.904 -9.888  -9.384  1.00 34.41 ? 121 GLN A CA  1 
ATOM   817  C  C   . GLN A 1 107 ? -15.157 -10.336 -7.958  1.00 33.65 ? 121 GLN A C   1 
ATOM   818  O  O   . GLN A 1 107 ? -14.767 -11.434 -7.566  1.00 34.29 ? 121 GLN A O   1 
ATOM   819  C  CB  . GLN A 1 107 ? -13.401 -9.943  -9.677  1.00 37.54 ? 121 GLN A CB  1 
ATOM   820  C  CG  . GLN A 1 107 ? -13.004 -9.277  -10.989 1.00 43.26 ? 121 GLN A CG  1 
ATOM   821  C  CD  . GLN A 1 107 ? -11.526 -9.429  -11.317 1.00 46.33 ? 121 GLN A CD  1 
ATOM   822  O  OE1 . GLN A 1 107 ? -11.005 -8.752  -12.211 1.00 48.58 ? 121 GLN A OE1 1 
ATOM   823  N  NE2 . GLN A 1 107 ? -10.846 -10.327 -10.607 1.00 46.44 ? 121 GLN A NE2 1 
ATOM   824  N  N   . GLY A 1 108 ? -15.810 -9.481  -7.180  1.00 34.08 ? 122 GLY A N   1 
ATOM   825  C  CA  . GLY A 1 108 ? -16.090 -9.818  -5.796  1.00 33.97 ? 122 GLY A CA  1 
ATOM   826  C  C   . GLY A 1 108 ? -14.818 -9.880  -4.966  1.00 34.47 ? 122 GLY A C   1 
ATOM   827  O  O   . GLY A 1 108 ? -14.736 -10.616 -3.980  1.00 33.63 ? 122 GLY A O   1 
ATOM   828  N  N   . GLU A 1 109 ? -13.816 -9.107  -5.371  1.00 33.93 ? 123 GLU A N   1 
ATOM   829  C  CA  . GLU A 1 109 ? -12.549 -9.072  -4.654  1.00 33.13 ? 123 GLU A CA  1 
ATOM   830  C  C   . GLU A 1 109 ? -12.703 -8.350  -3.321  1.00 30.80 ? 123 GLU A C   1 
ATOM   831  O  O   . GLU A 1 109 ? -13.399 -7.330  -3.227  1.00 28.40 ? 123 GLU A O   1 
ATOM   832  C  CB  . GLU A 1 109 ? -11.491 -8.350  -5.492  1.00 36.41 ? 123 GLU A CB  1 
ATOM   833  C  CG  . GLU A 1 109 ? -11.135 -9.058  -6.775  1.00 39.96 ? 123 GLU A CG  1 
ATOM   834  C  CD  . GLU A 1 109 ? -10.219 -10.234 -6.537  1.00 42.11 ? 123 GLU A CD  1 
ATOM   835  O  OE1 . GLU A 1 109 ? -10.359 -10.893 -5.486  1.00 43.73 ? 123 GLU A OE1 1 
ATOM   836  O  OE2 . GLU A 1 109 ? -9.369  -10.506 -7.408  1.00 45.00 ? 123 GLU A OE2 1 
ATOM   837  N  N   . ARG A 1 110 ? -12.059 -8.886  -2.291  1.00 28.24 ? 124 ARG A N   1 
ATOM   838  C  CA  . ARG A 1 110 ? -12.101 -8.268  -0.977  1.00 26.60 ? 124 ARG A CA  1 
ATOM   839  C  C   . ARG A 1 110 ? -10.782 -8.366  -0.229  1.00 25.28 ? 124 ARG A C   1 
ATOM   840  O  O   . ARG A 1 110 ? -10.021 -9.325  -0.388  1.00 23.71 ? 124 ARG A O   1 
ATOM   841  C  CB  . ARG A 1 110 ? -13.259 -8.834  -0.155  1.00 28.46 ? 124 ARG A CB  1 
ATOM   842  C  CG  . ARG A 1 110 ? -14.425 -7.866  -0.143  1.00 32.16 ? 124 ARG A CG  1 
ATOM   843  C  CD  . ARG A 1 110 ? -15.739 -8.560  -0.348  1.00 36.60 ? 124 ARG A CD  1 
ATOM   844  N  NE  . ARG A 1 110 ? -16.809 -7.620  -0.691  1.00 40.86 ? 124 ARG A NE  1 
ATOM   845  C  CZ  . ARG A 1 110 ? -16.847 -6.896  -1.809  1.00 41.70 ? 124 ARG A CZ  1 
ATOM   846  N  NH1 . ARG A 1 110 ? -15.872 -6.990  -2.705  1.00 41.47 ? 124 ARG A NH1 1 
ATOM   847  N  NH2 . ARG A 1 110 ? -17.879 -6.097  -2.042  1.00 42.57 ? 124 ARG A NH2 1 
ATOM   848  N  N   . PHE A 1 111 ? -10.515 -7.347  0.580   1.00 23.56 ? 125 PHE A N   1 
ATOM   849  C  CA  . PHE A 1 111 ? -9.274  -7.263  1.331   1.00 22.06 ? 125 PHE A CA  1 
ATOM   850  C  C   . PHE A 1 111 ? -9.505  -6.820  2.756   1.00 21.96 ? 125 PHE A C   1 
ATOM   851  O  O   . PHE A 1 111 ? -10.523 -6.201  3.078   1.00 21.78 ? 125 PHE A O   1 
ATOM   852  C  CB  . PHE A 1 111 ? -8.341  -6.251  0.672   1.00 23.58 ? 125 PHE A CB  1 
ATOM   853  C  CG  . PHE A 1 111 ? -8.120  -6.489  -0.789  1.00 25.63 ? 125 PHE A CG  1 
ATOM   854  C  CD1 . PHE A 1 111 ? -6.983  -7.145  -1.233  1.00 25.00 ? 125 PHE A CD1 1 
ATOM   855  C  CD2 . PHE A 1 111 ? -9.058  -6.065  -1.722  1.00 26.13 ? 125 PHE A CD2 1 
ATOM   856  C  CE1 . PHE A 1 111 ? -6.783  -7.375  -2.584  1.00 26.51 ? 125 PHE A CE1 1 
ATOM   857  C  CE2 . PHE A 1 111 ? -8.865  -6.292  -3.076  1.00 27.42 ? 125 PHE A CE2 1 
ATOM   858  C  CZ  . PHE A 1 111 ? -7.725  -6.948  -3.508  1.00 27.22 ? 125 PHE A CZ  1 
ATOM   859  N  N   . THR A 1 112 ? -8.533  -7.119  3.607   1.00 20.34 ? 126 THR A N   1 
ATOM   860  C  CA  . THR A 1 112 ? -8.602  -6.729  5.005   1.00 19.53 ? 126 THR A CA  1 
ATOM   861  C  C   . THR A 1 112 ? -8.013  -5.322  5.174   1.00 19.15 ? 126 THR A C   1 
ATOM   862  O  O   . THR A 1 112 ? -8.454  -4.541  6.017   1.00 19.13 ? 126 THR A O   1 
ATOM   863  C  CB  . THR A 1 112 ? -7.833  -7.734  5.855   1.00 18.02 ? 126 THR A CB  1 
ATOM   864  O  OG1 . THR A 1 112 ? -8.452  -9.018  5.707   1.00 22.58 ? 126 THR A OG1 1 
ATOM   865  C  CG2 . THR A 1 112 ? -7.829  -7.328  7.318   1.00 16.16 ? 126 THR A CG2 1 
ATOM   866  N  N   . VAL A 1 113 ? -7.023  -5.003  4.350   1.00 17.30 ? 127 VAL A N   1 
ATOM   867  C  CA  . VAL A 1 113 ? -6.377  -3.703  4.397   1.00 17.52 ? 127 VAL A CA  1 
ATOM   868  C  C   . VAL A 1 113 ? -6.103  -3.174  2.999   1.00 18.18 ? 127 VAL A C   1 
ATOM   869  O  O   . VAL A 1 113 ? -5.711  -3.924  2.102   1.00 19.85 ? 127 VAL A O   1 
ATOM   870  C  CB  . VAL A 1 113 ? -5.027  -3.764  5.135   1.00 17.00 ? 127 VAL A CB  1 
ATOM   871  C  CG1 . VAL A 1 113 ? -4.351  -2.404  5.078   1.00 13.79 ? 127 VAL A CG1 1 
ATOM   872  C  CG2 . VAL A 1 113 ? -5.239  -4.205  6.566   1.00 15.51 ? 127 VAL A CG2 1 
ATOM   873  N  N   . ALA A 1 114 ? -6.327  -1.882  2.814   1.00 17.37 ? 128 ALA A N   1 
ATOM   874  C  CA  . ALA A 1 114 ? -6.070  -1.253  1.527   1.00 19.04 ? 128 ALA A CA  1 
ATOM   875  C  C   . ALA A 1 114 ? -5.260  0.007   1.813   1.00 19.11 ? 128 ALA A C   1 
ATOM   876  O  O   . ALA A 1 114 ? -5.789  0.980   2.341   1.00 18.64 ? 128 ALA A O   1 
ATOM   877  C  CB  . ALA A 1 114 ? -7.380  -0.904  0.829   1.00 18.94 ? 128 ALA A CB  1 
ATOM   878  N  N   . PHE A 1 115 ? -3.971  -0.044  1.485   1.00 20.17 ? 129 PHE A N   1 
ATOM   879  C  CA  . PHE A 1 115 ? -3.050  1.067   1.694   1.00 20.31 ? 129 PHE A CA  1 
ATOM   880  C  C   . PHE A 1 115 ? -2.815  1.824   0.402   1.00 22.21 ? 129 PHE A C   1 
ATOM   881  O  O   . PHE A 1 115 ? -2.511  1.230   -0.634  1.00 24.36 ? 129 PHE A O   1 
ATOM   882  C  CB  . PHE A 1 115 ? -1.706  0.554   2.229   1.00 18.53 ? 129 PHE A CB  1 
ATOM   883  C  CG  . PHE A 1 115 ? -0.614  1.598   2.245   1.00 18.05 ? 129 PHE A CG  1 
ATOM   884  C  CD1 . PHE A 1 115 ? 0.114   1.890   1.092   1.00 18.36 ? 129 PHE A CD1 1 
ATOM   885  C  CD2 . PHE A 1 115 ? -0.325  2.302   3.404   1.00 16.83 ? 129 PHE A CD2 1 
ATOM   886  C  CE1 . PHE A 1 115 ? 1.115   2.870   1.097   1.00 19.11 ? 129 PHE A CE1 1 
ATOM   887  C  CE2 . PHE A 1 115 ? 0.672   3.283   3.421   1.00 18.26 ? 129 PHE A CE2 1 
ATOM   888  C  CZ  . PHE A 1 115 ? 1.392   3.568   2.266   1.00 17.67 ? 129 PHE A CZ  1 
HETATM 889  N  N   . MSE A 1 116 ? -2.933  3.143   0.468   1.00 22.60 ? 130 MSE A N   1 
HETATM 890  C  CA  . MSE A 1 116 ? -2.726  3.962   -0.709  1.00 24.85 ? 130 MSE A CA  1 
HETATM 891  C  C   . MSE A 1 116 ? -1.814  5.161   -0.457  1.00 24.31 ? 130 MSE A C   1 
HETATM 892  O  O   . MSE A 1 116 ? -2.108  6.021   0.369   1.00 24.46 ? 130 MSE A O   1 
HETATM 893  C  CB  . MSE A 1 116 ? -4.077  4.429   -1.241  1.00 28.28 ? 130 MSE A CB  1 
HETATM 894  C  CG  . MSE A 1 116 ? -3.991  5.374   -2.410  1.00 32.16 ? 130 MSE A CG  1 
HETATM 895  SE SE  . MSE A 1 116 ? -5.724  5.683   -3.207  1.00 39.11 ? 130 MSE A SE  1 
HETATM 896  C  CE  . MSE A 1 116 ? -5.605  4.330   -4.548  1.00 26.64 ? 130 MSE A CE  1 
ATOM   897  N  N   . ALA A 1 117 ? -0.698  5.202   -1.173  1.00 23.27 ? 131 ALA A N   1 
ATOM   898  C  CA  . ALA A 1 117 ? 0.252   6.298   -1.061  1.00 22.54 ? 131 ALA A CA  1 
ATOM   899  C  C   . ALA A 1 117 ? 0.567   6.803   -2.470  1.00 22.58 ? 131 ALA A C   1 
ATOM   900  O  O   . ALA A 1 117 ? 1.661   6.593   -3.000  1.00 22.93 ? 131 ALA A O   1 
ATOM   901  C  CB  . ALA A 1 117 ? 1.524   5.824   -0.363  1.00 21.35 ? 131 ALA A CB  1 
ATOM   902  N  N   . PRO A 1 118 ? -0.402  7.474   -3.097  1.00 21.88 ? 132 PRO A N   1 
ATOM   903  C  CA  . PRO A 1 118 ? -0.209  8.001   -4.448  1.00 22.47 ? 132 PRO A CA  1 
ATOM   904  C  C   . PRO A 1 118 ? 0.709   9.215   -4.469  1.00 23.16 ? 132 PRO A C   1 
ATOM   905  O  O   . PRO A 1 118 ? 0.934   9.849   -3.441  1.00 23.30 ? 132 PRO A O   1 
ATOM   906  C  CB  . PRO A 1 118 ? -1.631  8.334   -4.887  1.00 22.57 ? 132 PRO A CB  1 
ATOM   907  C  CG  . PRO A 1 118 ? -2.289  8.745   -3.620  1.00 21.79 ? 132 PRO A CG  1 
ATOM   908  C  CD  . PRO A 1 118 ? -1.752  7.779   -2.589  1.00 23.32 ? 132 PRO A CD  1 
ATOM   909  N  N   . PRO A 1 119 ? 1.278   9.537   -5.641  1.00 24.48 ? 133 PRO A N   1 
ATOM   910  C  CA  . PRO A 1 119 ? 2.164   10.699  -5.723  1.00 24.77 ? 133 PRO A CA  1 
ATOM   911  C  C   . PRO A 1 119 ? 1.401   11.973  -5.379  1.00 25.82 ? 133 PRO A C   1 
ATOM   912  O  O   . PRO A 1 119 ? 0.375   12.275  -5.978  1.00 26.05 ? 133 PRO A O   1 
ATOM   913  C  CB  . PRO A 1 119 ? 2.658   10.656  -7.168  1.00 23.92 ? 133 PRO A CB  1 
ATOM   914  C  CG  . PRO A 1 119 ? 1.569   9.955   -7.892  1.00 24.36 ? 133 PRO A CG  1 
ATOM   915  C  CD  . PRO A 1 119 ? 1.191   8.849   -6.941  1.00 22.89 ? 133 PRO A CD  1 
ATOM   916  N  N   . TYR A 1 120 ? 1.923   12.700  -4.398  1.00 28.60 ? 134 TYR A N   1 
ATOM   917  C  CA  . TYR A 1 120 ? 1.336   13.935  -3.882  1.00 31.80 ? 134 TYR A CA  1 
ATOM   918  C  C   . TYR A 1 120 ? 0.907   14.997  -4.893  1.00 33.63 ? 134 TYR A C   1 
ATOM   919  O  O   . TYR A 1 120 ? 0.184   15.935  -4.540  1.00 34.31 ? 134 TYR A O   1 
ATOM   920  C  CB  . TYR A 1 120 ? 2.301   14.555  -2.869  1.00 31.55 ? 134 TYR A CB  1 
ATOM   921  C  CG  . TYR A 1 120 ? 2.545   13.652  -1.686  1.00 33.85 ? 134 TYR A CG  1 
ATOM   922  C  CD1 . TYR A 1 120 ? 3.510   13.952  -0.734  1.00 33.58 ? 134 TYR A CD1 1 
ATOM   923  C  CD2 . TYR A 1 120 ? 1.791   12.495  -1.517  1.00 33.79 ? 134 TYR A CD2 1 
ATOM   924  C  CE1 . TYR A 1 120 ? 3.713   13.114  0.361   1.00 35.78 ? 134 TYR A CE1 1 
ATOM   925  C  CE2 . TYR A 1 120 ? 1.987   11.660  -0.436  1.00 35.30 ? 134 TYR A CE2 1 
ATOM   926  C  CZ  . TYR A 1 120 ? 2.946   11.970  0.501   1.00 35.58 ? 134 TYR A CZ  1 
ATOM   927  O  OH  . TYR A 1 120 ? 3.126   11.124  1.574   1.00 36.22 ? 134 TYR A OH  1 
ATOM   928  N  N   . ALA A 1 121 ? 1.342   14.857  -6.139  1.00 34.25 ? 135 ALA A N   1 
ATOM   929  C  CA  . ALA A 1 121 ? 0.987   15.824  -7.167  1.00 36.60 ? 135 ALA A CA  1 
ATOM   930  C  C   . ALA A 1 121 ? -0.459  15.632  -7.622  1.00 37.10 ? 135 ALA A C   1 
ATOM   931  O  O   . ALA A 1 121 ? -1.091  16.568  -8.122  1.00 37.57 ? 135 ALA A O   1 
ATOM   932  C  CB  . ALA A 1 121 ? 1.940   15.696  -8.362  1.00 37.96 ? 135 ALA A CB  1 
HETATM 933  N  N   . MSE A 1 122 ? -0.975  14.418  -7.449  1.00 35.08 ? 136 MSE A N   1 
HETATM 934  C  CA  . MSE A 1 122 ? -2.345  14.110  -7.837  1.00 34.94 ? 136 MSE A CA  1 
HETATM 935  C  C   . MSE A 1 122 ? -3.337  14.658  -6.815  1.00 34.26 ? 136 MSE A C   1 
HETATM 936  O  O   . MSE A 1 122 ? -2.946  15.163  -5.767  1.00 32.68 ? 136 MSE A O   1 
HETATM 937  C  CB  . MSE A 1 122 ? -2.521  12.602  -7.971  1.00 33.93 ? 136 MSE A CB  1 
HETATM 938  C  CG  . MSE A 1 122 ? -1.621  12.005  -9.002  1.00 35.93 ? 136 MSE A CG  1 
HETATM 939  SE SE  . MSE A 1 122 ? -1.738  10.104  -9.056  1.00 41.94 ? 136 MSE A SE  1 
HETATM 940  C  CE  . MSE A 1 122 ? -3.270  9.862   -10.210 1.00 41.75 ? 136 MSE A CE  1 
ATOM   941  N  N   . ASP A 1 123 ? -4.622  14.561  -7.130  1.00 35.30 ? 137 ASP A N   1 
ATOM   942  C  CA  . ASP A 1 123 ? -5.663  15.047  -6.234  1.00 36.44 ? 137 ASP A CA  1 
ATOM   943  C  C   . ASP A 1 123 ? -5.890  14.014  -5.134  1.00 36.08 ? 137 ASP A C   1 
ATOM   944  O  O   . ASP A 1 123 ? -6.826  13.218  -5.195  1.00 36.06 ? 137 ASP A O   1 
ATOM   945  C  CB  . ASP A 1 123 ? -6.960  15.293  -7.022  1.00 36.46 ? 137 ASP A CB  1 
ATOM   946  C  CG  . ASP A 1 123 ? -8.058  15.936  -6.179  1.00 38.47 ? 137 ASP A CG  1 
ATOM   947  O  OD1 . ASP A 1 123 ? -8.890  16.667  -6.756  1.00 38.64 ? 137 ASP A OD1 1 
ATOM   948  O  OD2 . ASP A 1 123 ? -8.109  15.709  -4.950  1.00 39.50 ? 137 ASP A OD2 1 
ATOM   949  N  N   . LEU A 1 124 ? -5.015  14.018  -4.137  1.00 35.94 ? 138 LEU A N   1 
ATOM   950  C  CA  . LEU A 1 124 ? -5.148  13.082  -3.033  1.00 36.15 ? 138 LEU A CA  1 
ATOM   951  C  C   . LEU A 1 124 ? -6.348  13.531  -2.228  1.00 36.53 ? 138 LEU A C   1 
ATOM   952  O  O   . LEU A 1 124 ? -6.236  14.403  -1.361  1.00 40.14 ? 138 LEU A O   1 
ATOM   953  C  CB  . LEU A 1 124 ? -3.922  13.111  -2.128  1.00 36.20 ? 138 LEU A CB  1 
ATOM   954  C  CG  . LEU A 1 124 ? -2.541  13.000  -2.756  1.00 37.64 ? 138 LEU A CG  1 
ATOM   955  C  CD1 . LEU A 1 124 ? -1.529  12.742  -1.649  1.00 38.56 ? 138 LEU A CD1 1 
ATOM   956  C  CD2 . LEU A 1 124 ? -2.520  11.881  -3.772  1.00 38.39 ? 138 LEU A CD2 1 
ATOM   957  N  N   . ALA A 1 125 ? -7.495  12.942  -2.519  1.00 33.14 ? 139 ALA A N   1 
ATOM   958  C  CA  . ALA A 1 125 ? -8.735  13.272  -1.838  1.00 32.11 ? 139 ALA A CA  1 
ATOM   959  C  C   . ALA A 1 125 ? -9.784  12.685  -2.752  1.00 30.56 ? 139 ALA A C   1 
ATOM   960  O  O   . ALA A 1 125 ? -10.626 11.897  -2.329  1.00 30.62 ? 139 ALA A O   1 
ATOM   961  C  CB  . ALA A 1 125 ? -8.902  14.781  -1.725  1.00 33.47 ? 139 ALA A CB  1 
ATOM   962  N  N   . ALA A 1 126 ? -9.725  13.074  -4.017  1.00 28.52 ? 140 ALA A N   1 
ATOM   963  C  CA  . ALA A 1 126 ? -10.642 12.513  -4.986  1.00 26.59 ? 140 ALA A CA  1 
ATOM   964  C  C   . ALA A 1 126 ? -10.219 11.043  -5.089  1.00 24.78 ? 140 ALA A C   1 
ATOM   965  O  O   . ALA A 1 126 ? -11.063 10.149  -5.150  1.00 24.42 ? 140 ALA A O   1 
ATOM   966  C  CB  . ALA A 1 126 ? -10.486 13.209  -6.332  1.00 26.32 ? 140 ALA A CB  1 
ATOM   967  N  N   . LEU A 1 127 ? -8.909  10.801  -5.090  1.00 22.72 ? 141 LEU A N   1 
ATOM   968  C  CA  . LEU A 1 127 ? -8.397  9.432   -5.174  1.00 24.35 ? 141 LEU A CA  1 
ATOM   969  C  C   . LEU A 1 127 ? -8.825  8.604   -3.967  1.00 24.31 ? 141 LEU A C   1 
ATOM   970  O  O   . LEU A 1 127 ? -9.317  7.487   -4.127  1.00 25.68 ? 141 LEU A O   1 
ATOM   971  C  CB  . LEU A 1 127 ? -6.865  9.412   -5.319  1.00 20.00 ? 141 LEU A CB  1 
ATOM   972  C  CG  . LEU A 1 127 ? -6.343  9.808   -6.708  1.00 17.10 ? 141 LEU A CG  1 
ATOM   973  C  CD1 . LEU A 1 127 ? -4.845  9.697   -6.734  1.00 16.69 ? 141 LEU A CD1 1 
ATOM   974  C  CD2 . LEU A 1 127 ? -6.947  8.900   -7.774  1.00 16.69 ? 141 LEU A CD2 1 
ATOM   975  N  N   . PHE A 1 128 ? -8.658  9.153   -2.769  1.00 24.97 ? 142 PHE A N   1 
ATOM   976  C  CA  . PHE A 1 128 ? -9.053  8.439   -1.552  1.00 26.74 ? 142 PHE A CA  1 
ATOM   977  C  C   . PHE A 1 128 ? -10.553 8.198   -1.598  1.00 25.41 ? 142 PHE A C   1 
ATOM   978  O  O   . PHE A 1 128 ? -11.028 7.128   -1.223  1.00 25.43 ? 142 PHE A O   1 
ATOM   979  C  CB  . PHE A 1 128 ? -8.708  9.258   -0.303  1.00 28.94 ? 142 PHE A CB  1 
ATOM   980  C  CG  . PHE A 1 128 ? -7.231  9.445   -0.081  1.00 32.78 ? 142 PHE A CG  1 
ATOM   981  C  CD1 . PHE A 1 128 ? -6.753  10.572  0.579   1.00 34.47 ? 142 PHE A CD1 1 
ATOM   982  C  CD2 . PHE A 1 128 ? -6.322  8.494   -0.510  1.00 33.48 ? 142 PHE A CD2 1 
ATOM   983  C  CE1 . PHE A 1 128 ? -5.394  10.743  0.806   1.00 35.83 ? 142 PHE A CE1 1 
ATOM   984  C  CE2 . PHE A 1 128 ? -4.961  8.657   -0.286  1.00 34.35 ? 142 PHE A CE2 1 
ATOM   985  C  CZ  . PHE A 1 128 ? -4.497  9.780   0.372   1.00 36.03 ? 142 PHE A CZ  1 
ATOM   986  N  N   . GLY A 1 129 ? -11.289 9.203   -2.069  1.00 25.06 ? 143 GLY A N   1 
ATOM   987  C  CA  . GLY A 1 129 ? -12.732 9.094   -2.171  1.00 25.11 ? 143 GLY A CA  1 
ATOM   988  C  C   . GLY A 1 129 ? -13.134 7.912   -3.027  1.00 27.08 ? 143 GLY A C   1 
ATOM   989  O  O   . GLY A 1 129 ? -14.053 7.173   -2.687  1.00 28.90 ? 143 GLY A O   1 
ATOM   990  N  N   . GLU A 1 130 ? -12.436 7.728   -4.141  1.00 28.97 ? 144 GLU A N   1 
ATOM   991  C  CA  . GLU A 1 130 ? -12.713 6.618   -5.048  1.00 30.60 ? 144 GLU A CA  1 
ATOM   992  C  C   . GLU A 1 130 ? -12.422 5.274   -4.384  1.00 29.37 ? 144 GLU A C   1 
ATOM   993  O  O   . GLU A 1 130 ? -13.192 4.323   -4.524  1.00 29.21 ? 144 GLU A O   1 
ATOM   994  C  CB  . GLU A 1 130 ? -11.870 6.761   -6.319  1.00 33.23 ? 144 GLU A CB  1 
ATOM   995  C  CG  . GLU A 1 130 ? -12.297 7.923   -7.203  1.00 39.77 ? 144 GLU A CG  1 
ATOM   996  C  CD  . GLU A 1 130 ? -13.616 7.663   -7.931  1.00 44.24 ? 144 GLU A CD  1 
ATOM   997  O  OE1 . GLU A 1 130 ? -14.181 8.632   -8.487  1.00 46.67 ? 144 GLU A OE1 1 
ATOM   998  O  OE2 . GLU A 1 130 ? -14.086 6.499   -7.960  1.00 44.39 ? 144 GLU A OE2 1 
ATOM   999  N  N   . LEU A 1 131 ? -11.307 5.192   -3.664  1.00 26.90 ? 145 LEU A N   1 
ATOM   1000 C  CA  . LEU A 1 131 ? -10.941 3.954   -2.986  1.00 24.99 ? 145 LEU A CA  1 
ATOM   1001 C  C   . LEU A 1 131 ? -12.017 3.630   -1.953  1.00 25.14 ? 145 LEU A C   1 
ATOM   1002 O  O   . LEU A 1 131 ? -12.539 2.517   -1.908  1.00 23.21 ? 145 LEU A O   1 
ATOM   1003 C  CB  . LEU A 1 131 ? -9.600  4.118   -2.273  1.00 25.32 ? 145 LEU A CB  1 
ATOM   1004 C  CG  . LEU A 1 131 ? -8.730  2.883   -2.017  1.00 25.80 ? 145 LEU A CG  1 
ATOM   1005 C  CD1 . LEU A 1 131 ? -7.832  3.173   -0.827  1.00 24.37 ? 145 LEU A CD1 1 
ATOM   1006 C  CD2 . LEU A 1 131 ? -9.574  1.650   -1.751  1.00 24.74 ? 145 LEU A CD2 1 
ATOM   1007 N  N   . LEU A 1 132 ? -12.350 4.617   -1.128  1.00 25.63 ? 146 LEU A N   1 
ATOM   1008 C  CA  . LEU A 1 132 ? -13.359 4.444   -0.091  1.00 28.25 ? 146 LEU A CA  1 
ATOM   1009 C  C   . LEU A 1 132 ? -14.706 4.008   -0.661  1.00 28.21 ? 146 LEU A C   1 
ATOM   1010 O  O   . LEU A 1 132 ? -15.410 3.212   -0.047  1.00 29.91 ? 146 LEU A O   1 
ATOM   1011 C  CB  . LEU A 1 132 ? -13.518 5.749   0.694   1.00 30.17 ? 146 LEU A CB  1 
ATOM   1012 C  CG  . LEU A 1 132 ? -12.186 6.254   1.265   1.00 33.26 ? 146 LEU A CG  1 
ATOM   1013 C  CD1 . LEU A 1 132 ? -12.292 7.715   1.655   1.00 34.45 ? 146 LEU A CD1 1 
ATOM   1014 C  CD2 . LEU A 1 132 ? -11.779 5.398   2.443   1.00 32.59 ? 146 LEU A CD2 1 
ATOM   1015 N  N   . ALA A 1 133 ? -15.055 4.515   -1.840  1.00 27.50 ? 147 ALA A N   1 
ATOM   1016 C  CA  . ALA A 1 133 ? -16.326 4.179   -2.475  1.00 27.01 ? 147 ALA A CA  1 
ATOM   1017 C  C   . ALA A 1 133 ? -16.360 2.777   -3.089  1.00 27.55 ? 147 ALA A C   1 
ATOM   1018 O  O   . ALA A 1 133 ? -17.430 2.184   -3.224  1.00 27.57 ? 147 ALA A O   1 
ATOM   1019 C  CB  . ALA A 1 133 ? -16.658 5.216   -3.546  1.00 27.67 ? 147 ALA A CB  1 
ATOM   1020 N  N   . SER A 1 134 ? -15.193 2.255   -3.464  1.00 26.40 ? 148 SER A N   1 
ATOM   1021 C  CA  . SER A 1 134 ? -15.101 0.929   -4.071  1.00 23.39 ? 148 SER A CA  1 
ATOM   1022 C  C   . SER A 1 134 ? -15.674 -0.137  -3.151  1.00 22.90 ? 148 SER A C   1 
ATOM   1023 O  O   . SER A 1 134 ? -16.152 -1.165  -3.616  1.00 21.05 ? 148 SER A O   1 
ATOM   1024 C  CB  . SER A 1 134 ? -13.642 0.569   -4.378  1.00 24.69 ? 148 SER A CB  1 
ATOM   1025 O  OG  . SER A 1 134 ? -12.959 0.133   -3.210  1.00 20.73 ? 148 SER A OG  1 
ATOM   1026 N  N   . GLY A 1 135 ? -15.606 0.105   -1.845  1.00 22.40 ? 149 GLY A N   1 
ATOM   1027 C  CA  . GLY A 1 135 ? -16.119 -0.863  -0.891  1.00 20.32 ? 149 GLY A CA  1 
ATOM   1028 C  C   . GLY A 1 135 ? -15.374 -2.186  -0.940  1.00 20.21 ? 149 GLY A C   1 
ATOM   1029 O  O   . GLY A 1 135 ? -15.957 -3.227  -0.655  1.00 20.53 ? 149 GLY A O   1 
ATOM   1030 N  N   . LEU A 1 136 ? -14.088 -2.154  -1.279  1.00 18.98 ? 150 LEU A N   1 
ATOM   1031 C  CA  . LEU A 1 136 ? -13.299 -3.383  -1.378  1.00 20.16 ? 150 LEU A CA  1 
ATOM   1032 C  C   . LEU A 1 136 ? -12.794 -3.993  -0.063  1.00 21.04 ? 150 LEU A C   1 
ATOM   1033 O  O   . LEU A 1 136 ? -12.411 -5.159  -0.034  1.00 20.08 ? 150 LEU A O   1 
ATOM   1034 C  CB  . LEU A 1 136 ? -12.114 -3.164  -2.314  1.00 20.96 ? 150 LEU A CB  1 
ATOM   1035 C  CG  . LEU A 1 136 ? -12.433 -2.803  -3.771  1.00 22.19 ? 150 LEU A CG  1 
ATOM   1036 C  CD1 . LEU A 1 136 ? -11.131 -2.583  -4.525  1.00 17.68 ? 150 LEU A CD1 1 
ATOM   1037 C  CD2 . LEU A 1 136 ? -13.259 -3.927  -4.423  1.00 21.79 ? 150 LEU A CD2 1 
ATOM   1038 N  N   . VAL A 1 137 ? -12.792 -3.218  1.020   1.00 21.88 ? 151 VAL A N   1 
ATOM   1039 C  CA  . VAL A 1 137 ? -12.340 -3.725  2.316   1.00 21.65 ? 151 VAL A CA  1 
ATOM   1040 C  C   . VAL A 1 137 ? -13.493 -4.319  3.124   1.00 22.20 ? 151 VAL A C   1 
ATOM   1041 O  O   . VAL A 1 137 ? -14.522 -3.685  3.332   1.00 21.86 ? 151 VAL A O   1 
ATOM   1042 C  CB  . VAL A 1 137 ? -11.672 -2.619  3.164   1.00 22.69 ? 151 VAL A CB  1 
ATOM   1043 C  CG1 . VAL A 1 137 ? -11.329 -3.161  4.548   1.00 21.99 ? 151 VAL A CG1 1 
ATOM   1044 C  CG2 . VAL A 1 137 ? -10.406 -2.121  2.472   1.00 22.99 ? 151 VAL A CG2 1 
ATOM   1045 N  N   . GLU A 1 138 ? -13.300 -5.549  3.576   1.00 23.68 ? 152 GLU A N   1 
ATOM   1046 C  CA  . GLU A 1 138 ? -14.284 -6.283  4.357   1.00 23.06 ? 152 GLU A CA  1 
ATOM   1047 C  C   . GLU A 1 138 ? -14.546 -5.611  5.699   1.00 23.99 ? 152 GLU A C   1 
ATOM   1048 O  O   . GLU A 1 138 ? -13.725 -4.826  6.183   1.00 22.97 ? 152 GLU A O   1 
ATOM   1049 C  CB  . GLU A 1 138 ? -13.762 -7.691  4.618   1.00 23.70 ? 152 GLU A CB  1 
ATOM   1050 C  CG  . GLU A 1 138 ? -12.654 -7.713  5.646   1.00 24.78 ? 152 GLU A CG  1 
ATOM   1051 C  CD  . GLU A 1 138 ? -11.918 -9.034  5.708   1.00 27.67 ? 152 GLU A CD  1 
ATOM   1052 O  OE1 . GLU A 1 138 ? -11.076 -9.189  6.622   1.00 27.88 ? 152 GLU A OE1 1 
ATOM   1053 O  OE2 . GLU A 1 138 ? -12.171 -9.908  4.847   1.00 27.75 ? 152 GLU A OE2 1 
ATOM   1054 N  N   . ALA A 1 139 ? -15.690 -5.923  6.300   1.00 23.94 ? 153 ALA A N   1 
ATOM   1055 C  CA  . ALA A 1 139 ? -16.028 -5.367  7.604   1.00 23.74 ? 153 ALA A CA  1 
ATOM   1056 C  C   . ALA A 1 139 ? -14.883 -5.702  8.550   1.00 23.60 ? 153 ALA A C   1 
ATOM   1057 O  O   . ALA A 1 139 ? -14.352 -6.814  8.525   1.00 23.70 ? 153 ALA A O   1 
ATOM   1058 C  CB  . ALA A 1 139 ? -17.318 -5.976  8.119   1.00 24.35 ? 153 ALA A CB  1 
ATOM   1059 N  N   . GLY A 1 140 ? -14.499 -4.741  9.378   1.00 22.32 ? 154 GLY A N   1 
ATOM   1060 C  CA  . GLY A 1 140 ? -13.411 -4.977  10.306  1.00 23.62 ? 154 GLY A CA  1 
ATOM   1061 C  C   . GLY A 1 140 ? -12.050 -4.578  9.756   1.00 23.00 ? 154 GLY A C   1 
ATOM   1062 O  O   . GLY A 1 140 ? -11.085 -4.488  10.505  1.00 23.49 ? 154 GLY A O   1 
ATOM   1063 N  N   . GLY A 1 141 ? -11.977 -4.326  8.454   1.00 21.80 ? 155 GLY A N   1 
ATOM   1064 C  CA  . GLY A 1 141 ? -10.715 -3.947  7.842   1.00 22.58 ? 155 GLY A CA  1 
ATOM   1065 C  C   . GLY A 1 141 ? -10.379 -2.471  7.914   1.00 21.98 ? 155 GLY A C   1 
ATOM   1066 O  O   . GLY A 1 141 ? -11.063 -1.695  8.583   1.00 21.76 ? 155 GLY A O   1 
ATOM   1067 N  N   . LEU A 1 142 ? -9.323  -2.087  7.201   1.00 21.39 ? 156 LEU A N   1 
ATOM   1068 C  CA  . LEU A 1 142 ? -8.852  -0.708  7.175   1.00 20.65 ? 156 LEU A CA  1 
ATOM   1069 C  C   . LEU A 1 142 ? -8.487  -0.145  5.816   1.00 20.12 ? 156 LEU A C   1 
ATOM   1070 O  O   . LEU A 1 142 ? -8.032  -0.868  4.933   1.00 20.79 ? 156 LEU A O   1 
ATOM   1071 C  CB  . LEU A 1 142 ? -7.600  -0.553  8.028   1.00 20.68 ? 156 LEU A CB  1 
ATOM   1072 C  CG  . LEU A 1 142 ? -7.686  -0.344  9.526   1.00 23.80 ? 156 LEU A CG  1 
ATOM   1073 C  CD1 . LEU A 1 142 ? -6.272  -0.212  10.067  1.00 22.74 ? 156 LEU A CD1 1 
ATOM   1074 C  CD2 . LEU A 1 142 ? -8.513  0.904   9.826   1.00 25.24 ? 156 LEU A CD2 1 
ATOM   1075 N  N   . TYR A 1 143 ? -8.698  1.162   5.678   1.00 19.92 ? 157 TYR A N   1 
ATOM   1076 C  CA  . TYR A 1 143 ? -8.308  1.920   4.496   1.00 18.53 ? 157 TYR A CA  1 
ATOM   1077 C  C   . TYR A 1 143 ? -7.250  2.833   5.099   1.00 18.24 ? 157 TYR A C   1 
ATOM   1078 O  O   . TYR A 1 143 ? -7.525  3.565   6.053   1.00 17.98 ? 157 TYR A O   1 
ATOM   1079 C  CB  . TYR A 1 143 ? -9.435  2.798   3.934   1.00 18.52 ? 157 TYR A CB  1 
ATOM   1080 C  CG  . TYR A 1 143 ? -10.485 2.071   3.125   1.00 19.57 ? 157 TYR A CG  1 
ATOM   1081 C  CD1 . TYR A 1 143 ? -11.686 1.676   3.705   1.00 20.08 ? 157 TYR A CD1 1 
ATOM   1082 C  CD2 . TYR A 1 143 ? -10.274 1.773   1.782   1.00 19.63 ? 157 TYR A CD2 1 
ATOM   1083 C  CE1 . TYR A 1 143 ? -12.645 1.008   2.975   1.00 20.79 ? 157 TYR A CE1 1 
ATOM   1084 C  CE2 . TYR A 1 143 ? -11.232 1.100   1.038   1.00 19.79 ? 157 TYR A CE2 1 
ATOM   1085 C  CZ  . TYR A 1 143 ? -12.414 0.720   1.643   1.00 20.67 ? 157 TYR A CZ  1 
ATOM   1086 O  OH  . TYR A 1 143 ? -13.360 0.031   0.930   1.00 20.26 ? 157 TYR A OH  1 
ATOM   1087 N  N   . VAL A 1 144 ? -6.035  2.767   4.580   1.00 17.72 ? 158 VAL A N   1 
ATOM   1088 C  CA  . VAL A 1 144 ? -4.969  3.607   5.088   1.00 18.89 ? 158 VAL A CA  1 
ATOM   1089 C  C   . VAL A 1 144 ? -4.526  4.528   3.971   1.00 21.21 ? 158 VAL A C   1 
ATOM   1090 O  O   . VAL A 1 144 ? -4.154  4.074   2.890   1.00 20.61 ? 158 VAL A O   1 
ATOM   1091 C  CB  . VAL A 1 144 ? -3.770  2.776   5.552   1.00 18.20 ? 158 VAL A CB  1 
ATOM   1092 C  CG1 . VAL A 1 144 ? -2.670  3.705   6.051   1.00 15.49 ? 158 VAL A CG1 1 
ATOM   1093 C  CG2 . VAL A 1 144 ? -4.206  1.802   6.645   1.00 15.32 ? 158 VAL A CG2 1 
ATOM   1094 N  N   . LEU A 1 145 ? -4.552  5.824   4.240   1.00 22.85 ? 159 LEU A N   1 
ATOM   1095 C  CA  . LEU A 1 145 ? -4.183  6.803   3.236   1.00 25.51 ? 159 LEU A CA  1 
ATOM   1096 C  C   . LEU A 1 145 ? -2.945  7.597   3.668   1.00 25.46 ? 159 LEU A C   1 
ATOM   1097 O  O   . LEU A 1 145 ? -2.920  8.147   4.767   1.00 25.77 ? 159 LEU A O   1 
ATOM   1098 C  CB  . LEU A 1 145 ? -5.385  7.734   3.019   1.00 29.16 ? 159 LEU A CB  1 
ATOM   1099 C  CG  . LEU A 1 145 ? -6.743  6.991   3.100   1.00 33.62 ? 159 LEU A CG  1 
ATOM   1100 C  CD1 . LEU A 1 145 ? -7.917  7.969   3.132   1.00 33.57 ? 159 LEU A CD1 1 
ATOM   1101 C  CD2 . LEU A 1 145 ? -6.882  6.049   1.914   1.00 33.17 ? 159 LEU A CD2 1 
ATOM   1102 N  N   . GLN A 1 146 ? -1.906  7.627   2.831   1.00 23.96 ? 160 GLN A N   1 
ATOM   1103 C  CA  . GLN A 1 146 ? -0.705  8.396   3.163   1.00 23.87 ? 160 GLN A CA  1 
ATOM   1104 C  C   . GLN A 1 146 ? -0.763  9.679   2.354   1.00 24.17 ? 160 GLN A C   1 
ATOM   1105 O  O   . GLN A 1 146 ? -1.142  9.660   1.192   1.00 25.08 ? 160 GLN A O   1 
ATOM   1106 C  CB  . GLN A 1 146 ? 0.581   7.639   2.819   1.00 23.37 ? 160 GLN A CB  1 
ATOM   1107 C  CG  . GLN A 1 146 ? 1.837   8.464   3.105   1.00 22.63 ? 160 GLN A CG  1 
ATOM   1108 C  CD  . GLN A 1 146 ? 3.132   7.786   2.666   1.00 26.24 ? 160 GLN A CD  1 
ATOM   1109 O  OE1 . GLN A 1 146 ? 3.985   8.409   2.023   1.00 23.97 ? 160 GLN A OE1 1 
ATOM   1110 N  NE2 . GLN A 1 146 ? 3.294   6.514   3.029   1.00 25.20 ? 160 GLN A NE2 1 
ATOM   1111 N  N   . HIS A 1 147 ? -0.375  10.792  2.963   1.00 24.80 ? 161 HIS A N   1 
ATOM   1112 C  CA  . HIS A 1 147 ? -0.438  12.080  2.288   1.00 25.15 ? 161 HIS A CA  1 
ATOM   1113 C  C   . HIS A 1 147 ? 0.340   13.140  3.061   1.00 25.58 ? 161 HIS A C   1 
ATOM   1114 O  O   . HIS A 1 147 ? 0.808   12.898  4.171   1.00 26.11 ? 161 HIS A O   1 
ATOM   1115 C  CB  . HIS A 1 147 ? -1.897  12.504  2.216   1.00 24.27 ? 161 HIS A CB  1 
ATOM   1116 C  CG  . HIS A 1 147 ? -2.577  12.505  3.553   1.00 24.75 ? 161 HIS A CG  1 
ATOM   1117 N  ND1 . HIS A 1 147 ? -2.329  13.460  4.514   1.00 24.05 ? 161 HIS A ND1 1 
ATOM   1118 C  CD2 . HIS A 1 147 ? -3.459  11.639  4.105   1.00 26.43 ? 161 HIS A CD2 1 
ATOM   1119 C  CE1 . HIS A 1 147 ? -3.028  13.183  5.599   1.00 24.23 ? 161 HIS A CE1 1 
ATOM   1120 N  NE2 . HIS A 1 147 ? -3.722  12.082  5.379   1.00 25.42 ? 161 HIS A NE2 1 
ATOM   1121 N  N   . PRO A 1 148 ? 0.500   14.333  2.477   1.00 26.56 ? 162 PRO A N   1 
ATOM   1122 C  CA  . PRO A 1 148 ? 1.238   15.357  3.227   1.00 26.16 ? 162 PRO A CA  1 
ATOM   1123 C  C   . PRO A 1 148 ? 0.421   15.759  4.450   1.00 27.19 ? 162 PRO A C   1 
ATOM   1124 O  O   . PRO A 1 148 ? -0.800  15.908  4.367   1.00 28.59 ? 162 PRO A O   1 
ATOM   1125 C  CB  . PRO A 1 148 ? 1.410   16.488  2.207   1.00 26.69 ? 162 PRO A CB  1 
ATOM   1126 C  CG  . PRO A 1 148 ? 0.343   16.227  1.170   1.00 25.60 ? 162 PRO A CG  1 
ATOM   1127 C  CD  . PRO A 1 148 ? 0.289   14.736  1.076   1.00 24.89 ? 162 PRO A CD  1 
ATOM   1128 N  N   . LYS A 1 149 ? 1.092   15.921  5.589   1.00 27.35 ? 163 LYS A N   1 
ATOM   1129 C  CA  . LYS A 1 149 ? 0.419   16.264  6.838   1.00 26.11 ? 163 LYS A CA  1 
ATOM   1130 C  C   . LYS A 1 149 ? -0.542  17.455  6.764   1.00 26.17 ? 163 LYS A C   1 
ATOM   1131 O  O   . LYS A 1 149 ? -1.466  17.561  7.572   1.00 25.68 ? 163 LYS A O   1 
ATOM   1132 C  CB  . LYS A 1 149 ? 1.453   16.502  7.946   1.00 26.32 ? 163 LYS A CB  1 
ATOM   1133 C  CG  . LYS A 1 149 ? 2.086   17.894  7.964   1.00 27.34 ? 163 LYS A CG  1 
ATOM   1134 C  CD  . LYS A 1 149 ? 3.115   18.003  9.090   1.00 26.78 ? 163 LYS A CD  1 
ATOM   1135 C  CE  . LYS A 1 149 ? 3.299   19.441  9.576   1.00 28.44 ? 163 LYS A CE  1 
ATOM   1136 N  NZ  . LYS A 1 149 ? 3.693   20.393  8.507   1.00 29.07 ? 163 LYS A NZ  1 
ATOM   1137 N  N   . ASP A 1 150 ? -0.342  18.344  5.801   1.00 26.97 ? 164 ASP A N   1 
ATOM   1138 C  CA  . ASP A 1 150 ? -1.219  19.505  5.682   1.00 31.05 ? 164 ASP A CA  1 
ATOM   1139 C  C   . ASP A 1 150 ? -2.561  19.177  5.028   1.00 30.66 ? 164 ASP A C   1 
ATOM   1140 O  O   . ASP A 1 150 ? -3.521  19.934  5.142   1.00 30.57 ? 164 ASP A O   1 
ATOM   1141 C  CB  . ASP A 1 150 ? -0.491  20.634  4.943   1.00 34.41 ? 164 ASP A CB  1 
ATOM   1142 C  CG  . ASP A 1 150 ? 0.614   21.274  5.800   1.00 40.64 ? 164 ASP A CG  1 
ATOM   1143 O  OD1 . ASP A 1 150 ? 1.446   20.527  6.366   1.00 44.12 ? 164 ASP A OD1 1 
ATOM   1144 O  OD2 . ASP A 1 150 ? 0.658   22.521  5.913   1.00 43.69 ? 164 ASP A OD2 1 
ATOM   1145 N  N   . LEU A 1 151 ? -2.634  18.036  4.355   1.00 30.80 ? 165 LEU A N   1 
ATOM   1146 C  CA  . LEU A 1 151 ? -3.878  17.604  3.735   1.00 29.64 ? 165 LEU A CA  1 
ATOM   1147 C  C   . LEU A 1 151 ? -4.688  17.002  4.880   1.00 29.37 ? 165 LEU A C   1 
ATOM   1148 O  O   . LEU A 1 151 ? -4.158  16.198  5.641   1.00 30.52 ? 165 LEU A O   1 
ATOM   1149 C  CB  . LEU A 1 151 ? -3.577  16.542  2.674   1.00 30.41 ? 165 LEU A CB  1 
ATOM   1150 C  CG  . LEU A 1 151 ? -4.654  16.169  1.650   1.00 31.12 ? 165 LEU A CG  1 
ATOM   1151 C  CD1 . LEU A 1 151 ? -5.286  14.849  2.016   1.00 28.64 ? 165 LEU A CD1 1 
ATOM   1152 C  CD2 . LEU A 1 151 ? -5.691  17.288  1.555   1.00 28.61 ? 165 LEU A CD2 1 
ATOM   1153 N  N   . TYR A 1 152 ? -5.952  17.394  5.026   1.00 28.70 ? 166 TYR A N   1 
ATOM   1154 C  CA  . TYR A 1 152 ? -6.770  16.862  6.113   1.00 27.78 ? 166 TYR A CA  1 
ATOM   1155 C  C   . TYR A 1 152 ? -8.068  16.175  5.694   1.00 29.53 ? 166 TYR A C   1 
ATOM   1156 O  O   . TYR A 1 152 ? -8.840  16.712  4.900   1.00 28.95 ? 166 TYR A O   1 
ATOM   1157 C  CB  . TYR A 1 152 ? -7.133  17.961  7.113   1.00 26.33 ? 166 TYR A CB  1 
ATOM   1158 C  CG  . TYR A 1 152 ? -7.967  17.431  8.265   1.00 23.42 ? 166 TYR A CG  1 
ATOM   1159 C  CD1 . TYR A 1 152 ? -7.407  16.596  9.221   1.00 21.41 ? 166 TYR A CD1 1 
ATOM   1160 C  CD2 . TYR A 1 152 ? -9.327  17.696  8.350   1.00 24.03 ? 166 TYR A CD2 1 
ATOM   1161 C  CE1 . TYR A 1 152 ? -8.172  16.035  10.217  1.00 19.58 ? 166 TYR A CE1 1 
ATOM   1162 C  CE2 . TYR A 1 152 ? -10.108 17.134  9.354   1.00 20.19 ? 166 TYR A CE2 1 
ATOM   1163 C  CZ  . TYR A 1 152 ? -9.521  16.302  10.276  1.00 20.66 ? 166 TYR A CZ  1 
ATOM   1164 O  OH  . TYR A 1 152 ? -10.288 15.698  11.241  1.00 19.50 ? 166 TYR A OH  1 
ATOM   1165 N  N   . LEU A 1 153 ? -8.309  14.992  6.255   1.00 29.73 ? 167 LEU A N   1 
ATOM   1166 C  CA  . LEU A 1 153 ? -9.524  14.230  5.980   1.00 30.32 ? 167 LEU A CA  1 
ATOM   1167 C  C   . LEU A 1 153 ? -10.196 13.918  7.312   1.00 31.73 ? 167 LEU A C   1 
ATOM   1168 O  O   . LEU A 1 153 ? -9.533  13.522  8.270   1.00 32.14 ? 167 LEU A O   1 
ATOM   1169 C  CB  . LEU A 1 153 ? -9.206  12.904  5.284   1.00 30.05 ? 167 LEU A CB  1 
ATOM   1170 C  CG  . LEU A 1 153 ? -8.589  12.870  3.887   1.00 31.86 ? 167 LEU A CG  1 
ATOM   1171 C  CD1 . LEU A 1 153 ? -7.185  13.419  3.922   1.00 32.77 ? 167 LEU A CD1 1 
ATOM   1172 C  CD2 . LEU A 1 153 ? -8.557  11.434  3.404   1.00 32.64 ? 167 LEU A CD2 1 
ATOM   1173 N  N   . PRO A 1 154 ? -11.523 14.093  7.390   1.00 33.41 ? 168 PRO A N   1 
ATOM   1174 C  CA  . PRO A 1 154 ? -12.281 13.822  8.616   1.00 34.98 ? 168 PRO A CA  1 
ATOM   1175 C  C   . PRO A 1 154 ? -12.751 12.366  8.667   1.00 36.39 ? 168 PRO A C   1 
ATOM   1176 O  O   . PRO A 1 154 ? -13.480 11.967  9.573   1.00 38.11 ? 168 PRO A O   1 
ATOM   1177 C  CB  . PRO A 1 154 ? -13.450 14.780  8.495   1.00 33.28 ? 168 PRO A CB  1 
ATOM   1178 C  CG  . PRO A 1 154 ? -13.755 14.691  7.024   1.00 33.05 ? 168 PRO A CG  1 
ATOM   1179 C  CD  . PRO A 1 154 ? -12.375 14.755  6.385   1.00 32.75 ? 168 PRO A CD  1 
ATOM   1180 N  N   . LEU A 1 155 ? -12.322 11.577  7.688   1.00 37.88 ? 169 LEU A N   1 
ATOM   1181 C  CA  . LEU A 1 155 ? -12.728 10.181  7.590   1.00 39.72 ? 169 LEU A CA  1 
ATOM   1182 C  C   . LEU A 1 155 ? -12.306 9.299   8.760   1.00 40.49 ? 169 LEU A C   1 
ATOM   1183 O  O   . LEU A 1 155 ? -12.994 8.324   9.086   1.00 41.97 ? 169 LEU A O   1 
ATOM   1184 C  CB  . LEU A 1 155 ? -12.210 9.574   6.285   1.00 39.58 ? 169 LEU A CB  1 
ATOM   1185 C  CG  . LEU A 1 155 ? -12.833 10.080  4.982   1.00 41.85 ? 169 LEU A CG  1 
ATOM   1186 C  CD1 . LEU A 1 155 ? -14.334 9.872   5.020   1.00 42.43 ? 169 LEU A CD1 1 
ATOM   1187 C  CD2 . LEU A 1 155 ? -12.516 11.548  4.788   1.00 44.71 ? 169 LEU A CD2 1 
ATOM   1188 N  N   . GLY A 1 156 ? -11.185 9.629   9.394   1.00 37.59 ? 170 GLY A N   1 
ATOM   1189 C  CA  . GLY A 1 156 ? -10.737 8.811   10.500  1.00 36.36 ? 170 GLY A CA  1 
ATOM   1190 C  C   . GLY A 1 156 ? -9.611  9.428   11.291  1.00 36.59 ? 170 GLY A C   1 
ATOM   1191 O  O   . GLY A 1 156 ? -9.281  10.600  11.116  1.00 38.21 ? 170 GLY A O   1 
ATOM   1192 N  N   . GLU A 1 157 ? -9.010  8.633   12.166  1.00 35.66 ? 171 GLU A N   1 
ATOM   1193 C  CA  . GLU A 1 157 ? -7.918  9.108   12.998  1.00 34.26 ? 171 GLU A CA  1 
ATOM   1194 C  C   . GLU A 1 157 ? -6.602  9.188   12.247  1.00 32.74 ? 171 GLU A C   1 
ATOM   1195 O  O   . GLU A 1 157 ? -6.317  8.368   11.378  1.00 32.38 ? 171 GLU A O   1 
ATOM   1196 C  CB  . GLU A 1 157 ? -7.781  8.207   14.221  1.00 36.68 ? 171 GLU A CB  1 
ATOM   1197 C  CG  . GLU A 1 157 ? -9.044  8.216   15.058  1.00 38.46 ? 171 GLU A CG  1 
ATOM   1198 C  CD  . GLU A 1 157 ? -9.769  9.549   14.941  1.00 40.87 ? 171 GLU A CD  1 
ATOM   1199 O  OE1 . GLU A 1 157 ? -10.747 9.641   14.158  1.00 41.45 ? 171 GLU A OE1 1 
ATOM   1200 O  OE2 . GLU A 1 157 ? -9.342  10.514  15.616  1.00 40.11 ? 171 GLU A OE2 1 
ATOM   1201 N  N   . ARG A 1 158 ? -5.797  10.189  12.583  1.00 31.20 ? 172 ARG A N   1 
ATOM   1202 C  CA  . ARG A 1 158 ? -4.523  10.353  11.912  1.00 31.47 ? 172 ARG A CA  1 
ATOM   1203 C  C   . ARG A 1 158 ? -3.299  10.186  12.800  1.00 30.75 ? 172 ARG A C   1 
ATOM   1204 O  O   . ARG A 1 158 ? -3.370  10.289  14.021  1.00 30.72 ? 172 ARG A O   1 
ATOM   1205 C  CB  . ARG A 1 158 ? -4.463  11.713  11.205  1.00 31.09 ? 172 ARG A CB  1 
ATOM   1206 C  CG  . ARG A 1 158 ? -4.998  12.871  12.013  1.00 33.30 ? 172 ARG A CG  1 
ATOM   1207 C  CD  . ARG A 1 158 ? -4.442  14.196  11.503  1.00 31.56 ? 172 ARG A CD  1 
ATOM   1208 N  NE  . ARG A 1 158 ? -4.784  14.446  10.114  1.00 29.04 ? 172 ARG A NE  1 
ATOM   1209 C  CZ  . ARG A 1 158 ? -4.104  15.265  9.320   1.00 28.34 ? 172 ARG A CZ  1 
ATOM   1210 N  NH1 . ARG A 1 158 ? -3.044  15.912  9.785   1.00 24.95 ? 172 ARG A NH1 1 
ATOM   1211 N  NH2 . ARG A 1 158 ? -4.478  15.423  8.059   1.00 26.37 ? 172 ARG A NH2 1 
ATOM   1212 N  N   . ARG A 1 159 ? -2.182  9.886   12.147  1.00 31.45 ? 173 ARG A N   1 
ATOM   1213 C  CA  . ARG A 1 159 ? -0.887  9.712   12.784  1.00 31.07 ? 173 ARG A CA  1 
ATOM   1214 C  C   . ARG A 1 159 ? 0.073   10.467  11.877  1.00 29.69 ? 173 ARG A C   1 
ATOM   1215 O  O   . ARG A 1 159 ? 0.143   10.189  10.682  1.00 27.85 ? 173 ARG A O   1 
ATOM   1216 C  CB  . ARG A 1 159 ? -0.465  8.237   12.830  1.00 35.26 ? 173 ARG A CB  1 
ATOM   1217 C  CG  . ARG A 1 159 ? -0.961  7.424   14.030  1.00 40.23 ? 173 ARG A CG  1 
ATOM   1218 C  CD  . ARG A 1 159 ? -2.232  6.664   13.701  1.00 46.35 ? 173 ARG A CD  1 
ATOM   1219 N  NE  . ARG A 1 159 ? -2.422  5.487   14.549  1.00 50.97 ? 173 ARG A NE  1 
ATOM   1220 C  CZ  . ARG A 1 159 ? -1.683  4.379   14.483  1.00 53.98 ? 173 ARG A CZ  1 
ATOM   1221 N  NH1 . ARG A 1 159 ? -0.687  4.283   13.604  1.00 55.70 ? 173 ARG A NH1 1 
ATOM   1222 N  NH2 . ARG A 1 159 ? -1.946  3.357   15.290  1.00 54.01 ? 173 ARG A NH2 1 
ATOM   1223 N  N   . VAL A 1 160 ? 0.798   11.425  12.449  1.00 28.25 ? 174 VAL A N   1 
ATOM   1224 C  CA  . VAL A 1 160 ? 1.753   12.227  11.703  1.00 26.46 ? 174 VAL A CA  1 
ATOM   1225 C  C   . VAL A 1 160 ? 3.176   11.721  11.903  1.00 25.82 ? 174 VAL A C   1 
ATOM   1226 O  O   . VAL A 1 160 ? 3.556   11.351  13.009  1.00 27.18 ? 174 VAL A O   1 
ATOM   1227 C  CB  . VAL A 1 160 ? 1.677   13.700  12.149  1.00 26.94 ? 174 VAL A CB  1 
ATOM   1228 C  CG1 . VAL A 1 160 ? 2.764   14.515  11.476  1.00 25.11 ? 174 VAL A CG1 1 
ATOM   1229 C  CG2 . VAL A 1 160 ? 0.299   14.265  11.821  1.00 26.05 ? 174 VAL A CG2 1 
ATOM   1230 N  N   . TYR A 1 161 ? 3.951   11.704  10.820  1.00 26.58 ? 175 TYR A N   1 
ATOM   1231 C  CA  . TYR A 1 161 ? 5.350   11.264  10.837  1.00 27.29 ? 175 TYR A CA  1 
ATOM   1232 C  C   . TYR A 1 161 ? 6.161   12.281  10.066  1.00 28.69 ? 175 TYR A C   1 
ATOM   1233 O  O   . TYR A 1 161 ? 6.316   12.181  8.846   1.00 27.62 ? 175 TYR A O   1 
ATOM   1234 C  CB  . TYR A 1 161 ? 5.505   9.886   10.186  1.00 25.22 ? 175 TYR A CB  1 
ATOM   1235 C  CG  . TYR A 1 161 ? 4.757   8.814   10.931  1.00 26.28 ? 175 TYR A CG  1 
ATOM   1236 C  CD1 . TYR A 1 161 ? 3.493   8.413   10.527  1.00 24.39 ? 175 TYR A CD1 1 
ATOM   1237 C  CD2 . TYR A 1 161 ? 5.280   8.263   12.091  1.00 25.92 ? 175 TYR A CD2 1 
ATOM   1238 C  CE1 . TYR A 1 161 ? 2.774   7.500   11.261  1.00 26.72 ? 175 TYR A CE1 1 
ATOM   1239 C  CE2 . TYR A 1 161 ? 4.569   7.352   12.831  1.00 26.96 ? 175 TYR A CE2 1 
ATOM   1240 C  CZ  . TYR A 1 161 ? 3.315   6.976   12.416  1.00 27.10 ? 175 TYR A CZ  1 
ATOM   1241 O  OH  . TYR A 1 161 ? 2.590   6.097   13.182  1.00 29.94 ? 175 TYR A OH  1 
ATOM   1242 N  N   . GLY A 1 162 ? 6.676   13.271  10.787  1.00 30.86 ? 176 GLY A N   1 
ATOM   1243 C  CA  . GLY A 1 162 ? 7.441   14.312  10.138  1.00 32.13 ? 176 GLY A CA  1 
ATOM   1244 C  C   . GLY A 1 162 ? 6.547   15.120  9.209   1.00 33.21 ? 176 GLY A C   1 
ATOM   1245 O  O   . GLY A 1 162 ? 5.650   15.828  9.665   1.00 31.78 ? 176 GLY A O   1 
ATOM   1246 N  N   . GLU A 1 163 ? 6.772   14.993  7.905   1.00 33.58 ? 177 GLU A N   1 
ATOM   1247 C  CA  . GLU A 1 163 ? 5.990   15.739  6.925   1.00 34.70 ? 177 GLU A CA  1 
ATOM   1248 C  C   . GLU A 1 163 ? 4.826   14.947  6.320   1.00 34.39 ? 177 GLU A C   1 
ATOM   1249 O  O   . GLU A 1 163 ? 3.997   15.506  5.597   1.00 34.34 ? 177 GLU A O   1 
ATOM   1250 C  CB  . GLU A 1 163 ? 6.907   16.230  5.804   1.00 36.47 ? 177 GLU A CB  1 
ATOM   1251 C  CG  . GLU A 1 163 ? 6.596   17.638  5.324   1.00 42.53 ? 177 GLU A CG  1 
ATOM   1252 C  CD  . GLU A 1 163 ? 7.012   18.711  6.324   1.00 44.63 ? 177 GLU A CD  1 
ATOM   1253 O  OE1 . GLU A 1 163 ? 6.656   19.892  6.112   1.00 47.08 ? 177 GLU A OE1 1 
ATOM   1254 O  OE2 . GLU A 1 163 ? 7.701   18.378  7.315   1.00 45.20 ? 177 GLU A OE2 1 
ATOM   1255 N  N   . ASN A 1 164 ? 4.763   13.650  6.608   1.00 32.53 ? 178 ASN A N   1 
ATOM   1256 C  CA  . ASN A 1 164 ? 3.691   12.822  6.081   1.00 30.51 ? 178 ASN A CA  1 
ATOM   1257 C  C   . ASN A 1 164 ? 2.724   12.399  7.172   1.00 30.93 ? 178 ASN A C   1 
ATOM   1258 O  O   . ASN A 1 164 ? 3.083   12.313  8.347   1.00 32.20 ? 178 ASN A O   1 
ATOM   1259 C  CB  . ASN A 1 164 ? 4.246   11.560  5.429   1.00 30.50 ? 178 ASN A CB  1 
ATOM   1260 C  CG  . ASN A 1 164 ? 5.284   11.851  4.376   1.00 31.94 ? 178 ASN A CG  1 
ATOM   1261 O  OD1 . ASN A 1 164 ? 6.485   11.883  4.656   1.00 32.06 ? 178 ASN A OD1 1 
ATOM   1262 N  ND2 . ASN A 1 164 ? 4.829   12.076  3.152   1.00 33.50 ? 178 ASN A ND2 1 
ATOM   1263 N  N   . ALA A 1 165 ? 1.491   12.126  6.776   1.00 27.83 ? 179 ALA A N   1 
ATOM   1264 C  CA  . ALA A 1 165 ? 0.485   11.683  7.717   1.00 26.40 ? 179 ALA A CA  1 
ATOM   1265 C  C   . ALA A 1 165 ? -0.213  10.453  7.151   1.00 25.37 ? 179 ALA A C   1 
ATOM   1266 O  O   . ALA A 1 165 ? -0.200  10.217  5.942   1.00 26.00 ? 179 ALA A O   1 
ATOM   1267 C  CB  . ALA A 1 165 ? -0.532  12.789  7.962   1.00 25.42 ? 179 ALA A CB  1 
ATOM   1268 N  N   . LEU A 1 166 ? -0.796  9.657   8.035   1.00 22.28 ? 180 LEU A N   1 
ATOM   1269 C  CA  . LEU A 1 166 ? -1.536  8.489   7.612   1.00 21.27 ? 180 LEU A CA  1 
ATOM   1270 C  C   . LEU A 1 166 ? -2.922  8.648   8.197   1.00 21.96 ? 180 LEU A C   1 
ATOM   1271 O  O   . LEU A 1 166 ? -3.065  8.987   9.373   1.00 23.38 ? 180 LEU A O   1 
ATOM   1272 C  CB  . LEU A 1 166 ? -0.905  7.204   8.145   1.00 20.96 ? 180 LEU A CB  1 
ATOM   1273 C  CG  . LEU A 1 166 ? 0.361   6.667   7.468   1.00 22.72 ? 180 LEU A CG  1 
ATOM   1274 C  CD1 . LEU A 1 166 ? 0.828   5.411   8.206   1.00 19.89 ? 180 LEU A CD1 1 
ATOM   1275 C  CD2 . LEU A 1 166 ? 0.077   6.360   6.001   1.00 18.92 ? 180 LEU A CD2 1 
ATOM   1276 N  N   . THR A 1 167 ? -3.945  8.449   7.379   1.00 19.99 ? 181 THR A N   1 
ATOM   1277 C  CA  . THR A 1 167 ? -5.309  8.539   7.868   1.00 21.37 ? 181 THR A CA  1 
ATOM   1278 C  C   . THR A 1 167 ? -5.846  7.127   7.824   1.00 22.40 ? 181 THR A C   1 
ATOM   1279 O  O   . THR A 1 167 ? -5.823  6.486   6.777   1.00 24.35 ? 181 THR A O   1 
ATOM   1280 C  CB  . THR A 1 167 ? -6.192  9.441   6.983   1.00 21.05 ? 181 THR A CB  1 
ATOM   1281 O  OG1 . THR A 1 167 ? -5.882  10.814  7.239   1.00 19.81 ? 181 THR A OG1 1 
ATOM   1282 C  CG2 . THR A 1 167 ? -7.662  9.203   7.286   1.00 21.65 ? 181 THR A CG2 1 
ATOM   1283 N  N   . LEU A 1 168 ? -6.314  6.636   8.962   1.00 23.11 ? 182 LEU A N   1 
ATOM   1284 C  CA  . LEU A 1 168 ? -6.840  5.283   9.030   1.00 24.59 ? 182 LEU A CA  1 
ATOM   1285 C  C   . LEU A 1 168 ? -8.356  5.290   9.166   1.00 25.10 ? 182 LEU A C   1 
ATOM   1286 O  O   . LEU A 1 168 ? -8.910  5.895   10.079  1.00 25.87 ? 182 LEU A O   1 
ATOM   1287 C  CB  . LEU A 1 168 ? -6.188  4.527   10.190  1.00 24.99 ? 182 LEU A CB  1 
ATOM   1288 C  CG  . LEU A 1 168 ? -4.673  4.362   10.011  1.00 25.46 ? 182 LEU A CG  1 
ATOM   1289 C  CD1 . LEU A 1 168 ? -3.955  5.680   10.288  1.00 26.76 ? 182 LEU A CD1 1 
ATOM   1290 C  CD2 . LEU A 1 168 ? -4.171  3.299   10.951  1.00 27.80 ? 182 LEU A CD2 1 
ATOM   1291 N  N   . VAL A 1 169 ? -9.018  4.626   8.229   1.00 25.86 ? 183 VAL A N   1 
ATOM   1292 C  CA  . VAL A 1 169 ? -10.466 4.567   8.214   1.00 25.78 ? 183 VAL A CA  1 
ATOM   1293 C  C   . VAL A 1 169 ? -10.921 3.138   8.457   1.00 28.93 ? 183 VAL A C   1 
ATOM   1294 O  O   . VAL A 1 169 ? -10.617 2.223   7.678   1.00 26.47 ? 183 VAL A O   1 
ATOM   1295 C  CB  . VAL A 1 169 ? -11.017 5.054   6.863   1.00 24.99 ? 183 VAL A CB  1 
ATOM   1296 C  CG1 . VAL A 1 169 ? -12.525 5.213   6.946   1.00 24.41 ? 183 VAL A CG1 1 
ATOM   1297 C  CG2 . VAL A 1 169 ? -10.352 6.368   6.476   1.00 23.74 ? 183 VAL A CG2 1 
ATOM   1298 N  N   . GLU A 1 170 ? -11.651 2.952   9.552   1.00 32.93 ? 184 GLU A N   1 
ATOM   1299 C  CA  . GLU A 1 170 ? -12.144 1.640   9.917   1.00 36.00 ? 184 GLU A CA  1 
ATOM   1300 C  C   . GLU A 1 170 ? -13.424 1.278   9.179   1.00 36.77 ? 184 GLU A C   1 
ATOM   1301 O  O   . GLU A 1 170 ? -14.201 2.146   8.788   1.00 38.62 ? 184 GLU A O   1 
ATOM   1302 C  CB  . GLU A 1 170 ? -12.357 1.571   11.424  1.00 38.85 ? 184 GLU A CB  1 
ATOM   1303 C  CG  . GLU A 1 170 ? -11.052 1.591   12.201  1.00 44.13 ? 184 GLU A CG  1 
ATOM   1304 C  CD  . GLU A 1 170 ? -11.247 1.355   13.684  1.00 47.04 ? 184 GLU A CD  1 
ATOM   1305 O  OE1 . GLU A 1 170 ? -11.900 0.352   14.040  1.00 50.13 ? 184 GLU A OE1 1 
ATOM   1306 O  OE2 . GLU A 1 170 ? -10.744 2.165   14.491  1.00 48.10 ? 184 GLU A OE2 1 
ATOM   1307 N  N   . VAL A 1 171 ? -13.620 -0.015  8.966   1.00 37.55 ? 185 VAL A N   1 
ATOM   1308 C  CA  . VAL A 1 171 ? -14.804 -0.498  8.272   1.00 39.98 ? 185 VAL A CA  1 
ATOM   1309 C  C   . VAL A 1 171 ? -15.360 -1.688  9.032   1.00 40.30 ? 185 VAL A C   1 
ATOM   1310 O  O   . VAL A 1 171 ? -14.598 -2.280  9.825   1.00 41.00 ? 185 VAL A O   1 
ATOM   1311 C  CB  . VAL A 1 171 ? -14.463 -0.942  6.835   1.00 39.89 ? 185 VAL A CB  1 
ATOM   1312 C  CG1 . VAL A 1 171 ? -15.679 -1.556  6.171   1.00 41.03 ? 185 VAL A CG1 1 
ATOM   1313 C  CG2 . VAL A 1 171 ? -13.969 0.244   6.036   1.00 41.26 ? 185 VAL A CG2 1 
ATOM   1314 O  OXT . VAL A 1 171 ? -16.542 -2.018  8.817   1.00 41.81 ? 185 VAL A OXT 1 
HETATM 1315 O  O   . HOH B 2 .   ? 1.588   -12.188 -0.854  1.00 16.12 ? 186 HOH A O   1 
HETATM 1316 O  O   . HOH B 2 .   ? 6.910   13.659  14.111  1.00 31.10 ? 187 HOH A O   1 
HETATM 1317 O  O   . HOH B 2 .   ? -14.962 -1.256  2.292   1.00 22.40 ? 188 HOH A O   1 
HETATM 1318 O  O   . HOH B 2 .   ? -11.495 -11.861 -2.043  1.00 25.03 ? 189 HOH A O   1 
HETATM 1319 O  O   . HOH B 2 .   ? 8.028   3.102   -5.334  1.00 38.51 ? 190 HOH A O   1 
HETATM 1320 O  O   . HOH B 2 .   ? 17.335  -10.440 8.254   1.00 24.72 ? 191 HOH A O   1 
HETATM 1321 O  O   . HOH B 2 .   ? -17.985 -4.497  1.637   1.00 31.08 ? 192 HOH A O   1 
HETATM 1322 O  O   . HOH B 2 .   ? -15.204 1.682   -7.610  1.00 28.35 ? 193 HOH A O   1 
HETATM 1323 O  O   . HOH B 2 .   ? 11.825  -15.765 0.370   1.00 37.22 ? 194 HOH A O   1 
HETATM 1324 O  O   . HOH B 2 .   ? -8.348  -7.263  -13.137 1.00 37.55 ? 195 HOH A O   1 
HETATM 1325 O  O   . HOH B 2 .   ? -6.778  -10.822 12.388  1.00 24.93 ? 196 HOH A O   1 
HETATM 1326 O  O   . HOH B 2 .   ? 3.242   4.393   -3.526  1.00 22.61 ? 197 HOH A O   1 
HETATM 1327 O  O   . HOH B 2 .   ? 1.457   -11.870 -10.395 1.00 24.87 ? 198 HOH A O   1 
HETATM 1328 O  O   . HOH B 2 .   ? 3.221   5.540   -8.700  1.00 26.81 ? 199 HOH A O   1 
HETATM 1329 O  O   . HOH B 2 .   ? -6.379  13.358  7.884   1.00 17.30 ? 200 HOH A O   1 
HETATM 1330 O  O   . HOH B 2 .   ? -10.463 -5.067  13.694  1.00 37.14 ? 201 HOH A O   1 
HETATM 1331 O  O   . HOH B 2 .   ? 5.044   4.989   1.417   1.00 15.27 ? 202 HOH A O   1 
HETATM 1332 O  O   . HOH B 2 .   ? 14.927  0.599   4.741   1.00 42.45 ? 203 HOH A O   1 
HETATM 1333 O  O   . HOH B 2 .   ? 6.507   -3.222  -17.555 1.00 30.74 ? 204 HOH A O   1 
HETATM 1334 O  O   . HOH B 2 .   ? 8.230   -14.828 -6.197  1.00 27.86 ? 205 HOH A O   1 
HETATM 1335 O  O   . HOH B 2 .   ? 12.692  -6.635  11.414  1.00 28.88 ? 206 HOH A O   1 
HETATM 1336 O  O   . HOH B 2 .   ? -2.861  -13.779 4.965   1.00 28.58 ? 207 HOH A O   1 
HETATM 1337 O  O   . HOH B 2 .   ? -6.283  16.592  -2.585  1.00 28.68 ? 208 HOH A O   1 
HETATM 1338 O  O   . HOH B 2 .   ? 7.414   -3.094  11.521  1.00 25.42 ? 209 HOH A O   1 
HETATM 1339 O  O   . HOH B 2 .   ? -8.727  13.844  12.087  1.00 25.89 ? 210 HOH A O   1 
HETATM 1340 O  O   . HOH B 2 .   ? -2.727  4.478   -11.367 1.00 18.38 ? 211 HOH A O   1 
HETATM 1341 O  O   . HOH B 2 .   ? 6.700   -10.370 10.700  1.00 15.35 ? 212 HOH A O   1 
HETATM 1342 O  O   . HOH B 2 .   ? -9.600  -10.943 3.149   1.00 39.99 ? 213 HOH A O   1 
HETATM 1343 O  O   . HOH B 2 .   ? -20.052 4.399   -2.068  1.00 48.95 ? 214 HOH A O   1 
HETATM 1344 O  O   . HOH B 2 .   ? -9.898  6.316   -9.099  1.00 21.23 ? 215 HOH A O   1 
HETATM 1345 O  O   . HOH B 2 .   ? 12.195  -18.944 -12.165 1.00 42.71 ? 216 HOH A O   1 
HETATM 1346 O  O   . HOH B 2 .   ? 9.680   -4.368  12.243  1.00 29.32 ? 217 HOH A O   1 
HETATM 1347 O  O   . HOH B 2 .   ? 14.253  -2.020  -15.297 1.00 31.07 ? 218 HOH A O   1 
HETATM 1348 O  O   . HOH B 2 .   ? -18.726 6.312   -0.452  1.00 28.96 ? 219 HOH A O   1 
HETATM 1349 O  O   . HOH B 2 .   ? 11.311  0.065   -17.940 1.00 49.29 ? 220 HOH A O   1 
HETATM 1350 O  O   . HOH B 2 .   ? 11.888  -9.960  -12.974 1.00 34.01 ? 221 HOH A O   1 
HETATM 1351 O  O   . HOH B 2 .   ? -0.426  3.278   -10.444 1.00 16.18 ? 222 HOH A O   1 
HETATM 1352 O  O   . HOH B 2 .   ? -5.723  13.212  -9.238  1.00 25.41 ? 223 HOH A O   1 
HETATM 1353 O  O   . HOH B 2 .   ? 0.706   11.964  15.079  1.00 49.56 ? 224 HOH A O   1 
HETATM 1354 O  O   . HOH B 2 .   ? 8.852   -17.005 1.762   1.00 30.86 ? 225 HOH A O   1 
HETATM 1355 O  O   . HOH B 2 .   ? -1.673  -12.407 -3.613  1.00 28.90 ? 226 HOH A O   1 
HETATM 1356 O  O   . HOH B 2 .   ? 14.985  -16.870 3.473   1.00 25.79 ? 227 HOH A O   1 
HETATM 1357 O  O   . HOH B 2 .   ? -16.543 8.230   -0.880  1.00 40.99 ? 228 HOH A O   1 
HETATM 1358 O  O   . HOH B 2 .   ? -8.715  -12.093 8.072   1.00 39.35 ? 229 HOH A O   1 
HETATM 1359 O  O   . HOH B 2 .   ? -14.836 -14.022 -5.005  1.00 39.40 ? 230 HOH A O   1 
HETATM 1360 O  O   . HOH B 2 .   ? 5.365   -15.076 0.448   1.00 38.58 ? 231 HOH A O   1 
HETATM 1361 O  O   . HOH B 2 .   ? 3.559   6.483   -5.765  1.00 47.85 ? 232 HOH A O   1 
HETATM 1362 O  O   . HOH B 2 .   ? 0.182   3.227   -2.450  1.00 25.84 ? 233 HOH A O   1 
HETATM 1363 O  O   . HOH B 2 .   ? -4.558  6.872   16.178  1.00 36.84 ? 234 HOH A O   1 
HETATM 1364 O  O   . HOH B 2 .   ? -0.583  0.453   18.648  1.00 46.27 ? 235 HOH A O   1 
HETATM 1365 O  O   . HOH B 2 .   ? -11.030 4.368   -15.794 1.00 44.51 ? 236 HOH A O   1 
HETATM 1366 O  O   . HOH B 2 .   ? 6.108   -6.635  -17.108 1.00 26.78 ? 237 HOH A O   1 
HETATM 1367 O  O   . HOH B 2 .   ? 12.074  -2.077  16.433  1.00 49.54 ? 238 HOH A O   1 
HETATM 1368 O  O   . HOH B 2 .   ? -14.349 -9.569  8.453   1.00 49.50 ? 239 HOH A O   1 
HETATM 1369 O  O   . HOH B 2 .   ? -17.372 -8.125  5.009   1.00 32.48 ? 240 HOH A O   1 
HETATM 1370 O  O   . HOH B 2 .   ? -17.398 10.136  -7.685  1.00 43.66 ? 241 HOH A O   1 
HETATM 1371 O  O   . HOH B 2 .   ? 6.541   -17.593 -4.831  1.00 61.47 ? 242 HOH A O   1 
HETATM 1372 O  O   . HOH B 2 .   ? 20.279  6.638   -0.565  1.00 50.27 ? 243 HOH A O   1 
HETATM 1373 O  O   . HOH B 2 .   ? 2.730   9.727   15.743  1.00 37.45 ? 244 HOH A O   1 
HETATM 1374 O  O   . HOH B 2 .   ? -6.986  1.720   17.204  1.00 43.48 ? 245 HOH A O   1 
HETATM 1375 O  O   . HOH B 2 .   ? -17.961 8.885   -4.921  1.00 38.93 ? 246 HOH A O   1 
HETATM 1376 O  O   . HOH B 2 .   ? -16.532 -7.633  11.693  1.00 37.34 ? 247 HOH A O   1 
HETATM 1377 O  O   . HOH B 2 .   ? -12.206 5.396   11.780  1.00 41.65 ? 248 HOH A O   1 
HETATM 1378 O  O   . HOH B 2 .   ? 1.188   -14.436 -8.742  1.00 53.10 ? 249 HOH A O   1 
HETATM 1379 O  O   . HOH B 2 .   ? -4.120  -15.060 3.175   1.00 43.95 ? 250 HOH A O   1 
HETATM 1380 O  O   . HOH B 2 .   ? -13.170 -2.203  -17.174 1.00 36.89 ? 251 HOH A O   1 
HETATM 1381 O  O   . HOH B 2 .   ? 7.499   4.142   -18.588 1.00 46.33 ? 252 HOH A O   1 
HETATM 1382 O  O   . HOH B 2 .   ? 9.326   -14.258 -9.219  1.00 42.38 ? 253 HOH A O   1 
HETATM 1383 O  O   . HOH B 2 .   ? 3.638   -3.205  -17.652 1.00 34.76 ? 254 HOH A O   1 
HETATM 1384 O  O   . HOH B 2 .   ? 8.738   -11.609 -10.648 1.00 32.95 ? 255 HOH A O   1 
HETATM 1385 O  O   . HOH B 2 .   ? 18.962  -10.335 -4.340  1.00 61.68 ? 256 HOH A O   1 
HETATM 1386 O  O   . HOH B 2 .   ? -6.884  10.777  -2.802  1.00 61.21 ? 257 HOH A O   1 
HETATM 1387 O  O   . HOH B 2 .   ? -7.246  -8.848  -7.146  1.00 23.36 ? 258 HOH A O   1 
HETATM 1388 O  O   . HOH B 2 .   ? -17.583 -7.258  -5.183  1.00 24.91 ? 259 HOH A O   1 
HETATM 1389 O  O   . HOH B 2 .   ? 19.587  1.701   1.428   1.00 42.03 ? 260 HOH A O   1 
HETATM 1390 O  O   . HOH B 2 .   ? 12.729  -18.348 4.001   1.00 32.58 ? 261 HOH A O   1 
HETATM 1391 O  O   . HOH B 2 .   ? 4.672   22.937  8.976   1.00 32.85 ? 262 HOH A O   1 
HETATM 1392 O  O   . HOH B 2 .   ? -7.466  -10.478 9.933   1.00 37.03 ? 263 HOH A O   1 
HETATM 1393 O  O   . HOH B 2 .   ? -4.620  -12.677 -4.328  1.00 43.00 ? 264 HOH A O   1 
HETATM 1394 O  O   . HOH B 2 .   ? 8.988   5.995   -14.430 1.00 30.84 ? 265 HOH A O   1 
HETATM 1395 O  O   . HOH B 2 .   ? 8.189   1.207   -3.757  1.00 46.56 ? 266 HOH A O   1 
HETATM 1396 O  O   . HOH B 2 .   ? -16.646 -8.851  2.708   1.00 46.71 ? 267 HOH A O   1 
HETATM 1397 O  O   . HOH B 2 .   ? -14.188 -10.792 2.918   1.00 37.91 ? 268 HOH A O   1 
HETATM 1398 O  O   . HOH B 2 .   ? -5.294  6.092   -12.135 1.00 22.16 ? 269 HOH A O   1 
HETATM 1399 O  O   . HOH B 2 .   ? 19.292  -0.367  -0.136  1.00 32.85 ? 270 HOH A O   1 
HETATM 1400 O  O   . HOH B 2 .   ? 10.098  3.849   -0.701  1.00 55.81 ? 271 HOH A O   1 
HETATM 1401 O  O   . HOH B 2 .   ? 2.091   -8.299  -14.647 1.00 55.31 ? 272 HOH A O   1 
HETATM 1402 O  O   . HOH B 2 .   ? 3.193   -5.740  -18.305 1.00 56.08 ? 273 HOH A O   1 
HETATM 1403 O  O   . HOH B 2 .   ? -12.984 4.399   -11.910 1.00 29.76 ? 274 HOH A O   1 
HETATM 1404 O  O   . HOH B 2 .   ? -21.277 1.782   -2.787  1.00 36.42 ? 275 HOH A O   1 
HETATM 1405 O  O   . HOH B 2 .   ? -14.039 6.251   10.158  1.00 42.37 ? 276 HOH A O   1 
HETATM 1406 O  O   . HOH B 2 .   ? -11.221 -7.673  8.828   1.00 43.35 ? 277 HOH A O   1 
# 
